data_3IZO
#
_entry.id   3IZO
#
_cell.length_a   1.0
_cell.length_b   1.0
_cell.length_c   1.0
_cell.angle_alpha   90.0
_cell.angle_beta   90.0
_cell.angle_gamma   90.0
#
loop_
_entity.id
_entity.type
_entity.pdbx_description
1 polymer 'Penton protein'
2 polymer Fiber
#
loop_
_entity_poly.entity_id
_entity_poly.type
_entity_poly.pdbx_seq_one_letter_code
_entity_poly.pdbx_strand_id
1 'polypeptide(L)'
;MRRAAMYEEGPPPSYESVVSAAPVAAALGSPFDAPLDPPFVPPRYLRPTGGRNSIRYSELAPLFDTTRVYLVDNKSTDVA
SLNYQNDHSNFLTTVIQNNDYSPGEASTQTINLDDRSHWGGDLKTILHTNMPNVNEFMFTNKFKARVMVSRLPTKDNQVE
LKYEWVEFTLPEGNYSETMTIDLMNNAIVEHYLKVGRQNGVLESDIGVKFDTRNFRLGFDPVTGLVMPGVYTNEAFHPDI
ILLPGCGVDFTHSRLSNLLGIRKRQPFQEGFRITYDDLEGGNIPALLDVDAYQASLKDDTEQGGGGAGGSNSSGSGAEEN
SNAAAAAMQPVEDMNDHAIRGDTFATRAEEKRAEAEAAAEAAAPAAQPEVEKPQKKPVIKPLTEDSKKRSYNLISNDSTF
TQYRSWYLAYNYGDPQTGIRSWTLLCTPDVTCGSEQVYWSLPDMMQDPVTFRSTRQISNFPVVGAELLPVHSKSFYNDQA
VYSQLIRQFTSLTHVFNRFPENQILARPPAPTITTVSENVPALTDHGTLPLRNSIGGVQRVTITDARRRTCPYVYKALGI
VSPRVLSSRTF
;
A,B,C,D,E
2 'polypeptide(L)'
;MKRARPSEDTFNPVYPYDTETGPPTVPFLTPPFVSPNGFQESPPGVLSLRLSEPLVTSNGMLALKMGNGLSLDEAGNLTS
QNVTTVSPPLKKTKSNINLEISAPLTVTSEALTVAAAAPLMVAGNTLTMQSQAPLTVHDSKLSIATQGPLTVSEGKLALQ
TSGPLTTTDSSTLTITASPPLTTATGSLGIDLKEPIYTQNGKLGLKYGAPLHVTDDLNTLTVATGPGVTINNTSLQTKVT
GALGFDSQGNMQLNVAGGLRIDSQNRRLILDVSYPFDAQNQLNLRLGQGPLFINSAHNLDINYNKGLYLFTASNNSKKLE
VNLSTAKGLMFDATAIAINAGDGLEFGSLNAPNSNPLKTKIGHGLEFDSNKAMVPKLGTGLSFDSTGAITVGNKNNDKLT
LWTTPAPSPNCRLNAEKDAKLTLVLTKCGSQILATVSVLAVKGSLAPISGTVQSAHLIIRFDENGVLLNNSFLDPEYWNF
RNGDLTEGTAYTNAVGFMPNLSAYPKSHGKTAKSNIVSQVYLNGDKTKPVTLTITLNGTQETGDTTPSAYSMSFSWDWSG
HNYINEIFATSSYTFSYIAQE
;
F,G,H
#
# COMPACT_ATOMS: atom_id res chain seq x y z
N ASP A 37 15.49 74.65 8.51
CA ASP A 37 14.38 73.70 8.69
C ASP A 37 13.74 73.36 7.34
N PRO A 38 14.45 72.57 6.50
CA PRO A 38 13.99 72.15 5.18
C PRO A 38 12.93 71.03 5.27
N PRO A 39 12.27 70.73 4.14
CA PRO A 39 11.24 69.68 4.09
C PRO A 39 11.81 68.27 4.16
N PHE A 40 13.04 68.15 4.67
CA PHE A 40 13.76 66.88 4.81
C PHE A 40 13.60 65.87 3.69
N VAL A 41 13.43 64.59 4.02
CA VAL A 41 13.29 63.50 3.04
C VAL A 41 14.61 63.18 2.31
N PRO A 42 15.33 62.16 2.80
CA PRO A 42 16.59 61.73 2.20
C PRO A 42 16.36 61.06 0.84
N PRO A 43 17.27 61.30 -0.12
CA PRO A 43 17.18 60.73 -1.47
C PRO A 43 17.34 59.21 -1.47
N ARG A 44 16.56 58.53 -2.31
CA ARG A 44 16.62 57.07 -2.41
C ARG A 44 17.30 56.60 -3.70
N TYR A 45 18.13 55.58 -3.58
CA TYR A 45 18.85 55.02 -4.72
C TYR A 45 18.45 53.57 -4.96
N LEU A 46 18.02 53.28 -6.19
CA LEU A 46 17.62 51.92 -6.56
C LEU A 46 18.77 50.93 -6.37
N ARG A 47 18.42 49.68 -6.12
CA ARG A 47 19.42 48.63 -5.92
C ARG A 47 20.07 48.23 -7.24
N PRO A 48 21.34 47.85 -7.18
CA PRO A 48 22.08 47.44 -8.38
C PRO A 48 21.44 46.23 -9.07
N THR A 49 21.20 46.34 -10.36
CA THR A 49 20.59 45.26 -11.12
C THR A 49 21.65 44.46 -11.87
N GLY A 50 22.45 43.71 -11.12
CA GLY A 50 23.50 42.90 -11.71
C GLY A 50 24.78 42.90 -10.89
N GLY A 51 24.82 42.05 -9.87
CA GLY A 51 25.98 41.97 -9.00
C GLY A 51 25.71 41.15 -7.75
N ARG A 52 25.49 41.84 -6.64
CA ARG A 52 25.22 41.19 -5.37
C ARG A 52 24.05 40.22 -5.49
N ASN A 53 22.94 40.70 -6.03
CA ASN A 53 21.75 39.88 -6.20
C ASN A 53 21.18 40.11 -7.59
N SER A 54 21.63 39.28 -8.53
CA SER A 54 21.20 39.39 -9.91
C SER A 54 21.76 38.21 -10.68
N ILE A 55 20.89 37.44 -11.31
CA ILE A 55 21.36 36.31 -12.12
C ILE A 55 21.17 36.75 -13.57
N ARG A 56 22.28 36.95 -14.28
CA ARG A 56 22.21 37.38 -15.66
C ARG A 56 21.84 36.26 -16.63
N TYR A 57 21.03 36.59 -17.62
CA TYR A 57 20.60 35.63 -18.63
C TYR A 57 21.20 36.07 -19.95
N SER A 58 22.21 36.94 -19.85
CA SER A 58 22.93 37.50 -21.00
C SER A 58 22.08 38.53 -21.73
N GLU A 59 20.84 38.16 -21.95
CA GLU A 59 19.88 39.02 -22.63
C GLU A 59 18.67 39.20 -21.69
N LEU A 60 17.51 39.52 -22.27
CA LEU A 60 16.30 39.74 -21.49
C LEU A 60 16.60 40.73 -20.35
N ALA A 61 16.34 40.31 -19.10
CA ALA A 61 16.60 41.14 -17.92
C ALA A 61 16.88 40.28 -16.69
N PRO A 62 18.04 40.52 -16.03
CA PRO A 62 18.45 39.79 -14.83
C PRO A 62 17.39 39.79 -13.74
N LEU A 63 17.29 38.67 -13.02
CA LEU A 63 16.34 38.51 -11.93
C LEU A 63 17.09 38.44 -10.61
N PHE A 64 16.44 38.90 -9.54
CA PHE A 64 17.04 38.90 -8.20
C PHE A 64 17.12 37.50 -7.57
N ASP A 65 17.29 37.45 -6.25
CA ASP A 65 17.40 36.19 -5.51
C ASP A 65 16.18 35.26 -5.61
N THR A 66 16.43 33.97 -5.39
CA THR A 66 15.41 32.91 -5.45
C THR A 66 14.96 32.64 -6.90
N THR A 67 15.84 32.04 -7.69
CA THR A 67 15.56 31.69 -9.09
C THR A 67 15.55 30.18 -9.30
N ARG A 68 15.12 29.72 -10.47
CA ARG A 68 15.07 28.28 -10.75
C ARG A 68 15.62 27.85 -12.12
N VAL A 69 16.65 27.00 -12.08
CA VAL A 69 17.29 26.46 -13.29
C VAL A 69 17.00 24.97 -13.43
N TYR A 70 16.04 24.64 -14.28
CA TYR A 70 15.62 23.26 -14.51
C TYR A 70 16.54 22.46 -15.45
N LEU A 71 16.76 21.19 -15.12
CA LEU A 71 17.59 20.28 -15.92
C LEU A 71 16.78 19.03 -16.24
N VAL A 72 15.96 19.11 -17.29
CA VAL A 72 15.10 18.01 -17.70
C VAL A 72 15.74 17.02 -18.67
N ASP A 73 15.10 15.85 -18.79
CA ASP A 73 15.51 14.79 -19.69
C ASP A 73 14.76 14.85 -21.02
N ASN A 74 13.77 15.75 -21.11
CA ASN A 74 12.98 15.93 -22.33
C ASN A 74 13.69 16.84 -23.33
N LYS A 75 14.88 17.29 -22.97
CA LYS A 75 15.68 18.18 -23.81
C LYS A 75 16.77 17.48 -24.61
N SER A 76 16.99 16.19 -24.34
CA SER A 76 18.01 15.44 -25.04
C SER A 76 17.77 15.28 -26.55
N THR A 77 16.52 15.01 -26.93
CA THR A 77 16.16 14.84 -28.33
C THR A 77 16.53 16.08 -29.17
N ASP A 78 16.27 17.25 -28.59
CA ASP A 78 16.53 18.53 -29.22
C ASP A 78 18.03 18.86 -29.38
N VAL A 79 18.84 18.39 -28.45
CA VAL A 79 20.28 18.63 -28.49
C VAL A 79 20.96 17.71 -29.51
N ALA A 80 20.16 17.03 -30.31
CA ALA A 80 20.68 16.12 -31.32
C ALA A 80 22.07 16.54 -31.77
N SER A 81 23.10 15.95 -31.17
CA SER A 81 24.47 16.28 -31.52
C SER A 81 25.41 16.04 -30.34
N LEU A 82 24.83 15.70 -29.19
CA LEU A 82 25.61 15.45 -27.99
C LEU A 82 25.29 14.08 -27.40
N ASN A 83 24.00 13.78 -27.29
CA ASN A 83 23.55 12.51 -26.74
C ASN A 83 23.35 11.45 -27.83
N TYR A 84 23.98 11.66 -28.97
CA TYR A 84 23.87 10.73 -30.10
C TYR A 84 24.73 9.50 -29.85
N GLN A 85 24.69 8.98 -28.63
CA GLN A 85 25.46 7.79 -28.28
C GLN A 85 25.11 7.31 -26.87
N ASN A 86 24.74 8.24 -26.01
CA ASN A 86 24.38 7.91 -24.62
C ASN A 86 22.87 7.99 -24.34
N ASP A 87 22.35 6.99 -23.63
CA ASP A 87 20.92 6.89 -23.30
C ASP A 87 20.47 7.23 -21.86
N HIS A 88 20.08 8.48 -21.63
CA HIS A 88 19.59 8.97 -20.31
C HIS A 88 20.44 8.78 -19.06
N SER A 89 21.68 8.33 -19.21
CA SER A 89 22.53 8.12 -18.06
C SER A 89 23.53 9.26 -17.90
N ASN A 90 24.05 9.77 -19.01
CA ASN A 90 25.03 10.85 -19.03
C ASN A 90 24.84 11.73 -20.27
N PHE A 91 23.63 12.23 -20.43
CA PHE A 91 23.24 13.09 -21.55
C PHE A 91 23.43 14.59 -21.24
N LEU A 92 23.52 15.41 -22.27
CA LEU A 92 23.69 16.87 -22.10
C LEU A 92 22.37 17.62 -22.33
N THR A 93 22.12 18.67 -21.54
CA THR A 93 20.88 19.44 -21.65
C THR A 93 21.06 20.97 -21.59
N THR A 94 20.15 21.67 -22.26
CA THR A 94 20.16 23.13 -22.30
C THR A 94 19.27 23.71 -21.18
N VAL A 95 19.91 24.30 -20.18
CA VAL A 95 19.19 24.89 -19.06
C VAL A 95 18.87 26.36 -19.35
N ILE A 96 18.55 26.63 -20.62
CA ILE A 96 18.22 27.98 -21.05
C ILE A 96 16.70 28.15 -21.00
N GLN A 97 16.03 27.60 -22.01
CA GLN A 97 14.57 27.66 -22.13
C GLN A 97 14.09 29.10 -22.34
N ASN A 98 14.19 29.58 -23.58
CA ASN A 98 13.76 30.95 -23.99
C ASN A 98 12.37 30.86 -24.57
N ASN A 99 12.22 29.92 -25.53
CA ASN A 99 10.97 29.50 -26.19
C ASN A 99 10.76 29.92 -27.65
N ASP A 100 11.71 30.64 -28.24
CA ASP A 100 11.52 31.04 -29.66
C ASP A 100 12.76 30.72 -30.53
N TYR A 101 13.84 30.24 -29.92
CA TYR A 101 15.08 29.97 -30.67
C TYR A 101 15.23 28.53 -31.13
N SER A 102 14.12 27.86 -31.48
CA SER A 102 14.18 26.49 -31.98
C SER A 102 14.71 25.51 -30.91
N PRO A 103 14.83 24.22 -31.25
CA PRO A 103 15.33 23.20 -30.31
C PRO A 103 16.66 23.51 -29.59
N GLY A 104 17.78 23.15 -30.20
CA GLY A 104 19.08 23.40 -29.59
C GLY A 104 19.73 24.72 -29.96
N GLU A 105 20.20 25.45 -28.95
CA GLU A 105 20.84 26.74 -29.14
C GLU A 105 21.35 27.27 -27.80
N ALA A 106 22.09 28.38 -27.86
CA ALA A 106 22.68 29.03 -26.68
C ALA A 106 23.71 28.11 -26.03
N SER A 107 24.60 27.55 -26.85
CA SER A 107 25.66 26.66 -26.39
C SER A 107 26.83 27.49 -25.87
N THR A 108 27.01 28.67 -26.47
CA THR A 108 28.09 29.59 -26.11
C THR A 108 27.69 30.49 -24.94
N GLN A 109 26.41 30.83 -24.86
CA GLN A 109 25.89 31.68 -23.80
C GLN A 109 25.91 31.02 -22.43
N THR A 110 26.38 31.76 -21.43
CA THR A 110 26.45 31.25 -20.07
C THR A 110 25.56 32.01 -19.09
N ILE A 111 24.94 31.26 -18.18
CA ILE A 111 24.07 31.85 -17.17
C ILE A 111 24.99 32.40 -16.08
N ASN A 112 25.24 33.71 -16.15
CA ASN A 112 26.12 34.37 -15.19
C ASN A 112 25.62 34.37 -13.75
N LEU A 113 26.57 34.56 -12.85
CA LEU A 113 26.35 34.65 -11.40
C LEU A 113 27.42 35.65 -10.97
N ASP A 114 27.07 36.57 -10.06
CA ASP A 114 28.02 37.58 -9.61
C ASP A 114 29.34 37.10 -9.00
N ASP A 115 30.34 37.97 -9.11
CA ASP A 115 31.69 37.70 -8.62
C ASP A 115 31.85 38.05 -7.14
N ARG A 116 30.97 38.90 -6.63
CA ARG A 116 31.00 39.33 -5.24
C ARG A 116 30.46 38.31 -4.21
N SER A 117 29.49 37.50 -4.63
CA SER A 117 28.91 36.49 -3.74
C SER A 117 28.62 35.15 -4.44
N HIS A 118 28.87 34.05 -3.74
CA HIS A 118 28.62 32.72 -4.31
C HIS A 118 27.23 32.21 -3.96
N TRP A 119 26.60 31.54 -4.93
CA TRP A 119 25.27 30.99 -4.73
C TRP A 119 25.33 29.56 -4.15
N GLY A 120 24.22 28.84 -4.24
CA GLY A 120 24.16 27.48 -3.72
C GLY A 120 22.75 27.07 -3.33
N GLY A 121 21.97 26.60 -4.30
CA GLY A 121 20.59 26.21 -4.05
C GLY A 121 20.32 24.72 -3.89
N ASP A 122 19.05 24.38 -3.74
CA ASP A 122 18.61 23.00 -3.56
C ASP A 122 18.75 22.17 -4.83
N LEU A 123 18.29 20.91 -4.77
CA LEU A 123 18.36 20.01 -5.90
C LEU A 123 17.33 18.88 -5.75
N LYS A 124 16.07 19.20 -5.95
CA LYS A 124 14.99 18.22 -5.83
C LYS A 124 14.76 17.52 -7.17
N THR A 125 15.49 16.43 -7.38
CA THR A 125 15.38 15.65 -8.62
C THR A 125 14.18 14.69 -8.63
N ILE A 126 13.93 14.08 -9.79
CA ILE A 126 12.82 13.15 -9.96
C ILE A 126 13.26 11.94 -10.79
N LEU A 127 13.85 10.96 -10.13
CA LEU A 127 14.33 9.76 -10.81
C LEU A 127 13.23 8.72 -11.01
N HIS A 128 13.45 7.81 -11.95
CA HIS A 128 12.51 6.74 -12.26
C HIS A 128 13.16 5.74 -13.22
N THR A 129 13.48 4.56 -12.68
CA THR A 129 14.11 3.51 -13.47
C THR A 129 13.11 2.41 -13.84
N ASN A 130 13.60 1.38 -14.53
CA ASN A 130 12.78 0.23 -14.93
C ASN A 130 13.62 -1.04 -15.02
N MET A 131 14.64 -1.11 -14.18
CA MET A 131 15.57 -2.23 -14.10
C MET A 131 14.90 -3.55 -13.71
N PRO A 132 15.04 -4.58 -14.57
CA PRO A 132 14.47 -5.91 -14.36
C PRO A 132 14.99 -6.55 -13.06
N ASN A 133 14.41 -7.69 -12.70
CA ASN A 133 14.82 -8.39 -11.49
C ASN A 133 16.16 -9.10 -11.73
N VAL A 134 16.34 -9.59 -12.96
CA VAL A 134 17.57 -10.30 -13.34
C VAL A 134 18.11 -9.79 -14.68
N ASN A 135 19.39 -9.41 -14.69
CA ASN A 135 20.05 -8.92 -15.90
C ASN A 135 21.59 -8.97 -15.83
N GLU A 136 22.23 -8.92 -17.00
CA GLU A 136 23.70 -8.97 -17.10
C GLU A 136 24.41 -7.81 -16.38
N PHE A 137 23.71 -6.68 -16.25
CA PHE A 137 24.26 -5.50 -15.60
C PHE A 137 24.57 -5.70 -14.10
N MET A 138 23.53 -6.00 -13.33
CA MET A 138 23.67 -6.20 -11.88
C MET A 138 24.31 -7.53 -11.46
N PHE A 139 24.75 -8.31 -12.43
CA PHE A 139 25.39 -9.60 -12.16
C PHE A 139 24.48 -10.57 -11.40
N THR A 140 23.26 -10.75 -11.90
CA THR A 140 22.31 -11.65 -11.26
C THR A 140 21.87 -12.78 -12.18
N ASN A 141 22.33 -12.76 -13.42
CA ASN A 141 21.96 -13.78 -14.39
C ASN A 141 22.88 -15.01 -14.30
N LYS A 142 24.14 -14.78 -13.97
CA LYS A 142 25.12 -15.86 -13.87
C LYS A 142 25.39 -16.32 -12.44
N PHE A 143 25.71 -17.59 -12.28
CA PHE A 143 26.02 -18.18 -10.98
C PHE A 143 26.69 -19.54 -11.19
N LYS A 144 27.91 -19.68 -10.69
CA LYS A 144 28.65 -20.93 -10.83
C LYS A 144 28.18 -22.00 -9.86
N ALA A 145 28.48 -23.26 -10.18
CA ALA A 145 28.10 -24.40 -9.35
C ALA A 145 28.70 -25.68 -9.89
N ARG A 146 29.65 -26.26 -9.16
CA ARG A 146 30.31 -27.49 -9.58
C ARG A 146 29.34 -28.67 -9.52
N VAL A 147 29.01 -29.21 -10.69
CA VAL A 147 28.11 -30.35 -10.79
C VAL A 147 28.85 -31.53 -11.41
N MET A 148 28.29 -32.73 -11.28
CA MET A 148 28.92 -33.92 -11.83
C MET A 148 28.96 -33.85 -13.35
N VAL A 149 30.08 -34.27 -13.94
CA VAL A 149 30.25 -34.25 -15.38
C VAL A 149 29.95 -35.62 -15.99
N SER A 150 30.63 -36.65 -15.49
CA SER A 150 30.44 -38.00 -16.00
C SER A 150 30.56 -39.02 -14.87
N ARG A 151 30.34 -40.29 -15.21
CA ARG A 151 30.43 -41.37 -14.22
C ARG A 151 30.24 -42.73 -14.88
N LEU A 152 31.33 -43.27 -15.43
CA LEU A 152 31.29 -44.57 -16.09
C LEU A 152 32.10 -45.60 -15.33
N PRO A 153 32.47 -46.67 -16.01
CA PRO A 153 33.26 -47.75 -15.40
C PRO A 153 34.60 -47.94 -16.09
N THR A 154 35.69 -47.64 -15.39
CA THR A 154 37.03 -47.77 -15.95
C THR A 154 38.02 -48.27 -14.91
N LYS A 155 39.02 -49.01 -15.36
CA LYS A 155 40.04 -49.54 -14.45
C LYS A 155 39.74 -50.98 -14.05
N ASP A 156 38.56 -51.46 -14.46
CA ASP A 156 38.14 -52.82 -14.14
C ASP A 156 37.05 -52.83 -13.08
N ASN A 157 37.41 -52.46 -11.86
CA ASN A 157 36.47 -52.42 -10.75
C ASN A 157 36.32 -51.02 -10.16
N GLN A 158 37.18 -50.11 -10.60
CA GLN A 158 37.15 -48.73 -10.11
C GLN A 158 35.96 -47.94 -10.64
N VAL A 159 35.67 -46.82 -9.97
CA VAL A 159 34.58 -45.94 -10.34
C VAL A 159 35.02 -44.47 -10.20
N GLU A 160 35.59 -43.94 -11.27
CA GLU A 160 36.08 -42.56 -11.28
C GLU A 160 34.91 -41.57 -11.45
N LEU A 161 34.87 -40.57 -10.58
CA LEU A 161 33.83 -39.55 -10.62
C LEU A 161 34.46 -38.17 -10.86
N LYS A 162 34.08 -37.53 -11.97
CA LYS A 162 34.62 -36.22 -12.32
C LYS A 162 33.63 -35.08 -12.05
N TYR A 163 34.17 -33.96 -11.57
CA TYR A 163 33.37 -32.77 -11.28
C TYR A 163 34.11 -31.54 -11.81
N GLU A 164 33.38 -30.61 -12.41
CA GLU A 164 33.98 -29.39 -12.97
C GLU A 164 33.04 -28.20 -12.89
N TRP A 165 33.55 -27.08 -12.37
CA TRP A 165 32.78 -25.85 -12.21
C TRP A 165 32.25 -25.34 -13.55
N VAL A 166 30.96 -25.02 -13.59
CA VAL A 166 30.32 -24.53 -14.81
C VAL A 166 29.46 -23.29 -14.58
N GLU A 167 29.79 -22.22 -15.28
CA GLU A 167 29.06 -20.95 -15.19
C GLU A 167 27.71 -21.05 -15.92
N PHE A 168 26.63 -20.85 -15.18
CA PHE A 168 25.27 -20.90 -15.74
C PHE A 168 24.76 -19.52 -16.13
N THR A 169 23.74 -19.48 -16.98
CA THR A 169 23.15 -18.22 -17.43
C THR A 169 21.62 -18.22 -17.42
N LEU A 170 21.03 -17.17 -16.85
CA LEU A 170 19.58 -17.04 -16.77
C LEU A 170 19.04 -15.97 -17.73
N PRO A 171 17.78 -16.13 -18.19
CA PRO A 171 17.15 -15.18 -19.11
C PRO A 171 16.78 -13.85 -18.47
N GLU A 172 16.69 -12.81 -19.31
CA GLU A 172 16.34 -11.46 -18.87
C GLU A 172 14.82 -11.33 -18.73
N GLY A 173 14.36 -10.80 -17.60
CA GLY A 173 12.93 -10.62 -17.43
C GLY A 173 12.28 -11.17 -16.17
N ASN A 174 11.91 -12.46 -16.22
CA ASN A 174 11.25 -13.15 -15.12
C ASN A 174 11.60 -12.62 -13.72
N TYR A 175 10.56 -12.41 -12.93
CA TYR A 175 10.69 -11.89 -11.58
C TYR A 175 10.21 -12.93 -10.59
N SER A 176 9.95 -12.47 -9.36
CA SER A 176 9.43 -13.30 -8.27
C SER A 176 10.51 -14.25 -7.74
N GLU A 177 10.70 -14.27 -6.43
CA GLU A 177 11.74 -15.11 -5.82
C GLU A 177 11.61 -16.62 -6.06
N THR A 178 10.38 -17.12 -6.09
CA THR A 178 10.15 -18.55 -6.31
C THR A 178 10.51 -18.92 -7.74
N MET A 179 10.06 -18.08 -8.68
CA MET A 179 10.32 -18.30 -10.11
C MET A 179 11.81 -18.28 -10.46
N THR A 180 12.59 -17.51 -9.70
CA THR A 180 14.03 -17.42 -9.95
C THR A 180 14.72 -18.70 -9.49
N ILE A 181 14.25 -19.27 -8.39
CA ILE A 181 14.81 -20.50 -7.85
C ILE A 181 14.63 -21.64 -8.85
N ASP A 182 13.41 -21.75 -9.37
CA ASP A 182 13.07 -22.78 -10.35
C ASP A 182 13.93 -22.66 -11.61
N LEU A 183 14.34 -21.42 -11.93
CA LEU A 183 15.17 -21.15 -13.09
C LEU A 183 16.63 -21.50 -12.82
N MET A 184 17.05 -21.36 -11.57
CA MET A 184 18.41 -21.68 -11.17
C MET A 184 18.63 -23.18 -11.31
N ASN A 185 17.56 -23.94 -11.05
CA ASN A 185 17.59 -25.39 -11.15
C ASN A 185 17.33 -25.83 -12.58
N ASN A 186 16.65 -24.97 -13.34
CA ASN A 186 16.33 -25.25 -14.74
C ASN A 186 17.66 -25.20 -15.52
N ALA A 187 18.57 -24.35 -15.04
CA ALA A 187 19.88 -24.20 -15.66
C ALA A 187 20.75 -25.43 -15.33
N ILE A 188 20.50 -26.03 -14.17
CA ILE A 188 21.23 -27.22 -13.75
C ILE A 188 20.80 -28.39 -14.63
N VAL A 189 19.54 -28.38 -15.03
CA VAL A 189 18.97 -29.42 -15.88
C VAL A 189 19.43 -29.30 -17.34
N GLU A 190 19.43 -28.08 -17.88
CA GLU A 190 19.87 -27.85 -19.25
C GLU A 190 21.35 -28.21 -19.41
N HIS A 191 22.11 -28.15 -18.32
CA HIS A 191 23.52 -28.50 -18.36
C HIS A 191 23.65 -30.02 -18.47
N TYR A 192 22.76 -30.72 -17.77
CA TYR A 192 22.72 -32.17 -17.77
C TYR A 192 22.22 -32.70 -19.11
N LEU A 193 21.31 -31.97 -19.74
CA LEU A 193 20.76 -32.36 -21.02
C LEU A 193 21.67 -31.99 -22.20
N LYS A 194 22.95 -31.76 -21.91
CA LYS A 194 23.91 -31.41 -22.94
C LYS A 194 25.29 -31.98 -22.65
N VAL A 195 25.51 -32.39 -21.39
CA VAL A 195 26.78 -32.96 -20.98
C VAL A 195 26.57 -34.21 -20.12
N GLY A 196 25.62 -34.13 -19.20
CA GLY A 196 25.33 -35.23 -18.30
C GLY A 196 24.91 -36.59 -18.86
N ARG A 197 23.65 -36.70 -19.27
CA ARG A 197 23.11 -37.95 -19.79
C ARG A 197 23.84 -38.59 -20.98
N GLN A 198 24.66 -37.82 -21.67
CA GLN A 198 25.39 -38.35 -22.82
C GLN A 198 26.74 -38.99 -22.46
N ASN A 199 27.32 -38.58 -21.34
CA ASN A 199 28.60 -39.13 -20.90
C ASN A 199 28.47 -40.29 -19.92
N GLY A 200 27.75 -40.10 -18.81
CA GLY A 200 27.60 -41.18 -17.85
C GLY A 200 26.65 -41.00 -16.68
N VAL A 201 26.74 -39.86 -15.99
CA VAL A 201 25.90 -39.57 -14.83
C VAL A 201 24.39 -39.77 -15.07
N LEU A 202 23.73 -40.38 -14.09
CA LEU A 202 22.31 -40.66 -14.15
C LEU A 202 21.44 -39.46 -13.75
N GLU A 203 20.13 -39.67 -13.74
CA GLU A 203 19.17 -38.62 -13.37
C GLU A 203 19.02 -38.59 -11.85
N SER A 204 19.59 -39.60 -11.20
CA SER A 204 19.53 -39.74 -9.75
C SER A 204 20.57 -38.88 -9.01
N ASP A 205 21.85 -39.09 -9.34
CA ASP A 205 22.93 -38.35 -8.70
C ASP A 205 23.25 -36.99 -9.33
N ILE A 206 22.23 -36.15 -9.45
CA ILE A 206 22.39 -34.81 -10.00
C ILE A 206 22.82 -33.83 -8.91
N GLY A 207 24.05 -33.34 -9.01
CA GLY A 207 24.56 -32.42 -8.01
C GLY A 207 23.92 -31.03 -8.08
N VAL A 208 23.85 -30.38 -6.92
CA VAL A 208 23.28 -29.04 -6.78
C VAL A 208 21.77 -29.00 -7.04
N LYS A 209 21.02 -28.51 -6.05
CA LYS A 209 19.56 -28.41 -6.14
C LYS A 209 19.06 -27.43 -5.07
N PHE A 210 18.43 -26.35 -5.52
CA PHE A 210 17.89 -25.33 -4.61
C PHE A 210 16.49 -25.68 -4.10
N ASP A 211 16.29 -25.65 -2.80
CA ASP A 211 14.99 -25.97 -2.21
C ASP A 211 14.47 -24.85 -1.30
N THR A 212 13.40 -25.14 -0.55
CA THR A 212 12.79 -24.16 0.34
C THR A 212 12.21 -24.76 1.63
N ARG A 213 11.93 -26.06 1.63
CA ARG A 213 11.34 -26.71 2.80
C ARG A 213 12.32 -27.31 3.81
N ASN A 214 11.80 -27.57 5.00
CA ASN A 214 12.57 -28.14 6.10
C ASN A 214 12.48 -29.66 6.04
N PHE A 215 13.63 -30.30 5.84
CA PHE A 215 13.70 -31.76 5.75
C PHE A 215 13.97 -32.43 7.11
N ARG A 216 13.26 -32.00 8.15
CA ARG A 216 13.46 -32.58 9.49
C ARG A 216 12.27 -32.38 10.45
N LEU A 217 11.11 -32.00 9.93
CA LEU A 217 9.94 -31.78 10.78
C LEU A 217 9.20 -33.05 11.18
N GLY A 218 9.27 -34.07 10.33
CA GLY A 218 8.61 -35.34 10.63
C GLY A 218 9.55 -36.36 11.26
N PHE A 219 10.81 -35.94 11.41
CA PHE A 219 11.87 -36.77 11.98
C PHE A 219 11.65 -37.12 13.46
N ASP A 220 11.70 -38.42 13.76
CA ASP A 220 11.54 -38.89 15.14
C ASP A 220 12.92 -39.19 15.71
N PRO A 221 13.18 -38.77 16.95
CA PRO A 221 14.47 -39.00 17.62
C PRO A 221 14.77 -40.45 18.00
N VAL A 222 13.82 -41.35 17.74
CA VAL A 222 14.00 -42.76 18.06
C VAL A 222 14.35 -43.59 16.83
N THR A 223 13.42 -43.69 15.89
CA THR A 223 13.62 -44.45 14.66
C THR A 223 14.69 -43.81 13.77
N GLY A 224 14.69 -42.49 13.70
CA GLY A 224 15.67 -41.79 12.89
C GLY A 224 15.23 -41.52 11.46
N LEU A 225 13.99 -41.85 11.15
CA LEU A 225 13.45 -41.65 9.80
C LEU A 225 12.21 -40.77 9.82
N VAL A 226 11.94 -40.12 8.69
CA VAL A 226 10.77 -39.25 8.57
C VAL A 226 9.53 -40.14 8.57
N MET A 227 8.88 -40.22 9.73
CA MET A 227 7.69 -41.04 9.93
C MET A 227 6.53 -40.85 8.95
N PRO A 228 6.25 -39.59 8.54
CA PRO A 228 5.15 -39.38 7.59
C PRO A 228 5.32 -40.13 6.27
N GLY A 229 6.54 -40.60 6.02
CA GLY A 229 6.84 -41.32 4.79
C GLY A 229 6.99 -40.38 3.61
N VAL A 230 6.71 -39.11 3.86
CA VAL A 230 6.81 -38.05 2.86
C VAL A 230 7.23 -36.78 3.58
N TYR A 231 8.22 -36.08 3.04
CA TYR A 231 8.70 -34.83 3.62
C TYR A 231 7.54 -33.84 3.69
N THR A 232 7.42 -33.14 4.81
CA THR A 232 6.35 -32.17 5.00
C THR A 232 6.34 -31.13 3.86
N ASN A 233 5.19 -31.03 3.20
CA ASN A 233 5.01 -30.11 2.08
C ASN A 233 4.63 -28.71 2.57
N GLU A 234 5.63 -27.93 2.96
CA GLU A 234 5.41 -26.57 3.46
C GLU A 234 6.75 -25.83 3.52
N ALA A 235 6.95 -24.89 2.60
CA ALA A 235 8.18 -24.11 2.53
C ALA A 235 8.42 -23.22 3.73
N PHE A 236 9.70 -23.03 4.07
CA PHE A 236 10.11 -22.20 5.20
C PHE A 236 11.11 -21.12 4.78
N HIS A 237 12.19 -21.54 4.12
CA HIS A 237 13.23 -20.62 3.66
C HIS A 237 14.22 -21.30 2.70
N PRO A 238 14.49 -20.66 1.55
CA PRO A 238 15.41 -21.14 0.51
C PRO A 238 16.82 -21.47 0.98
N ASP A 239 17.44 -22.45 0.34
CA ASP A 239 18.80 -22.89 0.67
C ASP A 239 19.51 -23.52 -0.52
N ILE A 240 20.47 -24.39 -0.23
CA ILE A 240 21.26 -25.07 -1.27
C ILE A 240 21.63 -26.51 -0.89
N ILE A 241 20.94 -27.48 -1.49
CA ILE A 241 21.22 -28.89 -1.24
C ILE A 241 22.41 -29.29 -2.12
N LEU A 242 23.32 -30.07 -1.56
CA LEU A 242 24.51 -30.51 -2.31
C LEU A 242 24.81 -31.99 -2.13
N LEU A 243 25.42 -32.57 -3.16
CA LEU A 243 25.82 -33.98 -3.16
C LEU A 243 27.33 -34.08 -2.99
N PRO A 244 27.86 -35.29 -2.75
CA PRO A 244 29.30 -35.50 -2.57
C PRO A 244 30.19 -34.86 -3.65
N GLY A 245 31.08 -33.99 -3.21
CA GLY A 245 32.00 -33.32 -4.11
C GLY A 245 31.38 -32.35 -5.10
N CYS A 246 30.61 -31.39 -4.60
CA CYS A 246 29.96 -30.39 -5.45
C CYS A 246 29.42 -29.23 -4.62
N GLY A 247 29.60 -28.01 -5.11
CA GLY A 247 29.13 -26.84 -4.39
C GLY A 247 28.62 -25.74 -5.29
N VAL A 248 28.54 -24.53 -4.76
CA VAL A 248 28.07 -23.37 -5.51
C VAL A 248 28.90 -22.12 -5.25
N ASP A 249 29.35 -21.49 -6.33
CA ASP A 249 30.15 -20.27 -6.26
C ASP A 249 29.24 -19.05 -6.31
N PHE A 250 29.55 -18.04 -5.50
CA PHE A 250 28.77 -16.80 -5.45
C PHE A 250 29.65 -15.57 -5.28
N THR A 251 30.89 -15.64 -5.73
CA THR A 251 31.82 -14.51 -5.64
C THR A 251 31.41 -13.42 -6.63
N HIS A 252 30.85 -13.84 -7.76
CA HIS A 252 30.41 -12.93 -8.80
C HIS A 252 28.92 -13.10 -9.07
N SER A 253 28.15 -13.21 -7.99
CA SER A 253 26.71 -13.39 -8.08
C SER A 253 25.99 -12.78 -6.88
N ARG A 254 24.95 -12.01 -7.15
CA ARG A 254 24.16 -11.38 -6.10
C ARG A 254 22.93 -12.23 -5.76
N LEU A 255 22.84 -13.39 -6.40
CA LEU A 255 21.75 -14.32 -6.19
C LEU A 255 21.86 -15.05 -4.85
N SER A 256 22.97 -14.83 -4.15
CA SER A 256 23.20 -15.45 -2.86
C SER A 256 22.31 -14.75 -1.83
N ASN A 257 22.24 -13.42 -1.93
CA ASN A 257 21.43 -12.61 -1.03
C ASN A 257 19.95 -12.92 -1.18
N LEU A 258 19.53 -13.21 -2.42
CA LEU A 258 18.13 -13.52 -2.74
C LEU A 258 17.65 -14.76 -1.98
N LEU A 259 18.52 -15.77 -1.88
CA LEU A 259 18.19 -17.01 -1.19
C LEU A 259 18.14 -16.77 0.32
N GLY A 260 18.77 -15.69 0.77
CA GLY A 260 18.80 -15.36 2.18
C GLY A 260 19.99 -15.99 2.87
N ILE A 261 21.13 -15.97 2.20
CA ILE A 261 22.36 -16.55 2.72
C ILE A 261 23.53 -15.56 2.62
N ARG A 262 23.75 -14.78 3.68
CA ARG A 262 24.84 -13.82 3.71
C ARG A 262 25.95 -14.28 4.66
N LYS A 263 27.16 -13.77 4.45
CA LYS A 263 28.28 -14.11 5.32
C LYS A 263 28.35 -13.10 6.45
N ARG A 264 28.74 -13.54 7.64
CA ARG A 264 28.84 -12.64 8.79
C ARG A 264 29.93 -11.59 8.58
N GLN A 265 30.83 -11.86 7.65
CA GLN A 265 31.92 -10.95 7.30
C GLN A 265 31.96 -10.82 5.78
N PRO A 266 31.03 -10.02 5.21
CA PRO A 266 30.91 -9.78 3.76
C PRO A 266 32.09 -9.05 3.13
N PHE A 267 32.98 -8.49 3.94
CA PHE A 267 34.14 -7.77 3.43
C PHE A 267 35.23 -8.67 2.84
N GLN A 268 35.10 -9.98 3.04
CA GLN A 268 36.07 -10.94 2.51
C GLN A 268 35.57 -11.55 1.21
N GLU A 269 36.29 -11.29 0.13
CA GLU A 269 35.91 -11.82 -1.18
C GLU A 269 36.07 -13.33 -1.32
N GLY A 270 35.00 -13.98 -1.80
CA GLY A 270 35.02 -15.43 -1.97
C GLY A 270 33.90 -16.11 -1.21
N PHE A 271 32.73 -16.22 -1.83
CA PHE A 271 31.58 -16.87 -1.20
C PHE A 271 31.49 -18.34 -1.61
N ARG A 272 32.58 -19.07 -1.45
CA ARG A 272 32.58 -20.49 -1.79
C ARG A 272 31.97 -21.31 -0.65
N ILE A 273 31.08 -22.24 -1.02
CA ILE A 273 30.43 -23.11 -0.04
C ILE A 273 30.27 -24.50 -0.63
N THR A 274 31.30 -25.32 -0.45
CA THR A 274 31.31 -26.69 -0.96
C THR A 274 30.53 -27.63 -0.05
N TYR A 275 30.52 -28.91 -0.41
CA TYR A 275 29.85 -29.98 0.31
C TYR A 275 30.61 -30.35 1.60
N ASP A 276 31.92 -30.20 1.57
CA ASP A 276 32.79 -30.50 2.71
C ASP A 276 32.54 -29.59 3.91
N ASP A 277 31.99 -28.40 3.65
CA ASP A 277 31.70 -27.43 4.70
C ASP A 277 30.35 -27.61 5.38
N LEU A 278 29.48 -28.42 4.80
CA LEU A 278 28.15 -28.65 5.37
C LEU A 278 28.07 -29.88 6.29
N GLU A 279 29.10 -30.10 7.09
CA GLU A 279 29.12 -31.23 8.02
C GLU A 279 28.05 -31.09 9.11
N GLY A 280 27.38 -32.19 9.43
CA GLY A 280 26.34 -32.17 10.44
C GLY A 280 24.97 -31.69 10.00
N GLY A 281 24.54 -32.11 8.82
CA GLY A 281 23.24 -31.69 8.31
C GLY A 281 22.66 -32.67 7.30
N ASN A 282 22.86 -33.96 7.55
CA ASN A 282 22.39 -35.02 6.67
C ASN A 282 20.85 -35.06 6.65
N ILE A 283 20.28 -35.10 5.45
CA ILE A 283 18.83 -35.17 5.31
C ILE A 283 18.32 -36.55 5.71
N PRO A 284 17.50 -36.62 6.76
CA PRO A 284 16.93 -37.89 7.24
C PRO A 284 16.08 -38.56 6.17
N ALA A 285 16.38 -39.83 5.88
CA ALA A 285 15.66 -40.59 4.87
C ALA A 285 14.21 -40.86 5.28
N LEU A 286 13.38 -41.15 4.29
CA LEU A 286 11.96 -41.44 4.52
C LEU A 286 11.73 -42.83 5.10
N LEU A 287 10.52 -43.06 5.59
CA LEU A 287 10.13 -44.34 6.17
C LEU A 287 9.31 -45.16 5.17
N ASP A 288 9.59 -46.46 5.13
CA ASP A 288 8.86 -47.38 4.24
C ASP A 288 7.44 -47.49 4.77
N VAL A 289 6.52 -46.70 4.21
CA VAL A 289 5.13 -46.69 4.63
C VAL A 289 4.30 -47.89 4.19
N ASP A 290 4.45 -48.31 2.94
CA ASP A 290 3.72 -49.46 2.41
C ASP A 290 4.14 -50.78 3.05
N ALA A 291 5.19 -50.74 3.87
CA ALA A 291 5.69 -51.93 4.54
C ALA A 291 5.35 -51.92 6.02
N TYR A 292 5.24 -50.71 6.59
CA TYR A 292 4.93 -50.54 8.00
C TYR A 292 3.50 -50.97 8.35
N GLN A 293 2.53 -50.48 7.58
CA GLN A 293 1.14 -50.81 7.82
C GLN A 293 0.76 -52.19 7.28
N ALA A 294 1.50 -52.66 6.28
CA ALA A 294 1.25 -53.96 5.68
C ALA A 294 1.61 -55.11 6.63
N SER A 295 2.78 -55.02 7.24
CA SER A 295 3.24 -56.04 8.17
C SER A 295 2.29 -56.12 9.37
N LEU A 296 1.97 -54.96 9.94
CA LEU A 296 1.07 -54.86 11.08
C LEU A 296 -0.32 -55.38 10.72
N LYS A 375 7.71 -57.72 16.17
CA LYS A 375 8.60 -56.98 15.30
C LYS A 375 7.87 -56.01 14.38
N LYS A 376 8.59 -54.99 13.92
CA LYS A 376 8.06 -53.99 13.01
C LYS A 376 9.17 -53.55 12.05
N PRO A 377 8.81 -53.18 10.81
CA PRO A 377 9.78 -52.75 9.81
C PRO A 377 10.60 -51.55 10.28
N VAL A 378 9.90 -50.47 10.63
CA VAL A 378 10.46 -49.21 11.11
C VAL A 378 11.89 -48.84 10.68
N ILE A 379 12.88 -49.52 11.24
CA ILE A 379 14.30 -49.27 10.93
C ILE A 379 14.61 -49.20 9.43
N LYS A 380 13.97 -50.06 8.65
CA LYS A 380 14.18 -50.09 7.20
C LYS A 380 13.75 -48.80 6.48
N PRO A 381 14.72 -48.05 5.94
CA PRO A 381 14.45 -46.80 5.22
C PRO A 381 14.00 -47.05 3.78
N LEU A 382 13.47 -46.01 3.14
CA LEU A 382 13.03 -46.10 1.75
C LEU A 382 14.22 -45.92 0.82
N THR A 383 14.54 -46.97 0.06
CA THR A 383 15.66 -46.92 -0.88
C THR A 383 15.18 -46.43 -2.24
N GLU A 384 14.36 -47.25 -2.90
CA GLU A 384 13.81 -46.92 -4.22
C GLU A 384 12.38 -46.39 -4.10
N ASP A 385 11.76 -46.13 -5.25
CA ASP A 385 10.39 -45.61 -5.32
C ASP A 385 9.82 -45.86 -6.72
N SER A 386 8.91 -44.99 -7.18
CA SER A 386 8.34 -45.13 -8.50
C SER A 386 9.39 -44.79 -9.57
N LYS A 387 9.45 -45.63 -10.60
CA LYS A 387 10.42 -45.49 -11.70
C LYS A 387 11.81 -45.95 -11.27
N LYS A 388 11.98 -46.14 -9.96
CA LYS A 388 13.23 -46.56 -9.33
C LYS A 388 14.38 -45.58 -9.43
N ARG A 389 14.61 -44.85 -8.34
CA ARG A 389 15.67 -43.86 -8.24
C ARG A 389 16.21 -43.86 -6.81
N SER A 390 17.37 -44.47 -6.60
CA SER A 390 17.95 -44.54 -5.26
C SER A 390 18.30 -43.19 -4.62
N TYR A 391 17.90 -43.02 -3.36
CA TYR A 391 18.15 -41.79 -2.60
C TYR A 391 19.62 -41.58 -2.23
N ASN A 392 20.49 -42.51 -2.63
CA ASN A 392 21.92 -42.43 -2.35
C ASN A 392 22.28 -42.51 -0.86
N LEU A 393 21.96 -43.65 -0.24
CA LEU A 393 22.24 -43.87 1.17
C LEU A 393 23.74 -44.10 1.36
N ILE A 394 24.29 -43.53 2.44
CA ILE A 394 25.71 -43.67 2.76
C ILE A 394 26.13 -45.13 2.93
N SER A 395 25.22 -45.94 3.47
CA SER A 395 25.48 -47.37 3.69
C SER A 395 24.18 -48.16 3.88
N ASN A 396 24.33 -49.47 4.08
CA ASN A 396 23.17 -50.34 4.26
C ASN A 396 22.64 -50.39 5.70
N ASP A 397 23.38 -49.79 6.63
CA ASP A 397 22.97 -49.77 8.04
C ASP A 397 22.44 -48.44 8.56
N SER A 398 23.13 -47.34 8.25
CA SER A 398 22.73 -46.01 8.70
C SER A 398 21.39 -45.51 8.13
N THR A 399 20.89 -44.43 8.73
CA THR A 399 19.62 -43.84 8.33
C THR A 399 19.71 -42.60 7.43
N PHE A 400 20.83 -41.88 7.52
CA PHE A 400 21.01 -40.66 6.73
C PHE A 400 21.44 -40.93 5.28
N THR A 401 21.25 -39.92 4.43
CA THR A 401 21.61 -40.01 3.01
C THR A 401 22.85 -39.16 2.72
N GLN A 402 23.23 -39.09 1.43
CA GLN A 402 24.39 -38.31 1.04
C GLN A 402 23.98 -36.90 0.58
N TYR A 403 22.81 -36.46 1.02
CA TYR A 403 22.28 -35.14 0.68
C TYR A 403 22.45 -34.12 1.79
N ARG A 404 23.53 -33.35 1.74
CA ARG A 404 23.78 -32.32 2.75
C ARG A 404 22.90 -31.09 2.50
N SER A 405 22.17 -30.68 3.54
CA SER A 405 21.28 -29.53 3.48
C SER A 405 21.89 -28.33 4.20
N TRP A 406 21.58 -27.13 3.71
CA TRP A 406 22.09 -25.89 4.30
C TRP A 406 21.23 -25.44 5.48
N TYR A 407 19.91 -25.55 5.33
CA TYR A 407 18.98 -25.15 6.36
C TYR A 407 19.15 -26.00 7.62
N LEU A 408 19.47 -27.28 7.42
CA LEU A 408 19.68 -28.20 8.53
C LEU A 408 21.04 -28.01 9.19
N ALA A 409 21.99 -27.48 8.44
CA ALA A 409 23.34 -27.24 8.96
C ALA A 409 23.40 -25.95 9.77
N TYR A 410 22.36 -25.12 9.67
CA TYR A 410 22.32 -23.84 10.37
C TYR A 410 21.90 -23.97 11.84
N ASN A 411 20.60 -24.07 12.10
CA ASN A 411 20.13 -24.18 13.49
C ASN A 411 19.96 -25.60 14.04
N TYR A 412 20.43 -26.59 13.28
CA TYR A 412 20.34 -27.98 13.73
C TYR A 412 21.70 -28.65 13.96
N GLY A 413 22.75 -28.07 13.39
CA GLY A 413 24.08 -28.62 13.57
C GLY A 413 24.76 -28.10 14.83
N ASP A 414 26.09 -28.10 14.85
CA ASP A 414 26.83 -27.60 16.00
C ASP A 414 27.18 -26.13 15.74
N PRO A 415 26.58 -25.22 16.53
CA PRO A 415 26.77 -23.77 16.45
C PRO A 415 28.15 -23.23 16.81
N GLN A 416 29.13 -24.11 17.03
CA GLN A 416 30.48 -23.67 17.38
C GLN A 416 31.53 -23.88 16.30
N THR A 417 31.28 -24.80 15.38
CA THR A 417 32.21 -25.09 14.29
C THR A 417 31.52 -25.46 12.98
N GLY A 418 30.20 -25.26 12.95
CA GLY A 418 29.42 -25.56 11.75
C GLY A 418 29.34 -24.39 10.79
N ILE A 419 28.28 -24.37 9.99
CA ILE A 419 28.07 -23.30 9.02
C ILE A 419 27.57 -22.02 9.68
N ARG A 420 26.90 -22.17 10.82
CA ARG A 420 26.36 -21.05 11.59
C ARG A 420 27.46 -20.16 12.17
N SER A 421 28.71 -20.44 11.80
CA SER A 421 29.85 -19.68 12.27
C SER A 421 30.19 -18.51 11.34
N TRP A 422 29.99 -18.71 10.04
CA TRP A 422 30.29 -17.66 9.06
C TRP A 422 29.13 -17.22 8.17
N THR A 423 27.95 -17.84 8.33
CA THR A 423 26.79 -17.47 7.53
C THR A 423 25.72 -16.78 8.38
N LEU A 424 24.55 -16.54 7.80
CA LEU A 424 23.47 -15.88 8.52
C LEU A 424 22.12 -16.05 7.83
N LEU A 425 21.11 -16.42 8.60
CA LEU A 425 19.76 -16.63 8.07
C LEU A 425 19.01 -15.29 7.99
N CYS A 426 19.13 -14.62 6.83
CA CYS A 426 18.48 -13.34 6.62
C CYS A 426 17.20 -13.45 5.79
N THR A 427 16.51 -12.32 5.66
CA THR A 427 15.29 -12.27 4.88
C THR A 427 15.68 -12.32 3.40
N PRO A 428 14.93 -13.08 2.58
CA PRO A 428 15.21 -13.22 1.15
C PRO A 428 15.56 -11.92 0.41
N ASP A 429 14.62 -10.98 0.35
CA ASP A 429 14.81 -9.71 -0.35
C ASP A 429 15.13 -9.97 -1.83
N VAL A 430 14.16 -9.68 -2.69
CA VAL A 430 14.32 -9.91 -4.13
C VAL A 430 15.26 -8.94 -4.84
N THR A 431 15.25 -7.68 -4.41
CA THR A 431 16.10 -6.65 -5.02
C THR A 431 17.60 -6.94 -5.00
N CYS A 432 17.99 -7.96 -4.23
CA CYS A 432 19.39 -8.39 -4.11
C CYS A 432 20.29 -7.44 -3.31
N GLY A 433 19.83 -6.22 -3.06
CA GLY A 433 20.63 -5.28 -2.30
C GLY A 433 20.23 -3.83 -2.43
N SER A 434 20.40 -3.07 -1.35
CA SER A 434 20.06 -1.65 -1.32
C SER A 434 21.24 -0.80 -1.78
N GLU A 435 21.74 -1.07 -2.98
CA GLU A 435 22.87 -0.32 -3.54
C GLU A 435 22.43 1.07 -3.98
N GLN A 436 23.13 2.06 -3.47
CA GLN A 436 22.83 3.47 -3.76
C GLN A 436 23.63 4.10 -4.90
N VAL A 437 22.89 4.76 -5.79
CA VAL A 437 23.50 5.43 -6.95
C VAL A 437 24.08 6.80 -6.56
N TYR A 438 24.80 7.39 -7.49
CA TYR A 438 25.41 8.70 -7.27
C TYR A 438 24.96 9.73 -8.31
N TRP A 439 24.86 10.98 -7.87
CA TRP A 439 24.45 12.06 -8.75
C TRP A 439 25.60 13.06 -8.85
N SER A 440 25.62 13.80 -9.95
CA SER A 440 26.66 14.79 -10.17
C SER A 440 26.27 15.78 -11.26
N LEU A 441 26.86 16.96 -11.18
CA LEU A 441 26.64 18.03 -12.15
C LEU A 441 27.95 18.81 -12.14
N PRO A 442 28.95 18.34 -12.91
CA PRO A 442 30.28 18.93 -13.01
C PRO A 442 30.34 20.40 -13.47
N ASP A 443 29.66 20.71 -14.56
CA ASP A 443 29.67 22.07 -15.10
C ASP A 443 28.76 23.07 -14.37
N MET A 444 28.38 22.77 -13.13
CA MET A 444 27.52 23.67 -12.37
C MET A 444 27.78 23.69 -10.87
N MET A 445 27.81 22.52 -10.25
CA MET A 445 28.04 22.43 -8.80
C MET A 445 29.53 22.35 -8.47
N GLN A 446 29.95 23.09 -7.45
CA GLN A 446 31.35 23.10 -7.01
C GLN A 446 31.81 21.73 -6.53
N ASP A 447 33.12 21.51 -6.57
CA ASP A 447 33.72 20.24 -6.14
C ASP A 447 33.47 20.02 -4.64
N PRO A 448 32.73 18.96 -4.29
CA PRO A 448 32.39 18.64 -2.91
C PRO A 448 33.57 18.18 -2.03
N VAL A 449 34.11 19.14 -1.28
CA VAL A 449 35.22 18.94 -0.35
C VAL A 449 36.53 18.34 -0.91
N THR A 450 36.63 17.02 -1.00
CA THR A 450 37.85 16.39 -1.50
C THR A 450 37.87 15.95 -2.96
N PHE A 451 36.73 16.08 -3.66
CA PHE A 451 36.63 15.70 -5.07
C PHE A 451 37.47 16.62 -5.97
N ARG A 452 37.98 16.08 -7.07
CA ARG A 452 38.79 16.86 -8.01
C ARG A 452 38.21 16.88 -9.43
N SER A 453 38.60 17.91 -10.18
CA SER A 453 38.13 18.08 -11.56
C SER A 453 38.78 17.16 -12.58
N THR A 454 37.96 16.59 -13.45
CA THR A 454 38.42 15.68 -14.49
C THR A 454 37.30 15.46 -15.52
N ARG A 455 37.60 14.74 -16.59
CA ARG A 455 36.61 14.45 -17.62
C ARG A 455 36.47 12.96 -17.95
N GLN A 456 35.82 12.23 -17.05
CA GLN A 456 35.59 10.79 -17.23
C GLN A 456 34.32 10.39 -16.48
N ILE A 457 33.51 9.54 -17.12
CA ILE A 457 32.26 9.07 -16.53
C ILE A 457 32.45 8.01 -15.44
N SER A 458 33.66 7.92 -14.91
CA SER A 458 33.97 6.95 -13.86
C SER A 458 34.63 7.60 -12.64
N ASN A 459 34.52 8.92 -12.52
CA ASN A 459 35.11 9.65 -11.40
C ASN A 459 34.59 11.09 -11.29
N PHE A 460 33.33 11.28 -11.68
CA PHE A 460 32.72 12.62 -11.60
C PHE A 460 32.41 13.01 -10.16
N PRO A 461 32.59 14.30 -9.83
CA PRO A 461 32.36 14.86 -8.48
C PRO A 461 30.91 14.68 -8.02
N VAL A 462 30.68 13.76 -7.10
CA VAL A 462 29.34 13.48 -6.57
C VAL A 462 28.76 14.59 -5.72
N VAL A 463 27.57 15.05 -6.08
CA VAL A 463 26.89 16.11 -5.36
C VAL A 463 25.94 15.56 -4.29
N GLY A 464 25.32 14.41 -4.57
CA GLY A 464 24.40 13.80 -3.62
C GLY A 464 23.96 12.40 -4.00
N ALA A 465 24.03 11.47 -3.05
CA ALA A 465 23.64 10.09 -3.29
C ALA A 465 22.21 9.74 -2.90
N GLU A 466 21.56 8.92 -3.73
CA GLU A 466 20.18 8.47 -3.50
C GLU A 466 20.11 6.95 -3.66
N LEU A 467 19.10 6.34 -3.05
CA LEU A 467 18.91 4.89 -3.15
C LEU A 467 18.12 4.55 -4.41
N LEU A 468 18.59 3.57 -5.17
CA LEU A 468 17.94 3.13 -6.40
C LEU A 468 16.43 2.90 -6.18
N PRO A 469 15.59 3.52 -7.02
CA PRO A 469 14.12 3.42 -6.97
C PRO A 469 13.51 2.04 -7.20
N VAL A 470 14.05 1.03 -6.52
CA VAL A 470 13.52 -0.33 -6.62
C VAL A 470 13.00 -0.70 -5.26
N HIS A 471 11.75 -1.15 -5.19
CA HIS A 471 11.15 -1.53 -3.92
C HIS A 471 10.73 -3.00 -3.84
N SER A 472 10.19 -3.35 -2.69
CA SER A 472 9.70 -4.70 -2.39
C SER A 472 8.19 -4.67 -2.11
N LYS A 473 7.41 -5.37 -2.92
CA LYS A 473 5.96 -5.39 -2.73
C LYS A 473 5.45 -6.68 -2.09
N SER A 474 5.18 -6.64 -0.78
CA SER A 474 4.68 -7.80 -0.04
C SER A 474 3.27 -8.20 -0.49
N PHE A 475 3.10 -9.46 -0.87
CA PHE A 475 1.82 -10.00 -1.30
C PHE A 475 1.31 -11.04 -0.30
N TYR A 476 0.42 -11.92 -0.77
CA TYR A 476 -0.14 -12.98 0.06
C TYR A 476 -0.91 -13.98 -0.80
N ASN A 477 -0.30 -15.13 -1.05
CA ASN A 477 -0.94 -16.16 -1.85
C ASN A 477 -1.24 -17.44 -1.06
N ASP A 478 -2.45 -17.49 -0.49
CA ASP A 478 -2.90 -18.64 0.29
C ASP A 478 -3.12 -19.83 -0.67
N GLN A 479 -3.09 -19.54 -1.97
CA GLN A 479 -3.26 -20.55 -3.00
C GLN A 479 -2.00 -21.41 -3.07
N ALA A 480 -0.87 -20.88 -2.61
CA ALA A 480 0.39 -21.61 -2.62
C ALA A 480 0.18 -23.08 -2.30
N VAL A 481 1.15 -23.91 -2.69
CA VAL A 481 1.07 -25.34 -2.43
C VAL A 481 -0.14 -25.96 -3.14
N TYR A 482 -1.26 -25.24 -3.09
CA TYR A 482 -2.49 -25.72 -3.72
C TYR A 482 -2.57 -25.25 -5.18
N SER A 483 -1.78 -24.24 -5.51
CA SER A 483 -1.77 -23.70 -6.86
C SER A 483 -0.70 -24.49 -7.64
N GLN A 484 0.27 -25.04 -6.90
CA GLN A 484 1.34 -25.84 -7.47
C GLN A 484 0.73 -27.08 -8.10
N LEU A 485 -0.21 -27.69 -7.38
CA LEU A 485 -0.91 -28.88 -7.81
C LEU A 485 -1.85 -28.58 -8.99
N ILE A 486 -2.07 -27.29 -9.24
CA ILE A 486 -2.94 -26.85 -10.32
C ILE A 486 -2.16 -26.24 -11.49
N ARG A 487 -1.02 -25.62 -11.19
CA ARG A 487 -0.18 -24.99 -12.22
C ARG A 487 0.40 -26.03 -13.18
N GLN A 488 0.49 -27.28 -12.70
CA GLN A 488 1.01 -28.37 -13.51
C GLN A 488 -0.01 -28.72 -14.60
N PHE A 489 -1.20 -28.14 -14.49
CA PHE A 489 -2.27 -28.37 -15.43
C PHE A 489 -2.54 -27.12 -16.27
N THR A 490 -2.25 -25.95 -15.69
CA THR A 490 -2.42 -24.69 -16.40
C THR A 490 -1.38 -24.67 -17.52
N SER A 491 -0.16 -25.05 -17.19
CA SER A 491 0.92 -25.12 -18.17
C SER A 491 0.81 -26.47 -18.89
N LEU A 492 1.25 -26.52 -20.14
CA LEU A 492 1.17 -27.75 -20.92
C LEU A 492 2.31 -28.74 -20.75
N THR A 493 3.43 -28.29 -20.20
CA THR A 493 4.59 -29.15 -20.00
C THR A 493 5.26 -28.91 -18.65
N HIS A 494 5.47 -29.99 -17.89
CA HIS A 494 6.13 -29.89 -16.59
C HIS A 494 7.62 -29.70 -16.84
N VAL A 495 8.03 -28.45 -17.00
CA VAL A 495 9.44 -28.13 -17.25
C VAL A 495 10.23 -28.19 -15.94
N PHE A 496 9.79 -27.41 -14.96
CA PHE A 496 10.43 -27.35 -13.65
C PHE A 496 10.30 -28.67 -12.89
N ASN A 497 9.08 -29.21 -12.88
CA ASN A 497 8.79 -30.46 -12.19
C ASN A 497 8.98 -31.67 -13.13
N ARG A 498 10.22 -31.93 -13.51
CA ARG A 498 10.52 -33.05 -14.39
C ARG A 498 10.57 -34.36 -13.63
N PHE A 499 10.76 -34.26 -12.31
CA PHE A 499 10.83 -35.44 -11.45
C PHE A 499 9.77 -35.32 -10.34
N PRO A 500 8.49 -35.59 -10.69
CA PRO A 500 7.39 -35.51 -9.72
C PRO A 500 7.30 -36.74 -8.82
N GLU A 501 8.27 -37.65 -8.97
CA GLU A 501 8.32 -38.87 -8.17
C GLU A 501 9.28 -38.71 -6.99
N ASN A 502 10.52 -38.32 -7.27
CA ASN A 502 11.55 -38.13 -6.25
C ASN A 502 11.18 -37.05 -5.24
N GLN A 503 11.35 -37.37 -3.96
CA GLN A 503 11.04 -36.46 -2.86
C GLN A 503 12.15 -35.46 -2.53
N ILE A 504 13.16 -35.36 -3.41
CA ILE A 504 14.28 -34.43 -3.20
C ILE A 504 14.55 -33.63 -4.47
N LEU A 505 14.43 -34.30 -5.62
CA LEU A 505 14.66 -33.64 -6.91
C LEU A 505 13.38 -33.07 -7.52
N ALA A 506 12.35 -32.93 -6.70
CA ALA A 506 11.06 -32.41 -7.16
C ALA A 506 11.06 -30.88 -7.28
N ARG A 507 9.87 -30.29 -7.34
CA ARG A 507 9.72 -28.85 -7.46
C ARG A 507 9.60 -28.23 -6.07
N PRO A 508 10.43 -27.22 -5.76
CA PRO A 508 10.42 -26.53 -4.46
C PRO A 508 9.05 -25.95 -4.12
N PRO A 509 8.50 -26.32 -2.95
CA PRO A 509 7.19 -25.84 -2.47
C PRO A 509 7.08 -24.32 -2.46
N ALA A 510 6.07 -23.80 -3.14
CA ALA A 510 5.85 -22.36 -3.21
C ALA A 510 5.61 -21.76 -1.82
N PRO A 511 6.56 -20.93 -1.34
CA PRO A 511 6.46 -20.29 -0.03
C PRO A 511 5.37 -19.22 0.02
N THR A 512 4.82 -18.97 1.20
CA THR A 512 3.78 -17.97 1.36
C THR A 512 4.34 -16.55 1.31
N ILE A 513 3.51 -15.60 0.89
CA ILE A 513 3.88 -14.19 0.76
C ILE A 513 4.98 -14.02 -0.29
N THR A 514 4.58 -13.81 -1.53
CA THR A 514 5.52 -13.63 -2.62
C THR A 514 5.93 -12.17 -2.78
N THR A 515 7.23 -11.92 -2.76
CA THR A 515 7.75 -10.57 -2.91
C THR A 515 8.21 -10.36 -4.37
N VAL A 516 7.75 -9.27 -4.97
CA VAL A 516 8.10 -8.95 -6.35
C VAL A 516 8.51 -7.48 -6.44
N SER A 517 9.55 -7.20 -7.22
CA SER A 517 10.05 -5.84 -7.40
C SER A 517 9.04 -4.91 -8.09
N GLU A 518 9.08 -3.64 -7.74
CA GLU A 518 8.19 -2.64 -8.32
C GLU A 518 8.90 -1.29 -8.42
N ASN A 519 9.18 -0.87 -9.66
CA ASN A 519 9.86 0.40 -9.90
C ASN A 519 8.96 1.58 -9.55
N VAL A 520 9.24 2.21 -8.42
CA VAL A 520 8.46 3.35 -7.96
C VAL A 520 9.21 4.66 -8.14
N PRO A 521 8.67 5.59 -8.96
CA PRO A 521 9.31 6.88 -9.20
C PRO A 521 9.46 7.67 -7.90
N ALA A 522 10.70 7.77 -7.43
CA ALA A 522 11.02 8.46 -6.20
C ALA A 522 10.97 9.99 -6.31
N LEU A 523 11.02 10.64 -5.15
CA LEU A 523 11.00 12.09 -5.05
C LEU A 523 11.83 12.48 -3.84
N THR A 524 13.16 12.37 -3.97
CA THR A 524 14.09 12.67 -2.89
C THR A 524 14.19 14.16 -2.54
N ASP A 525 14.96 14.45 -1.51
CA ASP A 525 15.18 15.82 -1.02
C ASP A 525 16.67 16.00 -0.76
N HIS A 526 17.40 16.47 -1.78
CA HIS A 526 18.85 16.69 -1.66
C HIS A 526 19.13 18.02 -0.96
N GLY A 527 20.22 18.06 -0.19
CA GLY A 527 20.58 19.27 0.54
C GLY A 527 21.27 20.33 -0.31
N THR A 528 21.49 21.49 0.30
CA THR A 528 22.13 22.64 -0.36
C THR A 528 23.52 22.35 -0.93
N LEU A 529 23.75 22.80 -2.17
CA LEU A 529 25.02 22.59 -2.85
C LEU A 529 25.51 23.83 -3.59
N PRO A 530 26.75 24.27 -3.30
CA PRO A 530 27.36 25.44 -3.92
C PRO A 530 27.38 25.37 -5.44
N LEU A 531 27.37 26.54 -6.09
CA LEU A 531 27.38 26.62 -7.54
C LEU A 531 28.66 27.28 -8.06
N ARG A 532 28.85 27.23 -9.37
CA ARG A 532 30.03 27.83 -10.00
C ARG A 532 29.91 29.35 -10.10
N ASN A 533 30.96 29.98 -10.62
CA ASN A 533 30.99 31.43 -10.79
C ASN A 533 30.31 31.81 -12.10
N SER A 534 30.05 30.81 -12.94
CA SER A 534 29.41 31.02 -14.23
C SER A 534 28.84 29.72 -14.80
N ILE A 535 27.55 29.50 -14.57
CA ILE A 535 26.85 28.30 -15.04
C ILE A 535 26.90 28.17 -16.56
N GLY A 536 27.24 26.98 -17.03
CA GLY A 536 27.32 26.74 -18.47
C GLY A 536 25.96 26.69 -19.16
N GLY A 537 25.99 26.74 -20.49
CA GLY A 537 24.75 26.70 -21.25
C GLY A 537 24.24 25.28 -21.39
N VAL A 538 25.16 24.36 -21.70
CA VAL A 538 24.84 22.95 -21.86
C VAL A 538 25.39 22.11 -20.70
N GLN A 539 24.52 21.81 -19.75
CA GLN A 539 24.87 21.03 -18.56
C GLN A 539 25.09 19.55 -18.89
N ARG A 540 25.59 18.82 -17.90
CA ARG A 540 25.86 17.38 -18.06
C ARG A 540 25.29 16.62 -16.87
N VAL A 541 24.09 16.07 -17.05
CA VAL A 541 23.43 15.30 -15.99
C VAL A 541 23.91 13.85 -16.03
N THR A 542 24.62 13.44 -15.00
CA THR A 542 25.15 12.08 -14.91
C THR A 542 24.52 11.36 -13.72
N ILE A 543 24.38 10.04 -13.84
CA ILE A 543 23.82 9.21 -12.79
C ILE A 543 24.70 7.97 -12.67
N THR A 544 25.76 8.09 -11.87
CA THR A 544 26.71 6.99 -11.66
C THR A 544 26.13 5.89 -10.78
N ASP A 545 26.75 4.71 -10.82
CA ASP A 545 26.31 3.57 -10.02
C ASP A 545 27.35 3.31 -8.92
N ALA A 546 27.24 2.16 -8.25
CA ALA A 546 28.16 1.78 -7.18
C ALA A 546 29.56 1.44 -7.68
N ARG A 547 29.65 0.73 -8.81
CA ARG A 547 30.94 0.38 -9.37
C ARG A 547 31.50 1.46 -10.28
N ARG A 548 30.87 2.63 -10.25
CA ARG A 548 31.24 3.79 -11.07
C ARG A 548 31.06 3.52 -12.57
N ARG A 549 29.80 3.52 -13.02
CA ARG A 549 29.47 3.30 -14.41
C ARG A 549 28.01 3.60 -14.76
N THR A 550 27.71 3.65 -16.05
CA THR A 550 26.37 3.96 -16.55
C THR A 550 25.30 2.92 -16.22
N CYS A 551 24.09 3.40 -15.95
CA CYS A 551 22.95 2.55 -15.62
C CYS A 551 21.90 2.63 -16.74
N PRO A 552 22.06 1.79 -17.78
CA PRO A 552 21.18 1.70 -18.96
C PRO A 552 19.71 1.38 -18.69
N TYR A 553 19.22 1.68 -17.50
CA TYR A 553 17.83 1.42 -17.14
C TYR A 553 17.13 2.65 -16.57
N VAL A 554 17.55 3.83 -17.01
CA VAL A 554 16.97 5.08 -16.55
C VAL A 554 15.94 5.61 -17.53
N TYR A 555 14.67 5.64 -17.10
CA TYR A 555 13.59 6.13 -17.94
C TYR A 555 13.42 7.64 -17.80
N LYS A 556 13.36 8.11 -16.57
CA LYS A 556 13.21 9.54 -16.30
C LYS A 556 14.27 10.04 -15.34
N ALA A 557 14.83 11.21 -15.63
CA ALA A 557 15.87 11.80 -14.78
C ALA A 557 15.98 13.32 -14.91
N LEU A 558 15.14 14.04 -14.19
CA LEU A 558 15.17 15.51 -14.23
C LEU A 558 15.45 16.14 -12.86
N GLY A 559 15.93 17.38 -12.87
CA GLY A 559 16.23 18.05 -11.62
C GLY A 559 15.88 19.52 -11.56
N ILE A 560 15.45 19.96 -10.39
CA ILE A 560 15.09 21.36 -10.15
C ILE A 560 16.07 21.98 -9.18
N VAL A 561 16.65 23.13 -9.54
CA VAL A 561 17.60 23.81 -8.68
C VAL A 561 17.16 25.24 -8.38
N SER A 562 17.11 25.57 -7.09
CA SER A 562 16.69 26.91 -6.65
C SER A 562 17.82 27.61 -5.88
N PRO A 563 18.77 28.23 -6.62
CA PRO A 563 19.92 28.94 -6.05
C PRO A 563 19.59 30.12 -5.13
N ARG A 564 20.46 30.33 -4.14
CA ARG A 564 20.30 31.42 -3.18
C ARG A 564 21.65 31.86 -2.62
N VAL A 565 21.71 33.10 -2.12
CA VAL A 565 22.95 33.64 -1.56
C VAL A 565 23.30 33.03 -0.21
N LEU A 566 24.56 32.68 -0.04
CA LEU A 566 25.06 32.08 1.20
C LEU A 566 25.88 33.11 1.99
N SER A 567 27.06 33.45 1.48
CA SER A 567 27.93 34.42 2.15
C SER A 567 28.89 35.18 1.24
N SER A 568 29.14 36.44 1.59
CA SER A 568 30.03 37.32 0.84
C SER A 568 31.53 37.05 1.04
N ARG A 569 32.35 37.68 0.21
CA ARG A 569 33.80 37.54 0.27
C ARG A 569 34.51 38.74 0.90
N SER B 7 2.62 -58.32 17.87
CA SER B 7 2.98 -56.95 17.48
C SER B 7 3.66 -56.23 18.64
N GLU B 8 4.89 -55.80 18.41
CA GLU B 8 5.66 -55.09 19.42
C GLU B 8 4.84 -54.90 20.70
N ASP B 9 4.23 -53.73 20.85
CA ASP B 9 3.43 -53.43 22.02
C ASP B 9 4.02 -52.28 22.82
N THR B 10 3.82 -51.07 22.33
CA THR B 10 4.33 -49.87 22.99
C THR B 10 5.18 -49.03 22.04
N PHE B 11 4.52 -48.18 21.28
CA PHE B 11 5.22 -47.32 20.32
C PHE B 11 4.25 -46.73 19.30
N ASN B 12 3.68 -45.57 19.64
CA ASN B 12 2.73 -44.91 18.75
C ASN B 12 3.34 -43.67 18.08
N PRO B 13 3.88 -43.86 16.88
CA PRO B 13 4.48 -42.76 16.14
C PRO B 13 3.80 -41.42 16.41
N VAL B 14 2.52 -41.48 16.80
CA VAL B 14 1.77 -40.28 17.09
C VAL B 14 1.62 -39.40 15.85
N TYR B 15 1.23 -40.02 14.74
CA TYR B 15 1.06 -39.30 13.48
C TYR B 15 0.17 -40.07 12.52
N PRO B 16 -1.13 -39.74 12.52
CA PRO B 16 -2.09 -40.40 11.65
C PRO B 16 -1.51 -40.69 10.27
N TYR B 17 -0.86 -41.83 10.13
CA TYR B 17 -0.26 -42.21 8.85
C TYR B 17 -1.31 -42.76 7.89
N ASP B 18 -2.37 -43.32 8.44
CA ASP B 18 -3.45 -43.88 7.63
C ASP B 18 -4.36 -42.78 7.09
N THR B 19 -5.09 -43.10 6.02
CA THR B 19 -5.01 -44.42 5.41
C THR B 19 -4.25 -44.37 4.09
N ASP C 37 38.11 66.40 -4.94
CA ASP C 37 37.01 65.69 -5.58
C ASP C 37 37.54 64.60 -6.53
N PRO C 38 38.09 63.51 -5.96
CA PRO C 38 38.63 62.38 -6.71
C PRO C 38 37.54 61.48 -7.29
N PRO C 39 37.90 60.56 -8.19
CA PRO C 39 36.95 59.63 -8.82
C PRO C 39 36.45 58.54 -7.88
N PHE C 40 36.57 58.79 -6.57
CA PHE C 40 36.16 57.87 -5.51
C PHE C 40 36.40 56.39 -5.75
N VAL C 41 35.45 55.53 -5.41
CA VAL C 41 35.54 54.07 -5.56
C VAL C 41 36.52 53.44 -4.56
N PRO C 42 35.97 52.91 -3.46
CA PRO C 42 36.78 52.27 -2.41
C PRO C 42 37.33 50.93 -2.90
N PRO C 43 38.58 50.60 -2.50
CA PRO C 43 39.25 49.34 -2.88
C PRO C 43 38.55 48.12 -2.29
N ARG C 44 38.47 47.06 -3.08
CA ARG C 44 37.84 45.80 -2.65
C ARG C 44 38.86 44.71 -2.36
N TYR C 45 38.63 43.97 -1.28
CA TYR C 45 39.52 42.88 -0.88
C TYR C 45 38.79 41.55 -0.89
N LEU C 46 39.36 40.58 -1.61
CA LEU C 46 38.77 39.25 -1.70
C LEU C 46 38.65 38.60 -0.34
N ARG C 47 37.68 37.70 -0.19
CA ARG C 47 37.46 37.01 1.08
C ARG C 47 38.54 35.94 1.30
N PRO C 48 38.87 35.70 2.57
CA PRO C 48 39.88 34.71 2.93
C PRO C 48 39.49 33.31 2.46
N THR C 49 40.39 32.64 1.76
CA THR C 49 40.14 31.29 1.26
C THR C 49 40.76 30.24 2.18
N GLY C 50 40.20 30.10 3.38
CA GLY C 50 40.70 29.14 4.35
C GLY C 50 40.67 29.67 5.76
N GLY C 51 39.51 29.57 6.40
CA GLY C 51 39.35 30.04 7.77
C GLY C 51 37.90 30.10 8.19
N ARG C 52 37.33 31.30 8.20
CA ARG C 52 35.94 31.49 8.59
C ARG C 52 35.02 30.58 7.79
N ASN C 53 35.16 30.62 6.47
CA ASN C 53 34.34 29.81 5.59
C ASN C 53 35.21 29.17 4.54
N SER C 54 35.69 27.97 4.85
CA SER C 54 36.57 27.24 3.94
C SER C 54 36.79 25.84 4.51
N ILE C 55 36.47 24.81 3.74
CA ILE C 55 36.72 23.46 4.20
C ILE C 55 37.92 22.97 3.40
N ARG C 56 39.05 22.77 4.08
CA ARG C 56 40.26 22.31 3.41
C ARG C 56 40.24 20.83 3.07
N TYR C 57 40.76 20.48 1.90
CA TYR C 57 40.82 19.11 1.44
C TYR C 57 42.30 18.72 1.39
N SER C 58 43.11 19.52 2.07
CA SER C 58 44.57 19.35 2.16
C SER C 58 45.24 19.72 0.85
N GLU C 59 44.65 19.25 -0.25
CA GLU C 59 45.15 19.52 -1.58
C GLU C 59 44.00 20.16 -2.39
N LEU C 60 44.06 20.05 -3.71
CA LEU C 60 43.04 20.64 -4.58
C LEU C 60 42.84 22.12 -4.20
N ALA C 61 41.60 22.48 -3.87
CA ALA C 61 41.27 23.85 -3.47
C ALA C 61 40.05 23.88 -2.53
N PRO C 62 40.20 24.49 -1.35
CA PRO C 62 39.15 24.61 -0.34
C PRO C 62 37.86 25.21 -0.90
N LEU C 63 36.73 24.70 -0.43
CA LEU C 63 35.41 25.16 -0.84
C LEU C 63 34.74 25.91 0.31
N PHE C 64 33.88 26.86 -0.03
CA PHE C 64 33.18 27.66 0.97
C PHE C 64 32.04 26.90 1.67
N ASP C 65 31.12 27.63 2.30
CA ASP C 65 30.00 27.02 3.02
C ASP C 65 29.05 26.17 2.17
N THR C 66 28.35 25.26 2.84
CA THR C 66 27.40 24.31 2.22
C THR C 66 28.13 23.24 1.39
N THR C 67 28.82 22.32 2.09
CA THR C 67 29.54 21.22 1.43
C THR C 67 28.93 19.88 1.80
N ARG C 68 29.37 18.80 1.14
CA ARG C 68 28.83 17.47 1.41
C ARG C 68 29.87 16.35 1.55
N VAL C 69 29.89 15.71 2.72
CA VAL C 69 30.79 14.61 3.03
C VAL C 69 30.01 13.29 3.16
N TYR C 70 30.04 12.49 2.08
CA TYR C 70 29.33 11.22 2.04
C TYR C 70 30.03 10.06 2.76
N LEU C 71 29.24 9.23 3.45
CA LEU C 71 29.76 8.06 4.17
C LEU C 71 29.00 6.82 3.70
N VAL C 72 29.45 6.25 2.57
CA VAL C 72 28.80 5.08 1.99
C VAL C 72 29.31 3.74 2.50
N ASP C 73 28.53 2.69 2.22
CA ASP C 73 28.84 1.31 2.59
C ASP C 73 29.51 0.57 1.44
N ASN C 74 29.58 1.21 0.26
CA ASN C 74 30.21 0.63 -0.92
C ASN C 74 31.73 0.81 -0.90
N LYS C 75 32.23 1.44 0.16
CA LYS C 75 33.65 1.70 0.31
C LYS C 75 34.39 0.72 1.21
N SER C 76 33.64 -0.18 1.87
CA SER C 76 34.25 -1.16 2.76
C SER C 76 35.16 -2.16 2.06
N THR C 77 34.74 -2.65 0.89
CA THR C 77 35.53 -3.61 0.13
C THR C 77 36.93 -3.07 -0.19
N ASP C 78 36.97 -1.79 -0.57
CA ASP C 78 38.20 -1.11 -0.92
C ASP C 78 39.16 -0.88 0.25
N VAL C 79 38.60 -0.69 1.45
CA VAL C 79 39.42 -0.47 2.64
C VAL C 79 40.00 -1.76 3.16
N ALA C 80 39.89 -2.82 2.36
CA ALA C 80 40.41 -4.14 2.74
C ALA C 80 41.59 -4.00 3.69
N SER C 81 41.32 -4.08 4.99
CA SER C 81 42.36 -3.97 6.00
C SER C 81 41.80 -3.45 7.32
N LEU C 82 40.52 -3.08 7.30
CA LEU C 82 39.86 -2.57 8.50
C LEU C 82 38.60 -3.34 8.80
N ASN C 83 37.78 -3.58 7.78
CA ASN C 83 36.53 -4.31 7.94
C ASN C 83 36.71 -5.81 7.69
N TYR C 84 37.95 -6.27 7.80
CA TYR C 84 38.26 -7.68 7.58
C TYR C 84 37.85 -8.53 8.78
N GLN C 85 36.67 -8.24 9.32
CA GLN C 85 36.16 -8.97 10.47
C GLN C 85 34.72 -8.56 10.79
N ASN C 86 34.38 -7.32 10.49
CA ASN C 86 33.04 -6.80 10.75
C ASN C 86 32.18 -6.63 9.50
N ASP C 87 30.92 -7.06 9.57
CA ASP C 87 29.98 -6.99 8.44
C ASP C 87 28.88 -5.90 8.44
N HIS C 88 29.17 -4.76 7.81
CA HIS C 88 28.22 -3.63 7.69
C HIS C 88 27.60 -3.03 8.95
N SER C 89 28.05 -3.43 10.13
CA SER C 89 27.47 -2.89 11.35
C SER C 89 28.38 -1.83 11.96
N ASN C 90 29.69 -2.05 11.89
CA ASN C 90 30.69 -1.14 12.43
C ASN C 90 31.97 -1.15 11.59
N PHE C 91 31.78 -0.89 10.30
CA PHE C 91 32.85 -0.85 9.31
C PHE C 91 33.46 0.56 9.16
N LEU C 92 34.69 0.64 8.64
CA LEU C 92 35.36 1.94 8.43
C LEU C 92 35.31 2.36 6.96
N THR C 93 35.15 3.66 6.71
CA THR C 93 35.06 4.18 5.34
C THR C 93 35.85 5.47 5.07
N THR C 94 36.29 5.62 3.83
CA THR C 94 37.05 6.79 3.39
C THR C 94 36.12 7.86 2.83
N VAL C 95 35.97 8.95 3.57
CA VAL C 95 35.11 10.06 3.15
C VAL C 95 35.93 11.06 2.34
N ILE C 96 36.85 10.55 1.54
CA ILE C 96 37.69 11.39 0.70
C ILE C 96 37.06 11.49 -0.68
N GLN C 97 37.22 10.43 -1.48
CA GLN C 97 36.67 10.36 -2.84
C GLN C 97 37.33 11.40 -3.76
N ASN C 98 38.54 11.07 -4.24
CA ASN C 98 39.33 11.93 -5.16
C ASN C 98 39.08 11.47 -6.57
N ASN C 99 39.25 10.14 -6.77
CA ASN C 99 38.96 9.36 -8.00
C ASN C 99 40.15 8.87 -8.82
N ASP C 100 41.37 9.14 -8.38
CA ASP C 100 42.53 8.64 -9.16
C ASP C 100 43.58 7.92 -8.27
N TYR C 101 43.38 7.94 -6.96
CA TYR C 101 44.37 7.32 -6.04
C TYR C 101 44.05 5.88 -5.66
N SER C 102 43.47 5.10 -6.57
CA SER C 102 43.16 3.69 -6.29
C SER C 102 42.12 3.54 -5.16
N PRO C 103 41.79 2.28 -4.80
CA PRO C 103 40.81 2.02 -3.73
C PRO C 103 41.04 2.74 -2.39
N GLY C 104 41.82 2.13 -1.50
CA GLY C 104 42.07 2.74 -0.20
C GLY C 104 43.30 3.63 -0.13
N GLU C 105 43.13 4.82 0.43
CA GLU C 105 44.22 5.79 0.56
C GLU C 105 43.73 7.02 1.32
N ALA C 106 44.66 7.91 1.65
CA ALA C 106 44.40 9.14 2.40
C ALA C 106 43.91 8.82 3.81
N SER C 107 44.64 7.92 4.48
CA SER C 107 44.33 7.50 5.83
C SER C 107 44.91 8.52 6.82
N THR C 108 46.01 9.14 6.43
CA THR C 108 46.70 10.14 7.25
C THR C 108 46.10 11.53 7.05
N GLN C 109 45.63 11.81 5.84
CA GLN C 109 45.05 13.10 5.49
C GLN C 109 43.72 13.35 6.18
N THR C 110 43.57 14.55 6.73
CA THR C 110 42.34 14.93 7.43
C THR C 110 41.60 16.08 6.75
N ILE C 111 40.28 15.97 6.73
CA ILE C 111 39.43 17.00 6.15
C ILE C 111 39.32 18.12 7.18
N ASN C 112 40.14 19.15 7.01
CA ASN C 112 40.16 20.28 7.92
C ASN C 112 38.88 21.10 7.98
N LEU C 113 38.74 21.81 9.09
CA LEU C 113 37.63 22.71 9.39
C LEU C 113 38.29 23.82 10.20
N ASP C 114 37.91 25.07 9.94
CA ASP C 114 38.53 26.20 10.64
C ASP C 114 38.43 26.21 12.17
N ASP C 115 39.41 26.89 12.78
CA ASP C 115 39.53 27.00 14.23
C ASP C 115 38.68 28.16 14.79
N ARG C 116 38.33 29.11 13.93
CA ARG C 116 37.54 30.26 14.32
C ARG C 116 36.03 30.01 14.49
N SER C 117 35.48 29.06 13.73
CA SER C 117 34.05 28.73 13.81
C SER C 117 33.77 27.23 13.69
N HIS C 118 32.81 26.75 14.48
CA HIS C 118 32.46 25.33 14.45
C HIS C 118 31.32 25.05 13.48
N TRP C 119 31.40 23.92 12.77
CA TRP C 119 30.38 23.53 11.81
C TRP C 119 29.26 22.72 12.48
N GLY C 120 28.46 22.03 11.67
CA GLY C 120 27.38 21.23 12.19
C GLY C 120 26.24 21.08 11.20
N GLY C 121 26.37 20.09 10.30
CA GLY C 121 25.35 19.87 9.28
C GLY C 121 24.37 18.74 9.53
N ASP C 122 23.51 18.50 8.54
CA ASP C 122 22.49 17.46 8.61
C ASP C 122 23.06 16.05 8.54
N LEU C 123 22.19 15.05 8.51
CA LEU C 123 22.60 13.65 8.43
C LEU C 123 21.45 12.79 7.91
N LYS C 124 21.19 12.89 6.61
CA LYS C 124 20.12 12.11 5.99
C LYS C 124 20.65 10.76 5.51
N THR C 125 20.59 9.77 6.41
CA THR C 125 21.05 8.42 6.10
C THR C 125 20.05 7.59 5.30
N ILE C 126 20.48 6.42 4.85
CA ILE C 126 19.62 5.51 4.08
C ILE C 126 19.84 4.07 4.53
N LEU C 127 19.13 3.67 5.58
CA LEU C 127 19.24 2.31 6.11
C LEU C 127 18.36 1.31 5.36
N HIS C 128 18.70 0.04 5.49
CA HIS C 128 17.97 -1.05 4.85
C HIS C 128 18.46 -2.40 5.38
N THR C 129 17.62 -3.03 6.20
CA THR C 129 17.96 -4.32 6.79
C THR C 129 17.23 -5.48 6.09
N ASN C 130 17.44 -6.69 6.59
CA ASN C 130 16.79 -7.89 6.05
C ASN C 130 16.60 -8.95 7.13
N MET C 131 16.40 -8.47 8.36
CA MET C 131 16.21 -9.31 9.54
C MET C 131 14.95 -10.18 9.46
N PRO C 132 15.14 -11.52 9.59
CA PRO C 132 14.05 -12.50 9.54
C PRO C 132 13.01 -12.25 10.63
N ASN C 133 11.91 -12.99 10.59
CA ASN C 133 10.85 -12.84 11.58
C ASN C 133 11.28 -13.52 12.88
N VAL C 134 12.01 -14.62 12.76
CA VAL C 134 12.49 -15.38 13.92
C VAL C 134 13.98 -15.70 13.79
N ASN C 135 14.76 -15.36 14.82
CA ASN C 135 16.20 -15.63 14.85
C ASN C 135 16.82 -15.58 16.25
N GLU C 136 18.00 -16.17 16.39
CA GLU C 136 18.71 -16.22 17.68
C GLU C 136 19.09 -14.84 18.22
N PHE C 137 19.24 -13.87 17.33
CA PHE C 137 19.60 -12.51 17.71
C PHE C 137 18.54 -11.80 18.55
N MET C 138 17.35 -11.63 18.00
CA MET C 138 16.24 -10.95 18.68
C MET C 138 15.56 -11.77 19.78
N PHE C 139 16.08 -12.95 20.07
CA PHE C 139 15.53 -13.82 21.10
C PHE C 139 14.07 -14.20 20.84
N THR C 140 13.79 -14.68 19.63
CA THR C 140 12.43 -15.07 19.26
C THR C 140 12.34 -16.55 18.89
N ASN C 141 13.48 -17.23 18.84
CA ASN C 141 13.51 -18.64 18.48
C ASN C 141 13.24 -19.56 19.68
N LYS C 142 13.70 -19.14 20.86
CA LYS C 142 13.52 -19.92 22.07
C LYS C 142 12.36 -19.44 22.95
N PHE C 143 11.75 -20.39 23.65
CA PHE C 143 10.63 -20.10 24.57
C PHE C 143 10.41 -21.30 25.48
N LYS C 144 10.51 -21.08 26.78
CA LYS C 144 10.34 -22.15 27.76
C LYS C 144 8.86 -22.48 27.99
N ALA C 145 8.60 -23.68 28.52
CA ALA C 145 7.25 -24.14 28.79
C ALA C 145 7.27 -25.49 29.51
N ARG C 146 6.88 -25.48 30.78
CA ARG C 146 6.86 -26.71 31.57
C ARG C 146 5.79 -27.68 31.08
N VAL C 147 6.23 -28.80 30.53
CA VAL C 147 5.32 -29.83 30.02
C VAL C 147 5.52 -31.12 30.81
N MET C 148 4.58 -32.04 30.71
CA MET C 148 4.67 -33.31 31.42
C MET C 148 5.85 -34.12 30.90
N VAL C 149 6.57 -34.76 31.82
CA VAL C 149 7.72 -35.57 31.46
C VAL C 149 7.35 -37.05 31.37
N SER C 150 6.78 -37.57 32.45
CA SER C 150 6.37 -38.98 32.50
C SER C 150 5.09 -39.16 33.30
N ARG C 151 4.60 -40.39 33.35
CA ARG C 151 3.37 -40.69 34.08
C ARG C 151 3.09 -42.20 34.08
N LEU C 152 3.72 -42.91 35.02
CA LEU C 152 3.53 -44.35 35.12
C LEU C 152 2.83 -44.72 36.41
N PRO C 153 2.95 -45.98 36.82
CA PRO C 153 2.32 -46.47 38.05
C PRO C 153 3.35 -46.97 39.06
N THR C 154 3.48 -46.29 40.18
CA THR C 154 4.42 -46.67 41.22
C THR C 154 3.86 -46.42 42.61
N LYS C 155 4.26 -47.25 43.56
CA LYS C 155 3.79 -47.12 44.94
C LYS C 155 2.64 -48.07 45.22
N ASP C 156 2.17 -48.75 44.17
CA ASP C 156 1.05 -49.69 44.31
C ASP C 156 -0.22 -49.12 43.71
N ASN C 157 -0.77 -48.10 44.35
CA ASN C 157 -1.99 -47.46 43.89
C ASN C 157 -1.79 -45.99 43.55
N GLN C 158 -0.62 -45.46 43.91
CA GLN C 158 -0.31 -44.07 43.64
C GLN C 158 -0.06 -43.76 42.17
N VAL C 159 -0.12 -42.48 41.83
CA VAL C 159 0.10 -42.02 40.46
C VAL C 159 0.93 -40.74 40.48
N GLU C 160 2.25 -40.88 40.47
CA GLU C 160 3.16 -39.74 40.49
C GLU C 160 3.25 -39.09 39.12
N LEU C 161 3.10 -37.77 39.08
CA LEU C 161 3.18 -37.00 37.85
C LEU C 161 4.32 -35.99 37.92
N LYS C 162 5.29 -36.13 37.02
CA LYS C 162 6.45 -35.24 36.98
C LYS C 162 6.38 -34.20 35.88
N TYR C 163 6.83 -32.99 36.19
CA TYR C 163 6.86 -31.88 35.24
C TYR C 163 8.21 -31.16 35.36
N GLU C 164 8.78 -30.78 34.22
CA GLU C 164 10.07 -30.08 34.21
C GLU C 164 10.18 -29.10 33.05
N TRP C 165 10.59 -27.86 33.37
CA TRP C 165 10.75 -26.80 32.37
C TRP C 165 11.75 -27.18 31.29
N VAL C 166 11.36 -26.99 30.03
CA VAL C 166 12.22 -27.33 28.91
C VAL C 166 12.27 -26.22 27.85
N GLU C 167 13.49 -25.74 27.58
CA GLU C 167 13.72 -24.67 26.61
C GLU C 167 13.59 -25.23 25.19
N PHE C 168 12.67 -24.68 24.40
CA PHE C 168 12.43 -25.10 23.03
C PHE C 168 13.18 -24.22 22.03
N THR C 169 13.37 -24.72 20.81
CA THR C 169 14.06 -23.97 19.76
C THR C 169 13.35 -24.03 18.40
N LEU C 170 13.19 -22.87 17.77
CA LEU C 170 12.55 -22.77 16.46
C LEU C 170 13.55 -22.48 15.35
N PRO C 171 13.24 -22.93 14.11
CA PRO C 171 14.12 -22.70 12.95
C PRO C 171 14.13 -21.26 12.45
N GLU C 172 15.23 -20.91 11.78
CA GLU C 172 15.42 -19.56 11.23
C GLU C 172 14.71 -19.43 9.89
N GLY C 173 13.93 -18.36 9.72
CA GLY C 173 13.25 -18.17 8.46
C GLY C 173 11.75 -17.92 8.48
N ASN C 174 10.98 -19.00 8.50
CA ASN C 174 9.51 -18.95 8.51
C ASN C 174 8.91 -17.72 9.15
N TYR C 175 7.96 -17.11 8.43
CA TYR C 175 7.29 -15.90 8.87
C TYR C 175 5.81 -16.19 9.09
N SER C 176 5.02 -15.12 9.16
CA SER C 176 3.57 -15.19 9.33
C SER C 176 3.20 -15.61 10.74
N GLU C 177 2.31 -14.86 11.38
CA GLU C 177 1.90 -15.16 12.75
C GLU C 177 1.25 -16.53 13.00
N THR C 178 0.47 -17.00 12.05
CA THR C 178 -0.19 -18.30 12.17
C THR C 178 0.86 -19.42 12.10
N MET C 179 1.76 -19.30 11.13
CA MET C 179 2.81 -20.29 10.93
C MET C 179 3.76 -20.42 12.11
N THR C 180 3.94 -19.33 12.85
CA THR C 180 4.82 -19.34 14.02
C THR C 180 4.15 -20.08 15.17
N ILE C 181 2.84 -19.93 15.30
CA ILE C 181 2.08 -20.60 16.35
C ILE C 181 2.16 -22.11 16.17
N ASP C 182 1.94 -22.56 14.93
CA ASP C 182 1.99 -23.98 14.58
C ASP C 182 3.38 -24.57 14.87
N LEU C 183 4.40 -23.73 14.77
CA LEU C 183 5.78 -24.16 15.03
C LEU C 183 6.07 -24.23 16.52
N MET C 184 5.40 -23.37 17.29
CA MET C 184 5.57 -23.34 18.74
C MET C 184 5.02 -24.64 19.32
N ASN C 185 3.96 -25.15 18.68
CA ASN C 185 3.31 -26.39 19.09
C ASN C 185 4.04 -27.59 18.49
N ASN C 186 4.71 -27.36 17.37
CA ASN C 186 5.47 -28.40 16.68
C ASN C 186 6.65 -28.76 17.57
N ALA C 187 7.15 -27.76 18.30
CA ALA C 187 8.28 -27.94 19.21
C ALA C 187 7.81 -28.72 20.45
N ILE C 188 6.54 -28.56 20.81
CA ILE C 188 5.96 -29.24 21.95
C ILE C 188 5.83 -30.73 21.60
N VAL C 189 5.56 -31.01 20.33
CA VAL C 189 5.40 -32.37 19.83
C VAL C 189 6.75 -33.08 19.70
N GLU C 190 7.75 -32.40 19.15
CA GLU C 190 9.08 -32.99 19.01
C GLU C 190 9.69 -33.33 20.36
N HIS C 191 9.27 -32.62 21.40
CA HIS C 191 9.76 -32.88 22.75
C HIS C 191 9.13 -34.17 23.26
N TYR C 192 7.86 -34.36 22.93
CA TYR C 192 7.11 -35.55 23.32
C TYR C 192 7.60 -36.78 22.56
N LEU C 193 8.03 -36.57 21.31
CA LEU C 193 8.53 -37.66 20.47
C LEU C 193 9.99 -38.00 20.77
N LYS C 194 10.47 -37.61 21.94
CA LYS C 194 11.84 -37.87 22.34
C LYS C 194 11.96 -38.12 23.84
N VAL C 195 10.94 -37.73 24.58
CA VAL C 195 10.92 -37.90 26.04
C VAL C 195 9.57 -38.44 26.50
N GLY C 196 8.49 -37.87 25.96
CA GLY C 196 7.15 -38.25 26.34
C GLY C 196 6.69 -39.69 26.16
N ARG C 197 6.37 -40.08 24.93
CA ARG C 197 5.87 -41.42 24.63
C ARG C 197 6.76 -42.59 25.04
N GLN C 198 8.04 -42.33 25.32
CA GLN C 198 8.94 -43.41 25.72
C GLN C 198 8.97 -43.67 27.23
N ASN C 199 8.61 -42.66 28.01
CA ASN C 199 8.58 -42.80 29.47
C ASN C 199 7.22 -43.20 30.03
N GLY C 200 6.19 -42.42 29.73
CA GLY C 200 4.87 -42.75 30.24
C GLY C 200 3.66 -41.97 29.75
N VAL C 201 3.76 -40.63 29.74
CA VAL C 201 2.68 -39.76 29.32
C VAL C 201 2.06 -40.12 27.95
N LEU C 202 0.73 -40.07 27.88
CA LEU C 202 -0.01 -40.39 26.67
C LEU C 202 -0.09 -39.21 25.69
N GLU C 203 -0.80 -39.43 24.58
CA GLU C 203 -0.98 -38.39 23.56
C GLU C 203 -2.15 -37.49 23.96
N SER C 204 -2.88 -37.92 24.98
CA SER C 204 -4.04 -37.19 25.48
C SER C 204 -3.69 -36.04 26.41
N ASP C 205 -2.97 -36.35 27.49
CA ASP C 205 -2.58 -35.33 28.46
C ASP C 205 -1.29 -34.57 28.13
N ILE C 206 -1.24 -33.99 26.93
CA ILE C 206 -0.08 -33.22 26.50
C ILE C 206 -0.21 -31.77 26.98
N GLY C 207 0.67 -31.39 27.90
CA GLY C 207 0.64 -30.04 28.44
C GLY C 207 1.09 -28.97 27.45
N VAL C 208 0.53 -27.77 27.59
CA VAL C 208 0.84 -26.62 26.74
C VAL C 208 0.38 -26.79 25.30
N LYS C 209 -0.45 -25.85 24.84
CA LYS C 209 -0.99 -25.88 23.48
C LYS C 209 -1.52 -24.49 23.12
N PHE C 210 -0.95 -23.88 22.08
CA PHE C 210 -1.34 -22.54 21.63
C PHE C 210 -2.51 -22.60 20.66
N ASP C 211 -3.56 -21.82 20.93
CA ASP C 211 -4.74 -21.79 20.07
C ASP C 211 -5.07 -20.37 19.59
N THR C 212 -6.26 -20.21 19.00
CA THR C 212 -6.71 -18.92 18.47
C THR C 212 -8.22 -18.68 18.58
N ARG C 213 -9.00 -19.76 18.71
CA ARG C 213 -10.45 -19.64 18.79
C ARG C 213 -11.05 -19.49 20.19
N ASN C 214 -12.30 -19.04 20.21
CA ASN C 214 -13.05 -18.84 21.45
C ASN C 214 -13.79 -20.12 21.80
N PHE C 215 -13.46 -20.71 22.94
CA PHE C 215 -14.09 -21.95 23.39
C PHE C 215 -15.31 -21.70 24.30
N ARG C 216 -16.18 -20.77 23.91
CA ARG C 216 -17.37 -20.46 24.71
C ARG C 216 -18.51 -19.78 23.94
N LEU C 217 -18.46 -19.83 22.61
CA LEU C 217 -19.51 -19.20 21.79
C LEU C 217 -20.78 -20.04 21.65
N GLY C 218 -20.64 -21.36 21.72
CA GLY C 218 -21.79 -22.23 21.60
C GLY C 218 -22.33 -22.66 22.96
N PHE C 219 -21.68 -22.19 24.02
CA PHE C 219 -22.03 -22.49 25.40
C PHE C 219 -23.38 -21.94 25.81
N ASP C 220 -24.24 -22.82 26.35
CA ASP C 220 -25.57 -22.41 26.81
C ASP C 220 -25.51 -22.27 28.33
N PRO C 221 -26.10 -21.20 28.88
CA PRO C 221 -26.13 -20.94 30.33
C PRO C 221 -27.00 -21.90 31.15
N VAL C 222 -27.68 -22.82 30.48
CA VAL C 222 -28.55 -23.78 31.16
C VAL C 222 -27.90 -25.16 31.29
N THR C 223 -27.68 -25.81 30.16
CA THR C 223 -27.07 -27.14 30.12
C THR C 223 -25.60 -27.09 30.58
N GLY C 224 -24.88 -26.05 30.17
CA GLY C 224 -23.49 -25.90 30.55
C GLY C 224 -22.51 -26.54 29.58
N LEU C 225 -23.01 -27.04 28.46
CA LEU C 225 -22.16 -27.67 27.45
C LEU C 225 -22.29 -26.99 26.10
N VAL C 226 -21.25 -27.12 25.27
CA VAL C 226 -21.24 -26.53 23.94
C VAL C 226 -22.27 -27.31 23.09
N MET C 227 -23.46 -26.72 22.94
CA MET C 227 -24.55 -27.32 22.20
C MET C 227 -24.26 -27.78 20.75
N PRO C 228 -23.46 -27.01 20.00
CA PRO C 228 -23.15 -27.41 18.62
C PRO C 228 -22.47 -28.79 18.53
N GLY C 229 -21.98 -29.27 19.67
CA GLY C 229 -21.30 -30.55 19.71
C GLY C 229 -19.89 -30.47 19.16
N VAL C 230 -19.55 -29.29 18.64
CA VAL C 230 -18.23 -29.01 18.06
C VAL C 230 -17.94 -27.54 18.32
N TYR C 231 -16.75 -27.24 18.81
CA TYR C 231 -16.34 -25.87 19.08
C TYR C 231 -16.41 -25.07 17.78
N THR C 232 -16.94 -23.85 17.87
CA THR C 232 -17.07 -23.00 16.70
C THR C 232 -15.73 -22.81 15.99
N ASN C 233 -15.70 -23.15 14.70
CA ASN C 233 -14.50 -23.06 13.88
C ASN C 233 -14.32 -21.65 13.30
N GLU C 234 -13.77 -20.74 14.11
CA GLU C 234 -13.56 -19.37 13.70
C GLU C 234 -12.63 -18.68 14.70
N ALA C 235 -11.38 -18.44 14.27
CA ALA C 235 -10.38 -17.79 15.12
C ALA C 235 -10.71 -16.36 15.50
N PHE C 236 -10.28 -15.97 16.70
CA PHE C 236 -10.51 -14.62 17.23
C PHE C 236 -9.21 -13.94 17.65
N HIS C 237 -8.44 -14.62 18.50
CA HIS C 237 -7.18 -14.10 19.01
C HIS C 237 -6.37 -15.17 19.75
N PRO C 238 -5.07 -15.30 19.41
CA PRO C 238 -4.13 -16.26 19.99
C PRO C 238 -3.99 -16.20 21.51
N ASP C 239 -3.73 -17.35 22.13
CA ASP C 239 -3.59 -17.46 23.58
C ASP C 239 -2.70 -18.64 23.99
N ILE C 240 -2.91 -19.15 25.19
CA ILE C 240 -2.15 -20.28 25.72
C ILE C 240 -2.96 -21.21 26.60
N ILE C 241 -3.33 -22.37 26.06
CA ILE C 241 -4.09 -23.37 26.80
C ILE C 241 -3.12 -24.15 27.67
N LEU C 242 -3.50 -24.44 28.91
CA LEU C 242 -2.64 -25.18 29.82
C LEU C 242 -3.36 -26.28 30.59
N LEU C 243 -2.62 -27.32 30.95
CA LEU C 243 -3.15 -28.46 31.71
C LEU C 243 -2.64 -28.38 33.15
N PRO C 244 -3.19 -29.21 34.05
CA PRO C 244 -2.77 -29.22 35.46
C PRO C 244 -1.25 -29.29 35.68
N GLY C 245 -0.74 -28.29 36.39
CA GLY C 245 0.68 -28.23 36.68
C GLY C 245 1.61 -28.03 35.50
N CYS C 246 1.37 -27.00 34.71
CA CYS C 246 2.21 -26.70 33.56
C CYS C 246 1.93 -25.29 33.02
N GLY C 247 2.99 -24.59 32.67
CA GLY C 247 2.84 -23.23 32.16
C GLY C 247 3.83 -22.87 31.06
N VAL C 248 4.00 -21.58 30.83
CA VAL C 248 4.92 -21.09 29.81
C VAL C 248 5.73 -19.88 30.28
N ASP C 249 7.05 -19.97 30.11
CA ASP C 249 7.97 -18.92 30.50
C ASP C 249 8.21 -17.98 29.31
N PHE C 250 8.26 -16.68 29.59
CA PHE C 250 8.49 -15.67 28.55
C PHE C 250 9.38 -14.53 29.04
N THR C 251 10.25 -14.80 30.00
CA THR C 251 11.16 -13.80 30.54
C THR C 251 12.25 -13.50 29.50
N HIS C 252 12.62 -14.52 28.74
CA HIS C 252 13.66 -14.39 27.71
C HIS C 252 13.08 -14.74 26.35
N SER C 253 11.89 -14.24 26.07
CA SER C 253 11.21 -14.50 24.80
C SER C 253 10.31 -13.33 24.41
N ARG C 254 10.42 -12.90 23.16
CA ARG C 254 9.60 -11.80 22.64
C ARG C 254 8.38 -12.35 21.92
N LEU C 255 8.23 -13.67 21.96
CA LEU C 255 7.10 -14.35 21.31
C LEU C 255 5.80 -14.16 22.10
N SER C 256 5.90 -13.53 23.26
CA SER C 256 4.74 -13.29 24.11
C SER C 256 3.94 -12.15 23.47
N ASN C 257 4.64 -11.13 22.99
CA ASN C 257 4.01 -9.98 22.34
C ASN C 257 3.30 -10.37 21.05
N LEU C 258 3.88 -11.34 20.34
CA LEU C 258 3.32 -11.83 19.08
C LEU C 258 1.92 -12.43 19.27
N LEU C 259 1.74 -13.15 20.36
CA LEU C 259 0.46 -13.77 20.68
C LEU C 259 -0.56 -12.71 21.09
N GLY C 260 -0.06 -11.54 21.50
CA GLY C 260 -0.92 -10.46 21.92
C GLY C 260 -1.21 -10.53 23.40
N ILE C 261 -0.18 -10.85 24.18
CA ILE C 261 -0.30 -10.98 25.63
C ILE C 261 0.79 -10.19 26.35
N ARG C 262 0.51 -8.93 26.69
CA ARG C 262 1.47 -8.09 27.40
C ARG C 262 1.04 -7.87 28.84
N LYS C 263 1.99 -7.53 29.70
CA LYS C 263 1.69 -7.28 31.10
C LYS C 263 1.40 -5.78 31.26
N ARG C 264 0.47 -5.43 32.15
CA ARG C 264 0.13 -4.03 32.39
C ARG C 264 1.31 -3.25 32.99
N GLN C 265 2.27 -4.00 33.54
CA GLN C 265 3.46 -3.41 34.13
C GLN C 265 4.68 -4.18 33.58
N PRO C 266 5.07 -3.89 32.33
CA PRO C 266 6.20 -4.54 31.65
C PRO C 266 7.58 -4.27 32.26
N PHE C 267 7.65 -3.31 33.18
CA PHE C 267 8.92 -2.98 33.82
C PHE C 267 9.40 -4.00 34.85
N GLN C 268 8.54 -4.96 35.18
CA GLN C 268 8.88 -6.00 36.14
C GLN C 268 9.30 -7.28 35.41
N GLU C 269 10.56 -7.67 35.60
CA GLU C 269 11.09 -8.87 34.95
C GLU C 269 10.51 -10.18 35.49
N GLY C 270 10.05 -11.02 34.57
CA GLY C 270 9.46 -12.30 34.93
C GLY C 270 8.05 -12.46 34.41
N PHE C 271 7.91 -12.96 33.18
CA PHE C 271 6.61 -13.16 32.56
C PHE C 271 6.12 -14.60 32.76
N ARG C 272 6.14 -15.07 33.99
CA ARG C 272 5.67 -16.41 34.30
C ARG C 272 4.15 -16.45 34.38
N ILE C 273 3.55 -17.45 33.73
CA ILE C 273 2.11 -17.61 33.75
C ILE C 273 1.76 -19.10 33.80
N THR C 274 1.68 -19.62 35.02
CA THR C 274 1.37 -21.02 35.26
C THR C 274 -0.14 -21.31 35.15
N TYR C 275 -0.50 -22.56 35.39
CA TYR C 275 -1.88 -23.03 35.35
C TYR C 275 -2.66 -22.56 36.58
N ASP C 276 -1.96 -22.40 37.71
CA ASP C 276 -2.58 -21.96 38.96
C ASP C 276 -3.11 -20.53 38.90
N ASP C 277 -2.57 -19.74 37.96
CA ASP C 277 -2.99 -18.34 37.81
C ASP C 277 -4.20 -18.14 36.89
N LEU C 278 -4.57 -19.17 36.14
CA LEU C 278 -5.70 -19.09 35.22
C LEU C 278 -7.04 -19.56 35.82
N GLU C 279 -7.28 -19.23 37.09
CA GLU C 279 -8.52 -19.61 37.77
C GLU C 279 -9.73 -18.92 37.14
N GLY C 280 -10.81 -19.66 36.98
CA GLY C 280 -12.03 -19.09 36.41
C GLY C 280 -12.08 -19.00 34.90
N GLY C 281 -11.62 -20.04 34.21
CA GLY C 281 -11.62 -20.05 32.76
C GLY C 281 -11.63 -21.45 32.18
N ASN C 282 -12.37 -22.35 32.82
CA ASN C 282 -12.47 -23.74 32.39
C ASN C 282 -13.17 -23.85 31.04
N ILE C 283 -12.58 -24.59 30.11
CA ILE C 283 -13.15 -24.79 28.79
C ILE C 283 -14.37 -25.71 28.88
N PRO C 284 -15.56 -25.19 28.53
CA PRO C 284 -16.80 -25.96 28.57
C PRO C 284 -16.73 -27.16 27.63
N ALA C 285 -17.02 -28.34 28.16
CA ALA C 285 -16.99 -29.58 27.39
C ALA C 285 -18.08 -29.61 26.32
N LEU C 286 -17.88 -30.46 25.31
CA LEU C 286 -18.83 -30.61 24.21
C LEU C 286 -20.06 -31.42 24.62
N LEU C 287 -21.08 -31.37 23.78
CA LEU C 287 -22.33 -32.08 24.01
C LEU C 287 -22.39 -33.36 23.17
N ASP C 288 -22.88 -34.45 23.77
CA ASP C 288 -23.01 -35.73 23.09
C ASP C 288 -24.11 -35.56 22.03
N VAL C 289 -23.72 -35.30 20.80
CA VAL C 289 -24.65 -35.08 19.70
C VAL C 289 -25.30 -36.35 19.15
N ASP C 290 -24.52 -37.41 18.97
CA ASP C 290 -25.04 -38.68 18.47
C ASP C 290 -25.99 -39.37 19.45
N ALA C 291 -26.09 -38.83 20.66
CA ALA C 291 -26.96 -39.39 21.68
C ALA C 291 -28.20 -38.52 21.90
N TYR C 292 -28.06 -37.22 21.65
CA TYR C 292 -29.16 -36.28 21.81
C TYR C 292 -30.28 -36.47 20.79
N GLN C 293 -29.91 -36.56 19.51
CA GLN C 293 -30.87 -36.75 18.45
C GLN C 293 -31.35 -38.20 18.32
N ALA C 294 -30.50 -39.13 18.77
CA ALA C 294 -30.83 -40.55 18.73
C ALA C 294 -31.94 -40.92 19.70
N SER C 295 -31.82 -40.45 20.94
CA SER C 295 -32.81 -40.72 21.97
C SER C 295 -34.16 -40.13 21.56
N LEU C 296 -34.14 -38.87 21.13
CA LEU C 296 -35.34 -38.17 20.70
C LEU C 296 -35.97 -38.85 19.49
N LYS C 375 -37.52 -37.30 29.23
CA LYS C 375 -36.11 -37.16 29.51
C LYS C 375 -35.26 -36.93 28.25
N LYS C 376 -34.09 -36.34 28.44
CA LYS C 376 -33.16 -36.07 27.36
C LYS C 376 -31.73 -36.23 27.89
N PRO C 377 -30.80 -36.66 27.03
CA PRO C 377 -29.39 -36.85 27.41
C PRO C 377 -28.77 -35.57 27.96
N VAL C 378 -28.80 -34.51 27.13
CA VAL C 378 -28.26 -33.19 27.44
C VAL C 378 -27.11 -33.08 28.46
N ILE C 379 -27.43 -33.28 29.73
CA ILE C 379 -26.44 -33.19 30.81
C ILE C 379 -25.15 -33.99 30.54
N LYS C 380 -25.29 -35.17 29.95
CA LYS C 380 -24.14 -36.03 29.64
C LYS C 380 -23.17 -35.40 28.64
N PRO C 381 -21.95 -35.07 29.09
CA PRO C 381 -20.92 -34.48 28.23
C PRO C 381 -20.18 -35.53 27.41
N LEU C 382 -19.42 -35.08 26.42
CA LEU C 382 -18.66 -35.97 25.55
C LEU C 382 -17.33 -36.32 26.23
N THR C 383 -17.16 -37.59 26.56
CA THR C 383 -15.94 -38.05 27.22
C THR C 383 -14.90 -38.46 26.16
N GLU C 384 -15.20 -39.54 25.44
CA GLU C 384 -14.31 -40.06 24.40
C GLU C 384 -14.77 -39.62 23.01
N ASP C 385 -14.08 -40.09 21.98
CA ASP C 385 -14.39 -39.76 20.59
C ASP C 385 -13.74 -40.80 19.66
N SER C 386 -13.38 -40.39 18.44
CA SER C 386 -12.74 -41.30 17.50
C SER C 386 -11.30 -41.59 17.97
N LYS C 387 -10.93 -42.87 17.90
CA LYS C 387 -9.62 -43.36 18.34
C LYS C 387 -9.54 -43.43 19.87
N LYS C 388 -10.52 -42.82 20.53
CA LYS C 388 -10.64 -42.76 21.98
C LYS C 388 -9.54 -41.97 22.69
N ARG C 389 -9.88 -40.73 23.07
CA ARG C 389 -8.96 -39.83 23.76
C ARG C 389 -9.78 -38.98 24.73
N SER C 390 -9.71 -39.31 26.02
CA SER C 390 -10.48 -38.57 27.03
C SER C 390 -10.10 -37.09 27.18
N TYR C 391 -11.13 -36.24 27.22
CA TYR C 391 -10.96 -34.79 27.34
C TYR C 391 -10.46 -34.34 28.72
N ASN C 392 -10.24 -35.30 29.62
CA ASN C 392 -9.76 -35.02 30.97
C ASN C 392 -10.74 -34.21 31.83
N LEU C 393 -11.91 -34.79 32.09
CA LEU C 393 -12.92 -34.13 32.90
C LEU C 393 -12.51 -34.16 34.37
N ILE C 394 -12.77 -33.05 35.07
CA ILE C 394 -12.42 -32.93 36.48
C ILE C 394 -13.10 -33.99 37.36
N SER C 395 -14.31 -34.39 36.97
CA SER C 395 -15.07 -35.41 37.69
C SER C 395 -16.20 -36.00 36.83
N ASN C 396 -16.94 -36.93 37.41
CA ASN C 396 -18.04 -37.58 36.69
C ASN C 396 -19.35 -36.81 36.73
N ASP C 397 -19.41 -35.76 37.54
CA ASP C 397 -20.62 -34.95 37.68
C ASP C 397 -20.58 -33.57 36.99
N SER C 398 -19.49 -32.84 37.18
CA SER C 398 -19.34 -31.52 36.59
C SER C 398 -19.26 -31.48 35.06
N THR C 399 -19.40 -30.28 34.50
CA THR C 399 -19.38 -30.07 33.06
C THR C 399 -18.05 -29.58 32.48
N PHE C 400 -17.25 -28.90 33.29
CA PHE C 400 -15.97 -28.36 32.83
C PHE C 400 -14.84 -29.39 32.77
N THR C 401 -13.80 -29.07 32.01
CA THR C 401 -12.63 -29.96 31.87
C THR C 401 -11.43 -29.39 32.62
N GLN C 402 -10.29 -30.05 32.49
CA GLN C 402 -9.05 -29.60 33.16
C GLN C 402 -8.20 -28.74 32.23
N TYR C 403 -8.84 -28.17 31.21
CA TYR C 403 -8.16 -27.31 30.23
C TYR C 403 -8.40 -25.82 30.48
N ARG C 404 -7.47 -25.19 31.19
CA ARG C 404 -7.60 -23.76 31.48
C ARG C 404 -7.20 -22.93 30.25
N SER C 405 -8.08 -22.02 29.85
CA SER C 405 -7.87 -21.16 28.69
C SER C 405 -7.52 -19.74 29.14
N TRP C 406 -6.69 -19.06 28.36
CA TRP C 406 -6.27 -17.69 28.66
C TRP C 406 -7.30 -16.67 28.16
N TYR C 407 -7.85 -16.90 26.97
CA TYR C 407 -8.84 -16.01 26.38
C TYR C 407 -10.11 -15.97 27.23
N LEU C 408 -10.46 -17.10 27.81
CA LEU C 408 -11.65 -17.22 28.65
C LEU C 408 -11.42 -16.62 30.03
N ALA C 409 -10.16 -16.59 30.47
CA ALA C 409 -9.83 -16.04 31.78
C ALA C 409 -9.74 -14.52 31.75
N TYR C 410 -9.71 -13.94 30.55
CA TYR C 410 -9.62 -12.50 30.38
C TYR C 410 -10.96 -11.78 30.56
N ASN C 411 -11.78 -11.74 29.53
CA ASN C 411 -13.07 -11.06 29.62
C ASN C 411 -14.26 -11.90 30.08
N TYR C 412 -14.00 -13.13 30.52
CA TYR C 412 -15.07 -14.00 30.99
C TYR C 412 -14.96 -14.36 32.48
N GLY C 413 -13.77 -14.18 33.05
CA GLY C 413 -13.56 -14.48 34.46
C GLY C 413 -13.93 -13.29 35.35
N ASP C 414 -13.34 -13.23 36.54
CA ASP C 414 -13.60 -12.13 37.46
C ASP C 414 -12.52 -11.07 37.26
N PRO C 415 -12.92 -9.90 36.73
CA PRO C 415 -12.04 -8.75 36.45
C PRO C 415 -11.40 -8.05 37.65
N GLN C 416 -11.58 -8.60 38.86
CA GLN C 416 -11.00 -7.99 40.05
C GLN C 416 -9.83 -8.75 40.67
N THR C 417 -9.73 -10.04 40.40
CA THR C 417 -8.65 -10.87 40.93
C THR C 417 -8.18 -11.95 39.95
N GLY C 418 -8.65 -11.86 38.71
CA GLY C 418 -8.28 -12.83 37.70
C GLY C 418 -7.02 -12.43 36.94
N ILE C 419 -6.90 -12.92 35.71
CA ILE C 419 -5.74 -12.62 34.87
C ILE C 419 -5.81 -11.21 34.30
N ARG C 420 -7.04 -10.70 34.14
CA ARG C 420 -7.28 -9.36 33.59
C ARG C 420 -6.75 -8.26 34.52
N SER C 421 -6.06 -8.66 35.58
CA SER C 421 -5.52 -7.71 36.55
C SER C 421 -4.09 -7.29 36.19
N TRP C 422 -3.32 -8.21 35.61
CA TRP C 422 -1.94 -7.92 35.22
C TRP C 422 -1.58 -8.12 33.76
N THR C 423 -2.54 -8.57 32.95
CA THR C 423 -2.29 -8.78 31.52
C THR C 423 -3.07 -7.77 30.67
N LEU C 424 -3.05 -7.95 29.36
CA LEU C 424 -3.73 -7.03 28.45
C LEU C 424 -3.92 -7.63 27.06
N LEU C 425 -5.13 -7.52 26.53
CA LEU C 425 -5.46 -8.04 25.20
C LEU C 425 -5.07 -7.03 24.13
N CYS C 426 -3.83 -7.16 23.63
CA CYS C 426 -3.33 -6.25 22.61
C CYS C 426 -3.34 -6.87 21.21
N THR C 427 -3.00 -6.06 20.22
CA THR C 427 -2.94 -6.52 18.83
C THR C 427 -1.70 -7.40 18.69
N PRO C 428 -1.81 -8.52 17.95
CA PRO C 428 -0.71 -9.45 17.74
C PRO C 428 0.65 -8.81 17.43
N ASP C 429 0.74 -8.12 16.29
CA ASP C 429 1.98 -7.47 15.85
C ASP C 429 3.07 -8.53 15.68
N VAL C 430 3.43 -8.83 14.43
CA VAL C 430 4.43 -9.84 14.14
C VAL C 430 5.87 -9.43 14.45
N THR C 431 6.19 -8.16 14.24
CA THR C 431 7.54 -7.64 14.46
C THR C 431 8.05 -7.80 15.90
N CYS C 432 7.16 -8.18 16.82
CA CYS C 432 7.49 -8.39 18.22
C CYS C 432 7.77 -7.13 19.04
N GLY C 433 7.99 -6.01 18.36
CA GLY C 433 8.28 -4.77 19.06
C GLY C 433 8.91 -3.68 18.23
N SER C 434 8.57 -2.43 18.55
CA SER C 434 9.11 -1.27 17.85
C SER C 434 10.42 -0.79 18.49
N GLU C 435 11.39 -1.69 18.59
CA GLU C 435 12.69 -1.37 19.17
C GLU C 435 13.51 -0.50 18.23
N GLN C 436 13.94 0.66 18.73
CA GLN C 436 14.72 1.62 17.97
C GLN C 436 16.24 1.51 18.08
N VAL C 437 16.91 1.47 16.93
CA VAL C 437 18.37 1.38 16.88
C VAL C 437 19.03 2.73 17.13
N TYR C 438 20.35 2.72 17.27
CA TYR C 438 21.12 3.91 17.53
C TYR C 438 22.19 4.14 16.45
N TRP C 439 22.45 5.41 16.15
CA TRP C 439 23.46 5.77 15.17
C TRP C 439 24.55 6.56 15.87
N SER C 440 25.75 6.54 15.29
CA SER C 440 26.88 7.26 15.85
C SER C 440 28.00 7.41 14.84
N LEU C 441 28.80 8.45 15.04
CA LEU C 441 29.95 8.75 14.20
C LEU C 441 30.93 9.44 15.15
N PRO C 442 31.70 8.64 15.90
CA PRO C 442 32.70 9.13 16.88
C PRO C 442 33.79 10.05 16.35
N ASP C 443 34.45 9.65 15.26
CA ASP C 443 35.53 10.45 14.69
C ASP C 443 35.08 11.65 13.85
N MET C 444 33.85 12.10 14.03
CA MET C 444 33.34 13.24 13.27
C MET C 444 32.37 14.14 14.03
N MET C 445 31.33 13.55 14.60
CA MET C 445 30.33 14.32 15.34
C MET C 445 30.72 14.51 16.80
N GLN C 446 30.53 15.72 17.32
CA GLN C 446 30.85 16.03 18.71
C GLN C 446 30.02 15.20 19.70
N ASP C 447 30.53 15.05 20.91
CA ASP C 447 29.85 14.30 21.97
C ASP C 447 28.52 14.97 22.33
N PRO C 448 27.40 14.29 22.09
CA PRO C 448 26.06 14.80 22.39
C PRO C 448 25.72 14.99 23.86
N VAL C 449 25.89 16.23 24.33
CA VAL C 449 25.61 16.64 25.71
C VAL C 449 26.30 15.88 26.85
N THR C 450 25.75 14.76 27.29
CA THR C 450 26.36 14.00 28.38
C THR C 450 27.23 12.80 28.02
N PHE C 451 27.29 12.46 26.73
CA PHE C 451 28.09 11.33 26.26
C PHE C 451 29.59 11.59 26.42
N ARG C 452 30.36 10.53 26.64
CA ARG C 452 31.81 10.64 26.81
C ARG C 452 32.62 9.83 25.79
N SER C 453 33.87 10.24 25.57
CA SER C 453 34.75 9.58 24.62
C SER C 453 35.32 8.25 25.12
N THR C 454 35.32 7.26 24.24
CA THR C 454 35.84 5.92 24.56
C THR C 454 35.98 5.11 23.26
N ARG C 455 36.54 3.91 23.37
CA ARG C 455 36.71 3.05 22.21
C ARG C 455 36.14 1.64 22.40
N GLN C 456 34.81 1.53 22.35
CA GLN C 456 34.12 0.25 22.49
C GLN C 456 32.79 0.30 21.74
N ILE C 457 32.47 -0.78 21.04
CA ILE C 457 31.23 -0.88 20.27
C ILE C 457 29.99 -1.10 21.13
N SER C 458 30.10 -0.81 22.42
CA SER C 458 28.97 -0.98 23.34
C SER C 458 28.70 0.28 24.17
N ASN C 459 29.23 1.42 23.73
CA ASN C 459 29.04 2.68 24.44
C ASN C 459 29.44 3.89 23.59
N PHE C 460 29.25 3.78 22.28
CA PHE C 460 29.59 4.88 21.37
C PHE C 460 28.59 6.03 21.49
N PRO C 461 29.07 7.28 21.41
CA PRO C 461 28.24 8.49 21.50
C PRO C 461 27.16 8.57 20.41
N VAL C 462 25.92 8.34 20.81
CA VAL C 462 24.79 8.36 19.88
C VAL C 462 24.45 9.75 19.34
N VAL C 463 24.41 9.86 18.02
CA VAL C 463 24.10 11.12 17.35
C VAL C 463 22.60 11.25 17.05
N GLY C 464 21.96 10.13 16.72
CA GLY C 464 20.53 10.15 16.42
C GLY C 464 19.91 8.78 16.29
N ALA C 465 18.78 8.57 16.97
CA ALA C 465 18.08 7.28 16.94
C ALA C 465 16.97 7.17 15.89
N GLU C 466 16.88 6.01 15.26
CA GLU C 466 15.86 5.72 14.25
C GLU C 466 15.18 4.39 14.57
N LEU C 467 13.96 4.20 14.06
CA LEU C 467 13.23 2.96 14.28
C LEU C 467 13.62 1.93 13.23
N LEU C 468 13.90 0.70 13.68
CA LEU C 468 14.30 -0.39 12.78
C LEU C 468 13.34 -0.52 11.59
N PRO C 469 13.88 -0.53 10.36
CA PRO C 469 13.14 -0.63 9.10
C PRO C 469 12.32 -1.91 8.88
N VAL C 470 11.56 -2.32 9.89
CA VAL C 470 10.73 -3.51 9.78
C VAL C 470 9.29 -3.04 9.89
N HIS C 471 8.46 -3.42 8.93
CA HIS C 471 7.06 -3.02 8.96
C HIS C 471 6.07 -4.18 9.04
N SER C 472 4.79 -3.83 9.05
CA SER C 472 3.68 -4.77 9.12
C SER C 472 2.81 -4.63 7.87
N LYS C 473 2.69 -5.70 7.10
CA LYS C 473 1.89 -5.68 5.88
C LYS C 473 0.53 -6.38 6.02
N SER C 474 -0.52 -5.58 6.23
CA SER C 474 -1.88 -6.12 6.38
C SER C 474 -2.39 -6.76 5.08
N PHE C 475 -2.82 -8.02 5.17
CA PHE C 475 -3.35 -8.75 4.02
C PHE C 475 -4.84 -9.05 4.22
N TYR C 476 -5.34 -10.07 3.52
CA TYR C 476 -6.75 -10.46 3.61
C TYR C 476 -6.95 -11.81 2.93
N ASN C 477 -7.08 -12.88 3.72
CA ASN C 477 -7.30 -14.21 3.15
C ASN C 477 -8.65 -14.79 3.54
N ASP C 478 -9.64 -14.55 2.68
CA ASP C 478 -11.00 -15.06 2.88
C ASP C 478 -10.99 -16.58 2.70
N GLN C 479 -9.87 -17.10 2.22
CA GLN C 479 -9.72 -18.53 2.00
C GLN C 479 -9.45 -19.25 3.33
N ALA C 480 -9.16 -18.48 4.37
CA ALA C 480 -8.88 -19.04 5.68
C ALA C 480 -9.92 -20.08 6.07
N VAL C 481 -9.57 -20.93 7.03
CA VAL C 481 -10.47 -21.98 7.48
C VAL C 481 -10.82 -22.94 6.35
N TYR C 482 -11.06 -22.38 5.17
CA TYR C 482 -11.38 -23.19 4.00
C TYR C 482 -10.12 -23.66 3.29
N SER C 483 -9.03 -22.93 3.48
CA SER C 483 -7.76 -23.28 2.87
C SER C 483 -7.11 -24.32 3.76
N GLN C 484 -7.49 -24.30 5.04
CA GLN C 484 -6.98 -25.24 6.04
C GLN C 484 -7.42 -26.65 5.63
N LEU C 485 -8.68 -26.76 5.22
CA LEU C 485 -9.27 -28.01 4.79
C LEU C 485 -8.68 -28.48 3.45
N ILE C 486 -7.95 -27.59 2.80
CA ILE C 486 -7.33 -27.88 1.52
C ILE C 486 -5.80 -28.03 1.63
N ARG C 487 -5.19 -27.31 2.56
CA ARG C 487 -3.75 -27.37 2.76
C ARG C 487 -3.30 -28.74 3.25
N GLN C 488 -4.23 -29.47 3.87
CA GLN C 488 -3.95 -30.82 4.37
C GLN C 488 -3.78 -31.77 3.17
N PHE C 489 -4.12 -31.28 2.00
CA PHE C 489 -4.01 -32.05 0.77
C PHE C 489 -2.90 -31.53 -0.14
N THR C 490 -2.61 -30.24 -0.02
CA THR C 490 -1.53 -29.62 -0.78
C THR C 490 -0.22 -30.22 -0.25
N SER C 491 -0.10 -30.29 1.07
CA SER C 491 1.08 -30.87 1.70
C SER C 491 0.87 -32.39 1.74
N LEU C 492 1.97 -33.14 1.72
CA LEU C 492 1.89 -34.60 1.72
C LEU C 492 1.79 -35.27 3.09
N THR C 493 2.11 -34.53 4.15
CA THR C 493 2.05 -35.07 5.50
C THR C 493 1.49 -34.07 6.50
N HIS C 494 0.49 -34.50 7.26
CA HIS C 494 -0.12 -33.65 8.28
C HIS C 494 0.83 -33.58 9.47
N VAL C 495 1.76 -32.63 9.42
CA VAL C 495 2.74 -32.46 10.48
C VAL C 495 2.10 -31.72 11.66
N PHE C 496 1.57 -30.54 11.38
CA PHE C 496 0.93 -29.71 12.41
C PHE C 496 -0.35 -30.36 12.93
N ASN C 497 -1.19 -30.82 12.01
CA ASN C 497 -2.45 -31.46 12.35
C ASN C 497 -2.28 -32.97 12.55
N ARG C 498 -1.55 -33.36 13.60
CA ARG C 498 -1.35 -34.78 13.89
C ARG C 498 -2.54 -35.40 14.58
N PHE C 499 -3.38 -34.55 15.17
CA PHE C 499 -4.58 -35.01 15.88
C PHE C 499 -5.80 -34.31 15.28
N PRO C 500 -6.27 -34.78 14.12
CA PRO C 500 -7.44 -34.20 13.44
C PRO C 500 -8.77 -34.68 14.04
N GLU C 501 -8.67 -35.47 15.10
CA GLU C 501 -9.84 -36.00 15.79
C GLU C 501 -10.20 -35.15 17.01
N ASN C 502 -9.23 -34.95 17.90
CA ASN C 502 -9.42 -34.17 19.12
C ASN C 502 -9.80 -32.71 18.84
N GLN C 503 -10.82 -32.23 19.53
CA GLN C 503 -11.32 -30.87 19.37
C GLN C 503 -10.55 -29.82 20.19
N ILE C 504 -9.40 -30.20 20.75
CA ILE C 504 -8.58 -29.28 21.54
C ILE C 504 -7.12 -29.36 21.11
N LEU C 505 -6.66 -30.57 20.78
CA LEU C 505 -5.27 -30.78 20.36
C LEU C 505 -5.12 -30.71 18.84
N ALA C 506 -6.13 -30.16 18.17
CA ALA C 506 -6.10 -30.04 16.71
C ALA C 506 -5.24 -28.87 16.23
N ARG C 507 -5.44 -28.47 14.98
CA ARG C 507 -4.70 -27.38 14.38
C ARG C 507 -5.48 -26.07 14.58
N PRO C 508 -4.82 -25.04 15.13
CA PRO C 508 -5.43 -23.72 15.38
C PRO C 508 -6.01 -23.10 14.11
N PRO C 509 -7.31 -22.74 14.13
CA PRO C 509 -8.01 -22.14 13.00
C PRO C 509 -7.31 -20.89 12.46
N ALA C 510 -7.01 -20.89 11.17
CA ALA C 510 -6.32 -19.77 10.53
C ALA C 510 -7.17 -18.49 10.64
N PRO C 511 -6.67 -17.50 11.40
CA PRO C 511 -7.36 -16.22 11.59
C PRO C 511 -7.34 -15.37 10.32
N THR C 512 -8.34 -14.50 10.18
CA THR C 512 -8.42 -13.63 9.01
C THR C 512 -7.42 -12.48 9.08
N ILE C 513 -7.02 -11.98 7.92
CA ILE C 513 -6.05 -10.90 7.80
C ILE C 513 -4.69 -11.33 8.37
N THR C 514 -3.85 -11.89 7.50
CA THR C 514 -2.53 -12.33 7.91
C THR C 514 -1.50 -11.22 7.80
N THR C 515 -0.79 -10.96 8.89
CA THR C 515 0.24 -9.93 8.92
C THR C 515 1.61 -10.58 8.74
N VAL C 516 2.40 -10.05 7.82
CA VAL C 516 3.74 -10.58 7.54
C VAL C 516 4.73 -9.42 7.45
N SER C 517 5.91 -9.61 8.03
CA SER C 517 6.96 -8.58 8.01
C SER C 517 7.46 -8.26 6.60
N GLU C 518 7.87 -7.02 6.39
CA GLU C 518 8.40 -6.57 5.10
C GLU C 518 9.47 -5.51 5.32
N ASN C 519 10.72 -5.87 5.01
CA ASN C 519 11.84 -4.95 5.16
C ASN C 519 11.78 -3.82 4.14
N VAL C 520 11.38 -2.64 4.59
CA VAL C 520 11.26 -1.48 3.73
C VAL C 520 12.39 -0.48 3.96
N PRO C 521 13.22 -0.23 2.92
CA PRO C 521 14.33 0.71 3.03
C PRO C 521 13.84 2.11 3.39
N ALA C 522 14.10 2.50 4.63
CA ALA C 522 13.69 3.80 5.15
C ALA C 522 14.51 4.97 4.63
N LEU C 523 14.01 6.18 4.89
CA LEU C 523 14.66 7.43 4.48
C LEU C 523 14.34 8.48 5.54
N THR C 524 14.98 8.35 6.69
CA THR C 524 14.76 9.26 7.82
C THR C 524 15.29 10.68 7.59
N ASP C 525 15.03 11.56 8.56
CA ASP C 525 15.45 12.95 8.53
C ASP C 525 16.04 13.31 9.90
N HIS C 526 17.34 13.12 10.06
CA HIS C 526 18.03 13.43 11.31
C HIS C 526 18.30 14.93 11.43
N GLY C 527 18.24 15.45 12.65
CA GLY C 527 18.49 16.87 12.88
C GLY C 527 19.96 17.27 12.90
N THR C 528 20.20 18.58 12.96
CA THR C 528 21.55 19.15 12.97
C THR C 528 22.44 18.64 14.09
N LEU C 529 23.69 18.30 13.74
CA LEU C 529 24.66 17.77 14.68
C LEU C 529 26.05 18.38 14.51
N PRO C 530 26.61 18.96 15.58
CA PRO C 530 27.94 19.58 15.56
C PRO C 530 29.04 18.64 15.07
N LEU C 531 30.09 19.21 14.50
CA LEU C 531 31.21 18.44 13.97
C LEU C 531 32.50 18.73 14.74
N ARG C 532 33.53 17.94 14.47
CA ARG C 532 34.82 18.10 15.13
C ARG C 532 35.61 19.28 14.54
N ASN C 533 36.78 19.53 15.11
CA ASN C 533 37.65 20.61 14.66
C ASN C 533 38.50 20.14 13.48
N SER C 534 38.51 18.83 13.25
CA SER C 534 39.27 18.22 12.16
C SER C 534 38.77 16.82 11.84
N ILE C 535 37.90 16.73 10.83
CA ILE C 535 37.34 15.46 10.41
C ILE C 535 38.41 14.47 9.94
N GLY C 536 38.32 13.23 10.43
CA GLY C 536 39.29 12.21 10.07
C GLY C 536 39.15 11.72 8.63
N GLY C 537 40.18 11.00 8.18
CA GLY C 537 40.16 10.47 6.82
C GLY C 537 39.32 9.21 6.73
N VAL C 538 39.50 8.32 7.70
CA VAL C 538 38.76 7.07 7.76
C VAL C 538 37.74 7.07 8.90
N GLN C 539 36.49 7.35 8.55
CA GLN C 539 35.39 7.41 9.52
C GLN C 539 34.98 6.03 10.03
N ARG C 540 34.11 6.02 11.03
CA ARG C 540 33.63 4.77 11.62
C ARG C 540 32.11 4.82 11.75
N VAL C 541 31.42 4.22 10.78
CA VAL C 541 29.96 4.18 10.79
C VAL C 541 29.49 3.00 11.62
N THR C 542 28.83 3.29 12.73
CA THR C 542 28.32 2.24 13.62
C THR C 542 26.80 2.32 13.70
N ILE C 543 26.17 1.17 13.91
CA ILE C 543 24.71 1.08 14.03
C ILE C 543 24.42 0.18 15.21
N THR C 544 24.36 0.77 16.39
CA THR C 544 24.09 0.03 17.63
C THR C 544 22.62 -0.37 17.76
N ASP C 545 22.34 -1.33 18.62
CA ASP C 545 20.98 -1.81 18.85
C ASP C 545 20.51 -1.35 20.23
N ALA C 546 19.39 -1.90 20.70
CA ALA C 546 18.83 -1.55 22.01
C ALA C 546 19.66 -2.08 23.18
N ARG C 547 20.17 -3.30 23.07
CA ARG C 547 20.99 -3.86 24.13
C ARG C 547 22.46 -3.48 23.99
N ARG C 548 22.74 -2.54 23.09
CA ARG C 548 24.09 -2.06 22.81
C ARG C 548 24.98 -3.15 22.21
N ARG C 549 24.74 -3.44 20.93
CA ARG C 549 25.51 -4.47 20.20
C ARG C 549 25.26 -4.45 18.69
N THR C 550 26.10 -5.20 17.96
CA THR C 550 26.00 -5.28 16.51
C THR C 550 24.76 -5.97 15.96
N CYS C 551 24.25 -5.46 14.83
CA CYS C 551 23.07 -6.01 14.19
C CYS C 551 23.45 -6.64 12.85
N PRO C 552 23.87 -7.92 12.86
CA PRO C 552 24.30 -8.71 11.70
C PRO C 552 23.28 -8.86 10.56
N TYR C 553 22.32 -7.94 10.47
CA TYR C 553 21.31 -8.02 9.42
C TYR C 553 21.19 -6.70 8.64
N VAL C 554 22.29 -5.98 8.52
CA VAL C 554 22.31 -4.72 7.79
C VAL C 554 22.80 -4.96 6.37
N TYR C 555 21.95 -4.63 5.39
CA TYR C 555 22.28 -4.81 3.99
C TYR C 555 22.78 -3.53 3.34
N LYS C 556 22.26 -2.38 3.78
CA LYS C 556 22.63 -1.08 3.24
C LYS C 556 22.66 -0.05 4.38
N ALA C 557 23.74 0.73 4.44
CA ALA C 557 23.88 1.74 5.49
C ALA C 557 24.80 2.91 5.12
N LEU C 558 24.24 3.88 4.41
CA LEU C 558 25.02 5.05 3.99
C LEU C 558 24.46 6.37 4.53
N GLY C 559 25.31 7.39 4.59
CA GLY C 559 24.87 8.68 5.11
C GLY C 559 25.40 9.89 4.39
N ILE C 560 24.56 10.92 4.29
CA ILE C 560 24.92 12.17 3.64
C ILE C 560 24.96 13.28 4.69
N VAL C 561 26.06 14.02 4.73
CA VAL C 561 26.21 15.12 5.69
C VAL C 561 26.51 16.45 4.99
N SER C 562 25.70 17.45 5.29
CA SER C 562 25.85 18.78 4.69
C SER C 562 26.16 19.84 5.75
N PRO C 563 27.43 19.95 6.16
CA PRO C 563 27.89 20.92 7.17
C PRO C 563 27.66 22.39 6.87
N ARG C 564 27.42 23.17 7.93
CA ARG C 564 27.20 24.62 7.81
C ARG C 564 27.63 25.34 9.09
N VAL C 565 27.91 26.64 8.95
CA VAL C 565 28.32 27.45 10.08
C VAL C 565 27.18 27.75 11.05
N LEU C 566 27.45 27.61 12.35
CA LEU C 566 26.46 27.86 13.38
C LEU C 566 26.77 29.18 14.09
N SER C 567 27.84 29.21 14.87
CA SER C 567 28.23 30.42 15.60
C SER C 567 29.73 30.55 15.92
N SER C 568 30.21 31.79 15.90
CA SER C 568 31.61 32.11 16.17
C SER C 568 32.00 32.06 17.65
N ARG C 569 33.31 32.13 17.91
CA ARG C 569 33.84 32.10 19.27
C ARG C 569 34.31 33.47 19.76
N SER D 7 -41.38 -37.00 25.47
CA SER D 7 -40.26 -36.10 25.26
C SER D 7 -40.42 -34.80 26.05
N GLU D 8 -39.48 -34.55 26.95
CA GLU D 8 -39.52 -33.35 27.78
C GLU D 8 -40.73 -32.49 27.45
N ASP D 9 -40.54 -31.48 26.62
CA ASP D 9 -41.61 -30.58 26.22
C ASP D 9 -41.35 -29.15 26.69
N THR D 10 -40.47 -28.46 25.99
CA THR D 10 -40.14 -27.08 26.34
C THR D 10 -38.63 -26.91 26.52
N PHE D 11 -37.93 -26.69 25.41
CA PHE D 11 -36.48 -26.51 25.45
C PHE D 11 -35.88 -26.66 24.06
N ASN D 12 -35.80 -25.55 23.33
CA ASN D 12 -35.24 -25.55 21.99
C ASN D 12 -33.85 -24.91 21.94
N PRO D 13 -32.82 -25.74 22.04
CA PRO D 13 -31.43 -25.25 22.01
C PRO D 13 -31.28 -24.03 21.11
N VAL D 14 -32.18 -23.90 20.13
CA VAL D 14 -32.13 -22.78 19.19
C VAL D 14 -30.84 -22.79 18.38
N TYR D 15 -30.51 -23.95 17.83
CA TYR D 15 -29.30 -24.09 17.02
C TYR D 15 -29.39 -25.32 16.11
N PRO D 16 -29.81 -25.09 14.87
CA PRO D 16 -29.94 -26.18 13.90
C PRO D 16 -28.80 -27.18 14.01
N TYR D 17 -28.97 -28.18 14.88
CA TYR D 17 -27.95 -29.19 15.08
C TYR D 17 -27.98 -30.24 13.96
N ASP D 18 -29.16 -30.43 13.37
CA ASP D 18 -29.33 -31.39 12.29
C ASP D 18 -28.80 -30.84 10.97
N THR D 19 -28.49 -31.74 10.04
CA THR D 19 -28.67 -33.17 10.27
C THR D 19 -27.33 -33.87 10.48
N ASP E 37 54.14 52.75 12.91
CA ASP E 37 53.76 51.76 11.90
C ASP E 37 54.15 50.35 12.36
N PRO E 38 53.44 49.81 13.36
CA PRO E 38 53.67 48.47 13.91
C PRO E 38 53.15 47.36 12.99
N PRO E 39 53.53 46.10 13.27
CA PRO E 39 53.09 44.95 12.47
C PRO E 39 51.62 44.58 12.67
N PHE E 40 50.84 45.55 13.17
CA PHE E 40 49.41 45.40 13.44
C PHE E 40 48.95 44.05 14.00
N VAL E 41 47.84 43.52 13.51
CA VAL E 41 47.26 42.25 13.97
C VAL E 41 46.65 42.35 15.38
N PRO E 42 45.31 42.55 15.43
CA PRO E 42 44.60 42.65 16.70
C PRO E 42 44.53 41.30 17.42
N PRO E 43 44.63 41.30 18.76
CA PRO E 43 44.58 40.09 19.58
C PRO E 43 43.23 39.40 19.52
N ARG E 44 43.23 38.07 19.48
CA ARG E 44 42.00 37.28 19.44
C ARG E 44 41.70 36.59 20.76
N TYR E 45 40.43 36.61 21.15
CA TYR E 45 40.00 35.99 22.40
C TYR E 45 39.01 34.86 22.13
N LEU E 46 39.31 33.69 22.67
CA LEU E 46 38.44 32.52 22.49
C LEU E 46 37.05 32.78 23.07
N ARG E 47 36.05 32.09 22.50
CA ARG E 47 34.68 32.26 22.96
C ARG E 47 34.46 31.56 24.29
N PRO E 48 33.56 32.11 25.10
CA PRO E 48 33.25 31.54 26.42
C PRO E 48 32.71 30.12 26.32
N THR E 49 33.30 29.20 27.07
CA THR E 49 32.87 27.81 27.06
C THR E 49 31.95 27.51 28.24
N GLY E 50 30.75 28.06 28.20
CA GLY E 50 29.78 27.85 29.26
C GLY E 50 28.99 29.11 29.58
N GLY E 51 27.94 29.35 28.81
CA GLY E 51 27.10 30.52 29.00
C GLY E 51 26.15 30.76 27.84
N ARG E 52 26.50 31.71 26.99
CA ARG E 52 25.68 32.04 25.83
C ARG E 52 25.39 30.81 24.98
N ASN E 53 26.45 30.07 24.64
CA ASN E 53 26.32 28.87 23.83
C ASN E 53 27.17 27.78 24.43
N SER E 54 26.56 27.00 25.32
CA SER E 54 27.26 25.92 25.99
C SER E 54 26.24 25.12 26.80
N ILE E 55 26.14 23.82 26.54
CA ILE E 55 25.23 22.99 27.32
C ILE E 55 26.13 22.18 28.25
N ARG E 56 26.03 22.44 29.55
CA ARG E 56 26.85 21.73 30.53
C ARG E 56 26.34 20.33 30.82
N TYR E 57 27.26 19.39 30.97
CA TYR E 57 26.93 18.00 31.26
C TYR E 57 27.46 17.71 32.67
N SER E 58 27.72 18.79 33.40
CA SER E 58 28.24 18.76 34.78
C SER E 58 29.70 18.32 34.82
N GLU E 59 29.99 17.29 34.05
CA GLU E 59 31.34 16.76 33.95
C GLU E 59 31.74 16.77 32.46
N LEU E 60 32.68 15.92 32.08
CA LEU E 60 33.15 15.86 30.69
C LEU E 60 33.52 17.27 30.22
N ALA E 61 32.91 17.71 29.12
CA ALA E 61 33.14 19.04 28.56
C ALA E 61 31.92 19.57 27.80
N PRO E 62 31.42 20.76 28.19
CA PRO E 62 30.26 21.39 27.55
C PRO E 62 30.39 21.51 26.03
N LEU E 63 29.27 21.32 25.35
CA LEU E 63 29.21 21.41 23.89
C LEU E 63 28.44 22.66 23.49
N PHE E 64 28.78 23.21 22.32
CA PHE E 64 28.12 24.41 21.82
C PHE E 64 26.70 24.15 21.26
N ASP E 65 26.18 25.08 20.46
CA ASP E 65 24.84 24.96 19.88
C ASP E 65 24.61 23.73 18.99
N THR E 66 23.35 23.35 18.87
CA THR E 66 22.89 22.19 18.08
C THR E 66 23.30 20.86 18.75
N THR E 67 22.65 20.54 19.86
CA THR E 67 22.90 19.30 20.59
C THR E 67 21.67 18.38 20.58
N ARG E 68 21.82 17.14 21.05
CA ARG E 68 20.71 16.19 21.05
C ARG E 68 20.51 15.40 22.35
N VAL E 69 19.34 15.57 22.96
CA VAL E 69 18.97 14.88 24.19
C VAL E 69 17.86 13.85 23.93
N TYR E 70 18.26 12.58 23.81
CA TYR E 70 17.34 11.49 23.53
C TYR E 70 16.54 10.99 24.74
N LEU E 71 15.27 10.68 24.52
CA LEU E 71 14.38 10.16 25.57
C LEU E 71 13.76 8.84 25.09
N VAL E 72 14.51 7.75 25.26
CA VAL E 72 14.05 6.43 24.82
C VAL E 72 13.23 5.66 25.84
N ASP E 73 12.56 4.62 25.35
CA ASP E 73 11.74 3.72 26.16
C ASP E 73 12.52 2.47 26.57
N ASN E 74 13.73 2.32 26.04
CA ASN E 74 14.61 1.18 26.35
C ASN E 74 15.37 1.39 27.65
N LYS E 75 15.12 2.53 28.29
CA LYS E 75 15.80 2.89 29.53
C LYS E 75 14.96 2.64 30.79
N SER E 76 13.70 2.27 30.60
CA SER E 76 12.83 2.01 31.75
C SER E 76 13.25 0.82 32.61
N THR E 77 13.68 -0.27 31.97
CA THR E 77 14.11 -1.47 32.68
C THR E 77 15.25 -1.16 33.65
N ASP E 78 16.19 -0.34 33.20
CA ASP E 78 17.36 0.06 33.97
C ASP E 78 17.04 0.97 35.16
N VAL E 79 16.01 1.79 35.04
CA VAL E 79 15.60 2.70 36.11
C VAL E 79 14.83 1.95 37.20
N ALA E 80 14.83 0.64 37.12
CA ALA E 80 14.14 -0.20 38.10
C ALA E 80 14.04 0.51 39.45
N SER E 81 12.92 1.17 39.68
CA SER E 81 12.70 1.89 40.93
C SER E 81 11.74 3.06 40.74
N LEU E 82 11.35 3.30 39.49
CA LEU E 82 10.44 4.39 39.17
C LEU E 82 9.24 3.88 38.37
N ASN E 83 9.51 3.07 37.35
CA ASN E 83 8.45 2.52 36.51
C ASN E 83 7.97 1.16 37.02
N TYR E 84 8.22 0.88 38.29
CA TYR E 84 7.81 -0.37 38.90
C TYR E 84 6.32 -0.39 39.20
N GLN E 85 5.53 0.12 38.26
CA GLN E 85 4.08 0.17 38.42
C GLN E 85 3.40 0.63 37.13
N ASN E 86 4.09 1.46 36.37
CA ASN E 86 3.55 1.98 35.11
C ASN E 86 4.18 1.36 33.85
N ASP E 87 3.34 1.01 32.88
CA ASP E 87 3.78 0.37 31.63
C ASP E 87 3.82 1.22 30.34
N HIS E 88 4.99 1.80 30.04
CA HIS E 88 5.22 2.61 28.83
C HIS E 88 4.31 3.81 28.54
N SER E 89 3.44 4.18 29.46
CA SER E 89 2.54 5.30 29.23
C SER E 89 3.03 6.55 29.94
N ASN E 90 3.58 6.38 31.14
CA ASN E 90 4.09 7.48 31.96
C ASN E 90 5.28 7.03 32.80
N PHE E 91 6.29 6.50 32.11
CA PHE E 91 7.52 6.00 32.71
C PHE E 91 8.61 7.07 32.80
N LEU E 92 9.59 6.89 33.68
CA LEU E 92 10.70 7.84 33.84
C LEU E 92 11.97 7.34 33.14
N THR E 93 12.74 8.25 32.54
CA THR E 93 13.96 7.87 31.82
C THR E 93 15.17 8.79 32.07
N THR E 94 16.37 8.22 31.98
CA THR E 94 17.61 8.95 32.17
C THR E 94 18.15 9.47 30.83
N VAL E 95 18.08 10.78 30.63
CA VAL E 95 18.55 11.40 29.41
C VAL E 95 20.02 11.78 29.56
N ILE E 96 20.77 10.94 30.25
CA ILE E 96 22.20 11.16 30.46
C ILE E 96 22.98 10.43 29.37
N GLN E 97 23.11 9.11 29.54
CA GLN E 97 23.83 8.23 28.61
C GLN E 97 25.33 8.58 28.57
N ASN E 98 26.06 8.08 29.58
CA ASN E 98 27.52 8.28 29.71
C ASN E 98 28.22 7.07 29.13
N ASN E 99 27.78 5.88 29.59
CA ASN E 99 28.16 4.54 29.13
C ASN E 99 29.06 3.69 30.05
N ASP E 100 29.43 4.22 31.21
CA ASP E 100 30.28 3.41 32.11
C ASP E 100 29.73 3.38 33.56
N TYR E 101 28.68 4.13 33.85
CA TYR E 101 28.15 4.20 35.21
C TYR E 101 27.00 3.25 35.49
N SER E 102 27.01 2.06 34.89
CA SER E 102 25.97 1.06 35.11
C SER E 102 24.58 1.55 34.63
N PRO E 103 23.53 0.73 34.83
CA PRO E 103 22.17 1.09 34.39
C PRO E 103 21.65 2.46 34.86
N GLY E 104 21.04 2.51 36.05
CA GLY E 104 20.51 3.77 36.56
C GLY E 104 21.45 4.58 37.41
N GLU E 105 21.56 5.87 37.11
CA GLU E 105 22.44 6.76 37.84
C GLU E 105 22.28 8.20 37.32
N ALA E 106 22.90 9.15 38.01
CA ALA E 106 22.86 10.57 37.68
C ALA E 106 21.43 11.11 37.84
N SER E 107 20.83 10.79 38.98
CA SER E 107 19.47 11.22 39.30
C SER E 107 19.52 12.65 39.86
N THR E 108 20.62 12.97 40.52
CA THR E 108 20.82 14.28 41.14
C THR E 108 21.41 15.28 40.13
N GLN E 109 22.22 14.78 39.21
CA GLN E 109 22.86 15.61 38.19
C GLN E 109 21.87 16.16 37.17
N THR E 110 22.00 17.46 36.89
CA THR E 110 21.12 18.12 35.93
C THR E 110 21.86 18.64 34.70
N ILE E 111 21.22 18.49 33.54
CA ILE E 111 21.78 18.96 32.29
C ILE E 111 21.54 20.46 32.23
N ASN E 112 22.55 21.23 32.60
CA ASN E 112 22.45 22.69 32.61
C ASN E 112 22.23 23.33 31.25
N LEU E 113 21.72 24.56 31.31
CA LEU E 113 21.45 25.41 30.16
C LEU E 113 21.71 26.81 30.71
N ASP E 114 22.35 27.67 29.93
CA ASP E 114 22.69 29.01 30.39
C ASP E 114 21.52 29.91 30.84
N ASP E 115 21.85 30.84 31.72
CA ASP E 115 20.90 31.79 32.30
C ASP E 115 20.67 33.02 31.40
N ARG E 116 21.63 33.28 30.51
CA ARG E 116 21.56 34.41 29.61
C ARG E 116 20.62 34.26 28.40
N SER E 117 20.46 33.03 27.92
CA SER E 117 19.60 32.75 26.78
C SER E 117 18.80 31.44 26.92
N HIS E 118 17.55 31.47 26.48
CA HIS E 118 16.69 30.28 26.57
C HIS E 118 16.74 29.45 25.29
N TRP E 119 16.74 28.13 25.44
CA TRP E 119 16.79 27.21 24.30
C TRP E 119 15.38 26.90 23.79
N GLY E 120 15.27 25.84 22.99
CA GLY E 120 13.99 25.44 22.44
C GLY E 120 14.14 24.69 21.13
N GLY E 121 14.36 23.39 21.21
CA GLY E 121 14.55 22.57 20.02
C GLY E 121 13.35 21.76 19.55
N ASP E 122 13.56 20.96 18.51
CA ASP E 122 12.52 20.12 17.92
C ASP E 122 12.14 18.94 18.83
N LEU E 123 11.25 18.09 18.32
CA LEU E 123 10.79 16.91 19.07
C LEU E 123 10.24 15.86 18.11
N LYS E 124 11.12 15.18 17.40
CA LYS E 124 10.71 14.15 16.45
C LYS E 124 10.61 12.80 17.14
N THR E 125 9.44 12.50 17.69
CA THR E 125 9.20 11.24 18.40
C THR E 125 8.91 10.06 17.45
N ILE E 126 8.85 8.86 18.02
CA ILE E 126 8.58 7.64 17.25
C ILE E 126 7.62 6.73 18.02
N LEU E 127 6.32 6.99 17.86
CA LEU E 127 5.29 6.20 18.55
C LEU E 127 4.95 4.91 17.79
N HIS E 128 4.37 3.97 18.51
CA HIS E 128 3.95 2.68 17.95
C HIS E 128 3.12 1.90 18.96
N THR E 129 1.82 1.84 18.70
CA THR E 129 0.89 1.14 19.58
C THR E 129 0.49 -0.23 19.01
N ASN E 130 -0.39 -0.92 19.72
CA ASN E 130 -0.89 -2.24 19.30
C ASN E 130 -2.30 -2.49 19.82
N MET E 131 -3.06 -1.39 19.94
CA MET E 131 -4.44 -1.40 20.41
C MET E 131 -5.39 -2.21 19.53
N PRO E 132 -6.07 -3.22 20.12
CA PRO E 132 -7.01 -4.09 19.42
C PRO E 132 -8.16 -3.28 18.81
N ASN E 133 -9.00 -3.95 18.02
CA ASN E 133 -10.15 -3.31 17.38
C ASN E 133 -11.25 -3.09 18.42
N VAL E 134 -11.38 -4.02 19.35
CA VAL E 134 -12.39 -3.95 20.40
C VAL E 134 -11.79 -4.24 21.78
N ASN E 135 -12.01 -3.33 22.74
CA ASN E 135 -11.52 -3.48 24.11
C ASN E 135 -12.25 -2.60 25.13
N GLU E 136 -12.12 -2.96 26.41
CA GLU E 136 -12.77 -2.24 27.51
C GLU E 136 -12.31 -0.78 27.63
N PHE E 137 -11.10 -0.50 27.17
CA PHE E 137 -10.52 0.84 27.23
C PHE E 137 -11.27 1.87 26.37
N MET E 138 -11.32 1.64 25.06
CA MET E 138 -11.98 2.55 24.13
C MET E 138 -13.51 2.50 24.14
N PHE E 139 -14.08 1.71 25.05
CA PHE E 139 -15.54 1.59 25.17
C PHE E 139 -16.19 1.06 23.89
N THR E 140 -15.66 -0.03 23.35
CA THR E 140 -16.21 -0.62 22.13
C THR E 140 -16.71 -2.05 22.34
N ASN E 141 -16.50 -2.58 23.55
CA ASN E 141 -16.93 -3.94 23.85
C ASN E 141 -18.39 -3.99 24.31
N LYS E 142 -18.85 -2.95 24.99
CA LYS E 142 -20.21 -2.89 25.49
C LYS E 142 -21.15 -2.05 24.63
N PHE E 143 -22.43 -2.43 24.60
CA PHE E 143 -23.45 -1.71 23.84
C PHE E 143 -24.83 -2.18 24.32
N LYS E 144 -25.63 -1.23 24.80
CA LYS E 144 -26.97 -1.55 25.29
C LYS E 144 -27.97 -1.74 24.15
N ALA E 145 -29.07 -2.42 24.46
CA ALA E 145 -30.13 -2.69 23.48
C ALA E 145 -31.32 -3.38 24.15
N ARG E 146 -32.43 -2.66 24.25
CA ARG E 146 -33.64 -3.19 24.86
C ARG E 146 -34.24 -4.31 24.01
N VAL E 147 -34.20 -5.53 24.54
CA VAL E 147 -34.75 -6.68 23.84
C VAL E 147 -35.88 -7.27 24.68
N MET E 148 -36.71 -8.12 24.06
CA MET E 148 -37.83 -8.74 24.76
C MET E 148 -37.32 -9.66 25.87
N VAL E 149 -38.00 -9.63 27.02
CA VAL E 149 -37.61 -10.45 28.15
C VAL E 149 -38.46 -11.72 28.21
N SER E 150 -39.78 -11.55 28.24
CA SER E 150 -40.70 -12.68 28.31
C SER E 150 -41.96 -12.41 27.49
N ARG E 151 -42.84 -13.39 27.43
CA ARG E 151 -44.08 -13.27 26.69
C ARG E 151 -44.97 -14.50 26.87
N LEU E 152 -45.72 -14.52 27.96
CA LEU E 152 -46.62 -15.64 28.25
C LEU E 152 -48.08 -15.22 28.17
N PRO E 153 -48.95 -16.01 28.80
CA PRO E 153 -50.38 -15.71 28.80
C PRO E 153 -50.91 -15.51 30.22
N THR E 154 -51.34 -14.29 30.53
CA THR E 154 -51.87 -13.97 31.85
C THR E 154 -53.02 -12.99 31.76
N LYS E 155 -53.96 -13.09 32.69
CA LYS E 155 -55.12 -12.21 32.72
C LYS E 155 -56.33 -12.87 32.06
N ASP E 156 -56.11 -14.05 31.48
CA ASP E 156 -57.18 -14.78 30.81
C ASP E 156 -57.04 -14.71 29.29
N ASN E 157 -57.25 -13.52 28.74
CA ASN E 157 -57.14 -13.32 27.30
C ASN E 157 -56.06 -12.30 26.94
N GLN E 158 -55.52 -11.63 27.94
CA GLN E 158 -54.49 -10.63 27.73
C GLN E 158 -53.13 -11.22 27.35
N VAL E 159 -52.27 -10.39 26.80
CA VAL E 159 -50.93 -10.79 26.39
C VAL E 159 -49.92 -9.69 26.76
N GLU E 160 -49.40 -9.78 27.97
CA GLU E 160 -48.43 -8.80 28.47
C GLU E 160 -47.04 -9.06 27.88
N LEU E 161 -46.42 -8.00 27.35
CA LEU E 161 -45.09 -8.09 26.76
C LEU E 161 -44.13 -7.18 27.51
N LYS E 162 -43.09 -7.78 28.10
CA LYS E 162 -42.10 -7.03 28.86
C LYS E 162 -40.78 -6.82 28.11
N TYR E 163 -40.20 -5.64 28.27
CA TYR E 163 -38.93 -5.29 27.63
C TYR E 163 -38.05 -4.58 28.66
N GLU E 164 -36.76 -4.90 28.67
CA GLU E 164 -35.81 -4.30 29.62
C GLU E 164 -34.42 -4.15 29.02
N TRP E 165 -33.85 -2.95 29.14
CA TRP E 165 -32.52 -2.65 28.63
C TRP E 165 -31.46 -3.56 29.25
N VAL E 166 -30.61 -4.15 28.40
CA VAL E 166 -29.56 -5.04 28.87
C VAL E 166 -28.20 -4.74 28.23
N GLU E 167 -27.21 -4.46 29.07
CA GLU E 167 -25.86 -4.15 28.62
C GLU E 167 -25.14 -5.43 28.19
N PHE E 168 -24.71 -5.46 26.92
CA PHE E 168 -24.01 -6.61 26.36
C PHE E 168 -22.49 -6.44 26.42
N THR E 169 -21.76 -7.55 26.31
CA THR E 169 -20.30 -7.52 26.34
C THR E 169 -19.64 -8.38 25.26
N LEU E 170 -18.67 -7.81 24.55
CA LEU E 170 -17.95 -8.50 23.49
C LEU E 170 -16.52 -8.88 23.90
N PRO E 171 -15.98 -9.96 23.33
CA PRO E 171 -14.62 -10.42 23.63
C PRO E 171 -13.51 -9.54 23.06
N GLU E 172 -12.35 -9.59 23.70
CA GLU E 172 -11.18 -8.81 23.29
C GLU E 172 -10.45 -9.50 22.15
N GLY E 173 -10.14 -8.76 21.09
CA GLY E 173 -9.42 -9.36 19.98
C GLY E 173 -9.99 -9.20 18.57
N ASN E 174 -10.91 -10.10 18.20
CA ASN E 174 -11.55 -10.11 16.90
C ASN E 174 -11.67 -8.75 16.21
N TYR E 175 -11.27 -8.72 14.95
CA TYR E 175 -11.30 -7.50 14.16
C TYR E 175 -12.28 -7.67 13.00
N SER E 176 -12.14 -6.78 12.01
CA SER E 176 -12.95 -6.79 10.79
C SER E 176 -14.38 -6.33 11.08
N GLU E 177 -14.88 -5.38 10.29
CA GLU E 177 -16.23 -4.85 10.49
C GLU E 177 -17.38 -5.85 10.41
N THR E 178 -17.28 -6.82 9.51
CA THR E 178 -18.33 -7.83 9.34
C THR E 178 -18.35 -8.74 10.57
N MET E 179 -17.17 -9.17 11.00
CA MET E 179 -17.04 -10.06 12.16
C MET E 179 -17.54 -9.44 13.46
N THR E 180 -17.47 -8.11 13.56
CA THR E 180 -17.93 -7.41 14.75
C THR E 180 -19.45 -7.39 14.78
N ILE E 181 -20.07 -7.24 13.62
CA ILE E 181 -21.53 -7.20 13.50
C ILE E 181 -22.11 -8.54 13.94
N ASP E 182 -21.52 -9.62 13.44
CA ASP E 182 -21.96 -10.98 13.78
C ASP E 182 -21.84 -11.24 15.28
N LEU E 183 -20.88 -10.58 15.92
CA LEU E 183 -20.66 -10.73 17.36
C LEU E 183 -21.66 -9.91 18.16
N MET E 184 -22.09 -8.79 17.58
CA MET E 184 -23.08 -7.92 18.23
C MET E 184 -24.41 -8.67 18.31
N ASN E 185 -24.67 -9.49 17.30
CA ASN E 185 -25.89 -10.29 17.24
C ASN E 185 -25.72 -11.58 18.01
N ASN E 186 -24.47 -12.02 18.15
CA ASN E 186 -24.15 -13.24 18.88
C ASN E 186 -24.44 -12.97 20.37
N ALA E 187 -24.25 -11.72 20.77
CA ALA E 187 -24.52 -11.30 22.15
C ALA E 187 -26.02 -11.23 22.39
N ILE E 188 -26.78 -10.94 21.34
CA ILE E 188 -28.24 -10.86 21.43
C ILE E 188 -28.78 -12.27 21.61
N VAL E 189 -28.10 -13.25 21.01
CA VAL E 189 -28.49 -14.65 21.09
C VAL E 189 -28.14 -15.26 22.45
N GLU E 190 -26.94 -14.98 22.96
CA GLU E 190 -26.53 -15.50 24.26
C GLU E 190 -27.42 -14.97 25.38
N HIS E 191 -28.02 -13.80 25.15
CA HIS E 191 -28.92 -13.21 26.13
C HIS E 191 -30.23 -13.99 26.14
N TYR E 192 -30.65 -14.40 24.94
CA TYR E 192 -31.88 -15.16 24.75
C TYR E 192 -31.71 -16.58 25.28
N LEU E 193 -30.50 -17.12 25.17
CA LEU E 193 -30.20 -18.47 25.63
C LEU E 193 -29.93 -18.53 27.13
N LYS E 194 -30.37 -17.50 27.85
CA LYS E 194 -30.18 -17.44 29.30
C LYS E 194 -31.35 -16.77 30.00
N VAL E 195 -32.17 -16.05 29.23
CA VAL E 195 -33.33 -15.36 29.77
C VAL E 195 -34.56 -15.57 28.89
N GLY E 196 -34.36 -15.47 27.58
CA GLY E 196 -35.44 -15.62 26.62
C GLY E 196 -36.24 -16.91 26.57
N ARG E 197 -35.67 -17.94 25.96
CA ARG E 197 -36.35 -19.23 25.81
C ARG E 197 -36.84 -19.92 27.09
N GLN E 198 -36.33 -19.50 28.24
CA GLN E 198 -36.76 -20.10 29.50
C GLN E 198 -37.99 -19.45 30.12
N ASN E 199 -38.23 -18.18 29.79
CA ASN E 199 -39.38 -17.46 30.32
C ASN E 199 -40.61 -17.51 29.42
N GLY E 200 -40.47 -17.09 28.16
CA GLY E 200 -41.61 -17.11 27.26
C GLY E 200 -41.41 -16.80 25.79
N VAL E 201 -40.68 -15.71 25.50
CA VAL E 201 -40.43 -15.29 24.12
C VAL E 201 -39.87 -16.39 23.20
N LEU E 202 -40.40 -16.44 21.98
CA LEU E 202 -39.99 -17.43 20.98
C LEU E 202 -38.73 -17.05 20.24
N GLU E 203 -38.34 -17.89 19.28
CA GLU E 203 -37.16 -17.65 18.46
C GLU E 203 -37.52 -16.73 17.29
N SER E 204 -38.82 -16.50 17.12
CA SER E 204 -39.35 -15.68 16.05
C SER E 204 -39.29 -14.18 16.36
N ASP E 205 -39.92 -13.78 17.47
CA ASP E 205 -39.95 -12.38 17.86
C ASP E 205 -38.74 -11.90 18.67
N ILE E 206 -37.55 -12.12 18.13
CA ILE E 206 -36.31 -11.70 18.78
C ILE E 206 -36.00 -10.24 18.42
N GLY E 207 -36.09 -9.36 19.41
CA GLY E 207 -35.81 -7.95 19.18
C GLY E 207 -34.35 -7.64 18.93
N VAL E 208 -34.10 -6.60 18.14
CA VAL E 208 -32.76 -6.14 17.77
C VAL E 208 -31.99 -7.13 16.90
N LYS E 209 -31.57 -6.67 15.74
CA LYS E 209 -30.81 -7.49 14.78
C LYS E 209 -30.09 -6.58 13.79
N PHE E 210 -28.76 -6.68 13.76
CA PHE E 210 -27.94 -5.86 12.87
C PHE E 210 -27.78 -6.52 11.49
N ASP E 211 -28.06 -5.75 10.43
CA ASP E 211 -27.95 -6.27 9.07
C ASP E 211 -27.04 -5.41 8.19
N THR E 212 -27.06 -5.67 6.88
CA THR E 212 -26.23 -4.94 5.93
C THR E 212 -26.87 -4.74 4.55
N ARG E 213 -27.85 -5.56 4.22
CA ARG E 213 -28.52 -5.48 2.91
C ARG E 213 -29.75 -4.57 2.82
N ASN E 214 -30.10 -4.24 1.59
CA ASN E 214 -31.25 -3.39 1.30
C ASN E 214 -32.49 -4.26 1.12
N PHE E 215 -33.48 -4.07 1.99
CA PHE E 215 -34.71 -4.84 1.94
C PHE E 215 -35.80 -4.16 1.11
N ARG E 216 -35.45 -3.67 -0.07
CA ARG E 216 -36.43 -3.00 -0.94
C ARG E 216 -36.03 -2.93 -2.43
N LEU E 217 -35.05 -3.73 -2.84
CA LEU E 217 -34.61 -3.73 -4.23
C LEU E 217 -35.50 -4.54 -5.18
N GLY E 218 -36.15 -5.57 -4.63
CA GLY E 218 -37.02 -6.40 -5.45
C GLY E 218 -38.48 -5.99 -5.34
N PHE E 219 -38.73 -4.97 -4.52
CA PHE E 219 -40.06 -4.43 -4.26
C PHE E 219 -40.71 -3.78 -5.48
N ASP E 220 -41.93 -4.22 -5.81
CA ASP E 220 -42.66 -3.67 -6.94
C ASP E 220 -43.68 -2.68 -6.40
N PRO E 221 -43.82 -1.51 -7.05
CA PRO E 221 -44.77 -0.47 -6.63
C PRO E 221 -46.25 -0.80 -6.84
N VAL E 222 -46.53 -1.96 -7.43
CA VAL E 222 -47.90 -2.39 -7.68
C VAL E 222 -48.40 -3.41 -6.66
N THR E 223 -47.79 -4.59 -6.66
CA THR E 223 -48.14 -5.67 -5.75
C THR E 223 -47.80 -5.31 -4.30
N GLY E 224 -46.65 -4.67 -4.11
CA GLY E 224 -46.23 -4.28 -2.78
C GLY E 224 -45.39 -5.32 -2.05
N LEU E 225 -45.04 -6.39 -2.74
CA LEU E 225 -44.23 -7.47 -2.15
C LEU E 225 -42.95 -7.70 -2.94
N VAL E 226 -41.94 -8.23 -2.27
CA VAL E 226 -40.66 -8.53 -2.90
C VAL E 226 -40.88 -9.69 -3.89
N MET E 227 -41.01 -9.35 -5.16
CA MET E 227 -41.27 -10.31 -6.23
C MET E 227 -40.31 -11.50 -6.34
N PRO E 228 -39.00 -11.28 -6.11
CA PRO E 228 -38.05 -12.40 -6.20
C PRO E 228 -38.36 -13.54 -5.23
N GLY E 229 -39.21 -13.26 -4.25
CA GLY E 229 -39.58 -14.26 -3.26
C GLY E 229 -38.50 -14.45 -2.22
N VAL E 230 -37.36 -13.79 -2.45
CA VAL E 230 -36.21 -13.84 -1.56
C VAL E 230 -35.52 -12.48 -1.63
N TYR E 231 -35.19 -11.91 -0.48
CA TYR E 231 -34.53 -10.62 -0.42
C TYR E 231 -33.20 -10.71 -1.18
N THR E 232 -32.89 -9.69 -1.97
CA THR E 232 -31.66 -9.69 -2.75
C THR E 232 -30.43 -9.89 -1.84
N ASN E 233 -29.64 -10.91 -2.18
CA ASN E 233 -28.44 -11.26 -1.42
C ASN E 233 -27.24 -10.44 -1.88
N GLU E 234 -27.12 -9.22 -1.36
CA GLU E 234 -26.03 -8.32 -1.72
C GLU E 234 -26.00 -7.14 -0.74
N ALA E 235 -25.00 -7.14 0.15
CA ALA E 235 -24.85 -6.10 1.15
C ALA E 235 -24.56 -4.72 0.58
N PHE E 236 -25.05 -3.69 1.26
CA PHE E 236 -24.87 -2.30 0.85
C PHE E 236 -24.26 -1.45 1.97
N HIS E 237 -24.88 -1.48 3.15
CA HIS E 237 -24.41 -0.72 4.30
C HIS E 237 -25.12 -1.13 5.58
N PRO E 238 -24.35 -1.39 6.66
CA PRO E 238 -24.84 -1.79 7.99
C PRO E 238 -25.87 -0.86 8.61
N ASP E 239 -26.78 -1.43 9.40
CA ASP E 239 -27.84 -0.67 10.07
C ASP E 239 -28.34 -1.37 11.34
N ILE E 240 -29.57 -1.09 11.72
CA ILE E 240 -30.18 -1.68 12.92
C ILE E 240 -31.67 -1.97 12.77
N ILE E 241 -32.02 -3.24 12.58
CA ILE E 241 -33.41 -3.64 12.46
C ILE E 241 -34.00 -3.75 13.86
N LEU E 242 -35.24 -3.27 14.03
CA LEU E 242 -35.88 -3.31 15.34
C LEU E 242 -37.33 -3.80 15.28
N LEU E 243 -37.79 -4.42 16.37
CA LEU E 243 -39.15 -4.92 16.48
C LEU E 243 -39.94 -4.00 17.43
N PRO E 244 -41.28 -4.18 17.49
CA PRO E 244 -42.12 -3.36 18.37
C PRO E 244 -41.64 -3.22 19.81
N GLY E 245 -41.42 -1.98 20.23
CA GLY E 245 -40.97 -1.71 21.58
C GLY E 245 -39.58 -2.20 21.95
N CYS E 246 -38.59 -1.82 21.14
CA CYS E 246 -37.21 -2.22 21.39
C CYS E 246 -36.23 -1.39 20.56
N GLY E 247 -35.13 -0.98 21.17
CA GLY E 247 -34.14 -0.17 20.47
C GLY E 247 -32.71 -0.48 20.86
N VAL E 248 -31.81 0.46 20.56
CA VAL E 248 -30.39 0.30 20.88
C VAL E 248 -29.77 1.57 21.42
N ASP E 249 -29.10 1.45 22.56
CA ASP E 249 -28.44 2.58 23.22
C ASP E 249 -26.98 2.66 22.74
N PHE E 250 -26.51 3.89 22.50
CA PHE E 250 -25.14 4.11 22.05
C PHE E 250 -24.51 5.36 22.68
N THR E 251 -24.97 5.72 23.87
CA THR E 251 -24.44 6.89 24.58
C THR E 251 -23.05 6.58 25.11
N HIS E 252 -22.82 5.32 25.46
CA HIS E 252 -21.54 4.87 25.99
C HIS E 252 -20.97 3.77 25.10
N SER E 253 -21.04 3.98 23.78
CA SER E 253 -20.55 3.01 22.81
C SER E 253 -20.09 3.70 21.54
N ARG E 254 -18.90 3.33 21.07
CA ARG E 254 -18.32 3.89 19.85
C ARG E 254 -18.63 2.98 18.67
N LEU E 255 -19.39 1.92 18.91
CA LEU E 255 -19.76 0.96 17.89
C LEU E 255 -20.84 1.51 16.96
N SER E 256 -21.34 2.71 17.27
CA SER E 256 -22.36 3.35 16.47
C SER E 256 -21.69 3.87 15.19
N ASN E 257 -20.51 4.45 15.35
CA ASN E 257 -19.73 4.99 14.24
C ASN E 257 -19.30 3.90 13.27
N LEU E 258 -19.00 2.72 13.80
CA LEU E 258 -18.56 1.56 13.01
C LEU E 258 -19.63 1.14 12.01
N LEU E 259 -20.90 1.17 12.45
CA LEU E 259 -22.02 0.81 11.59
C LEU E 259 -22.25 1.87 10.52
N GLY E 260 -21.73 3.07 10.77
CA GLY E 260 -21.89 4.17 9.84
C GLY E 260 -23.16 4.95 10.11
N ILE E 261 -23.42 5.19 11.40
CA ILE E 261 -24.61 5.92 11.84
C ILE E 261 -24.25 7.02 12.83
N ARG E 262 -24.00 8.22 12.33
CA ARG E 262 -23.66 9.36 13.19
C ARG E 262 -24.80 10.35 13.25
N LYS E 263 -24.84 11.16 14.30
CA LYS E 263 -25.88 12.18 14.45
C LYS E 263 -25.38 13.47 13.81
N ARG E 264 -26.29 14.23 13.20
CA ARG E 264 -25.91 15.50 12.56
C ARG E 264 -25.42 16.52 13.60
N GLN E 265 -25.77 16.28 14.86
CA GLN E 265 -25.36 17.14 15.97
C GLN E 265 -24.80 16.24 17.08
N PRO E 266 -23.55 15.77 16.91
CA PRO E 266 -22.86 14.89 17.87
C PRO E 266 -22.55 15.52 19.23
N PHE E 267 -22.72 16.84 19.34
CA PHE E 267 -22.45 17.53 20.60
C PHE E 267 -23.50 17.30 21.68
N GLN E 268 -24.62 16.68 21.30
CA GLN E 268 -25.70 16.39 22.25
C GLN E 268 -25.60 14.95 22.74
N GLU E 269 -25.37 14.79 24.04
CA GLU E 269 -25.27 13.46 24.63
C GLU E 269 -26.57 12.68 24.68
N GLY E 270 -26.53 11.45 24.19
CA GLY E 270 -27.71 10.59 24.17
C GLY E 270 -28.03 10.10 22.76
N PHE E 271 -27.45 8.98 22.37
CA PHE E 271 -27.68 8.40 21.05
C PHE E 271 -28.76 7.33 21.10
N ARG E 272 -29.90 7.67 21.68
CA ARG E 272 -31.02 6.73 21.76
C ARG E 272 -31.80 6.69 20.45
N ILE E 273 -32.09 5.49 19.98
CA ILE E 273 -32.83 5.30 18.74
C ILE E 273 -33.77 4.10 18.89
N THR E 274 -34.97 4.38 19.39
CA THR E 274 -35.99 3.36 19.61
C THR E 274 -36.73 3.01 18.32
N TYR E 275 -37.71 2.12 18.43
CA TYR E 275 -38.54 1.66 17.33
C TYR E 275 -39.56 2.72 16.92
N ASP E 276 -40.00 3.53 17.89
CA ASP E 276 -40.97 4.59 17.66
C ASP E 276 -40.45 5.70 16.75
N ASP E 277 -39.13 5.83 16.67
CA ASP E 277 -38.49 6.85 15.84
C ASP E 277 -38.26 6.45 14.38
N LEU E 278 -38.40 5.16 14.08
CA LEU E 278 -38.20 4.65 12.73
C LEU E 278 -39.48 4.56 11.89
N GLU E 279 -40.36 5.55 12.02
CA GLU E 279 -41.61 5.59 11.28
C GLU E 279 -41.34 5.75 9.77
N GLY E 280 -42.09 5.02 8.96
CA GLY E 280 -41.93 5.10 7.52
C GLY E 280 -40.79 4.29 6.91
N GLY E 281 -40.61 3.06 7.39
CA GLY E 281 -39.55 2.22 6.88
C GLY E 281 -39.83 0.74 7.07
N ASN E 282 -41.08 0.35 6.90
CA ASN E 282 -41.50 -1.03 7.06
C ASN E 282 -40.88 -1.93 6.00
N ILE E 283 -40.31 -3.05 6.42
CA ILE E 283 -39.69 -4.01 5.49
C ILE E 283 -40.77 -4.74 4.70
N PRO E 284 -40.78 -4.56 3.38
CA PRO E 284 -41.77 -5.22 2.51
C PRO E 284 -41.65 -6.73 2.59
N ALA E 285 -42.77 -7.41 2.87
CA ALA E 285 -42.80 -8.86 2.97
C ALA E 285 -42.53 -9.55 1.64
N LEU E 286 -42.11 -10.81 1.71
CA LEU E 286 -41.81 -11.60 0.53
C LEU E 286 -43.08 -12.07 -0.19
N LEU E 287 -42.89 -12.56 -1.41
CA LEU E 287 -44.00 -13.06 -2.23
C LEU E 287 -44.04 -14.59 -2.21
N ASP E 288 -45.25 -15.14 -2.12
CA ASP E 288 -45.44 -16.59 -2.11
C ASP E 288 -45.09 -17.10 -3.50
N VAL E 289 -43.86 -17.58 -3.66
CA VAL E 289 -43.37 -18.08 -4.94
C VAL E 289 -43.90 -19.45 -5.35
N ASP E 290 -43.94 -20.39 -4.40
CA ASP E 290 -44.44 -21.74 -4.67
C ASP E 290 -45.93 -21.77 -4.98
N ALA E 291 -46.60 -20.64 -4.80
CA ALA E 291 -48.04 -20.53 -5.06
C ALA E 291 -48.33 -19.75 -6.34
N TYR E 292 -47.42 -18.83 -6.68
CA TYR E 292 -47.57 -18.00 -7.87
C TYR E 292 -47.42 -18.80 -9.16
N GLN E 293 -46.35 -19.59 -9.25
CA GLN E 293 -46.10 -20.40 -10.44
C GLN E 293 -46.96 -21.67 -10.48
N ALA E 294 -47.37 -22.14 -9.31
CA ALA E 294 -48.19 -23.34 -9.20
C ALA E 294 -49.60 -23.12 -9.74
N SER E 295 -50.21 -22.01 -9.33
CA SER E 295 -51.58 -21.67 -9.77
C SER E 295 -51.59 -21.48 -11.29
N LEU E 296 -50.62 -20.71 -11.79
CA LEU E 296 -50.50 -20.42 -13.21
C LEU E 296 -50.23 -21.70 -14.00
N LYS E 375 -57.33 -14.86 -12.43
CA LYS E 375 -56.83 -14.53 -11.10
C LYS E 375 -55.41 -15.05 -10.86
N LYS E 376 -54.72 -14.41 -9.91
CA LYS E 376 -53.36 -14.78 -9.55
C LYS E 376 -53.18 -14.54 -8.05
N PRO E 377 -52.34 -15.36 -7.40
CA PRO E 377 -52.09 -15.24 -5.95
C PRO E 377 -51.56 -13.85 -5.58
N VAL E 378 -50.44 -13.48 -6.21
CA VAL E 378 -49.76 -12.19 -6.00
C VAL E 378 -49.93 -11.47 -4.65
N ILE E 379 -51.11 -10.91 -4.42
CA ILE E 379 -51.42 -10.19 -3.18
C ILE E 379 -51.04 -10.94 -1.91
N LYS E 380 -51.25 -12.25 -1.90
CA LYS E 380 -50.93 -13.07 -0.73
C LYS E 380 -49.44 -13.12 -0.40
N PRO E 381 -49.06 -12.54 0.75
CA PRO E 381 -47.66 -12.52 1.20
C PRO E 381 -47.24 -13.82 1.87
N LEU E 382 -45.95 -13.99 2.06
CA LEU E 382 -45.41 -15.19 2.71
C LEU E 382 -45.48 -15.04 4.22
N THR E 383 -46.30 -15.87 4.86
CA THR E 383 -46.45 -15.83 6.31
C THR E 383 -45.41 -16.72 6.98
N GLU E 384 -45.56 -18.03 6.79
CA GLU E 384 -44.65 -19.03 7.36
C GLU E 384 -43.61 -19.49 6.33
N ASP E 385 -42.76 -20.44 6.73
CA ASP E 385 -41.72 -21.00 5.87
C ASP E 385 -41.27 -22.35 6.42
N SER E 386 -40.00 -22.70 6.19
CA SER E 386 -39.47 -23.97 6.71
C SER E 386 -39.31 -23.88 8.22
N LYS E 387 -39.74 -24.94 8.91
CA LYS E 387 -39.71 -25.04 10.37
C LYS E 387 -40.83 -24.21 11.00
N LYS E 388 -41.45 -23.36 10.18
CA LYS E 388 -42.55 -22.48 10.57
C LYS E 388 -42.18 -21.39 11.57
N ARG E 389 -41.99 -20.18 11.04
CA ARG E 389 -41.63 -19.00 11.83
C ARG E 389 -42.29 -17.77 11.20
N SER E 390 -43.38 -17.29 11.80
CA SER E 390 -44.09 -16.14 11.26
C SER E 390 -43.29 -14.84 11.21
N TYR E 391 -43.35 -14.16 10.07
CA TYR E 391 -42.65 -12.90 9.84
C TYR E 391 -43.22 -11.73 10.64
N ASN E 392 -44.25 -11.97 11.43
CA ASN E 392 -44.90 -10.95 12.25
C ASN E 392 -45.56 -9.83 11.44
N LEU E 393 -46.57 -10.19 10.66
CA LEU E 393 -47.31 -9.22 9.85
C LEU E 393 -48.22 -8.37 10.74
N ILE E 394 -48.29 -7.08 10.44
CA ILE E 394 -49.12 -6.15 11.21
C ILE E 394 -50.60 -6.54 11.21
N SER E 395 -51.05 -7.14 10.12
CA SER E 395 -52.44 -7.58 9.98
C SER E 395 -52.62 -8.60 8.86
N ASN E 396 -53.85 -9.06 8.66
CA ASN E 396 -54.15 -10.04 7.63
C ASN E 396 -54.38 -9.43 6.24
N ASP E 397 -54.48 -8.11 6.18
CA ASP E 397 -54.72 -7.42 4.91
C ASP E 397 -53.51 -6.69 4.31
N SER E 398 -52.78 -5.94 5.14
CA SER E 398 -51.61 -5.20 4.67
C SER E 398 -50.44 -6.05 4.20
N THR E 399 -49.48 -5.40 3.53
CA THR E 399 -48.31 -6.08 2.98
C THR E 399 -47.03 -5.95 3.82
N PHE E 400 -46.92 -4.89 4.61
CA PHE E 400 -45.74 -4.68 5.44
C PHE E 400 -45.70 -5.50 6.72
N THR E 401 -44.52 -5.65 7.29
CA THR E 401 -44.31 -6.40 8.53
C THR E 401 -44.04 -5.47 9.71
N GLN E 402 -43.76 -6.03 10.88
CA GLN E 402 -43.47 -5.24 12.06
C GLN E 402 -41.96 -5.04 12.25
N TYR E 403 -41.21 -5.19 11.17
CA TYR E 403 -39.76 -5.03 11.18
C TYR E 403 -39.30 -3.68 10.63
N ARG E 404 -39.09 -2.71 11.51
CA ARG E 404 -38.63 -1.40 11.09
C ARG E 404 -37.13 -1.42 10.78
N SER E 405 -36.79 -0.94 9.59
CA SER E 405 -35.40 -0.89 9.12
C SER E 405 -34.86 0.53 9.18
N TRP E 406 -33.56 0.67 9.44
CA TRP E 406 -32.91 1.97 9.52
C TRP E 406 -32.51 2.47 8.14
N TYR E 407 -31.99 1.57 7.30
CA TYR E 407 -31.56 1.93 5.95
C TYR E 407 -32.74 2.40 5.10
N LEU E 408 -33.89 1.80 5.33
CA LEU E 408 -35.11 2.15 4.59
C LEU E 408 -35.73 3.45 5.10
N ALA E 409 -35.46 3.77 6.37
CA ALA E 409 -36.00 4.99 6.98
C ALA E 409 -35.17 6.21 6.59
N TYR E 410 -33.98 5.99 6.03
CA TYR E 410 -33.09 7.07 5.64
C TYR E 410 -33.47 7.72 4.30
N ASN E 411 -33.07 7.11 3.19
CA ASN E 411 -33.38 7.68 1.88
C ASN E 411 -34.68 7.22 1.22
N TYR E 412 -35.49 6.47 1.96
CA TYR E 412 -36.77 6.00 1.44
C TYR E 412 -37.99 6.57 2.16
N GLY E 413 -37.78 7.08 3.37
CA GLY E 413 -38.89 7.68 4.13
C GLY E 413 -39.10 9.14 3.77
N ASP E 414 -39.70 9.90 4.69
CA ASP E 414 -39.94 11.31 4.47
C ASP E 414 -38.76 12.11 5.04
N PRO E 415 -37.96 12.74 4.18
CA PRO E 415 -36.79 13.55 4.52
C PRO E 415 -37.03 14.83 5.31
N GLN E 416 -38.28 15.07 5.73
CA GLN E 416 -38.58 16.29 6.49
C GLN E 416 -38.89 16.08 7.97
N THR E 417 -39.30 14.86 8.33
CA THR E 417 -39.61 14.54 9.72
C THR E 417 -39.22 13.11 10.11
N GLY E 418 -38.48 12.45 9.23
CA GLY E 418 -38.04 11.09 9.50
C GLY E 418 -36.72 11.02 10.23
N ILE E 419 -36.00 9.92 10.05
CA ILE E 419 -34.71 9.72 10.70
C ILE E 419 -33.61 10.53 10.03
N ARG E 420 -33.79 10.82 8.74
CA ARG E 420 -32.83 11.57 7.94
C ARG E 420 -32.72 13.03 8.41
N SER E 421 -33.39 13.35 9.51
CA SER E 421 -33.38 14.69 10.06
C SER E 421 -32.25 14.87 11.09
N TRP E 422 -31.94 13.82 11.84
CA TRP E 422 -30.88 13.90 12.85
C TRP E 422 -29.74 12.89 12.71
N THR E 423 -29.82 12.02 11.70
CA THR E 423 -28.76 11.04 11.49
C THR E 423 -27.97 11.34 10.20
N LEU E 424 -27.07 10.43 9.82
CA LEU E 424 -26.26 10.64 8.62
C LEU E 424 -25.62 9.34 8.14
N LEU E 425 -25.73 9.07 6.84
CA LEU E 425 -25.15 7.86 6.24
C LEU E 425 -23.68 8.08 5.92
N CYS E 426 -22.82 7.74 6.88
CA CYS E 426 -21.38 7.90 6.71
C CYS E 426 -20.67 6.59 6.39
N THR E 427 -19.38 6.69 6.12
CA THR E 427 -18.56 5.53 5.81
C THR E 427 -18.33 4.77 7.12
N PRO E 428 -18.40 3.42 7.08
CA PRO E 428 -18.20 2.58 8.27
C PRO E 428 -17.04 2.98 9.17
N ASP E 429 -15.82 2.88 8.66
CA ASP E 429 -14.60 3.20 9.42
C ASP E 429 -14.52 2.29 10.65
N VAL E 430 -13.60 1.33 10.61
CA VAL E 430 -13.43 0.38 11.70
C VAL E 430 -12.80 0.94 12.97
N THR E 431 -11.86 1.87 12.80
CA THR E 431 -11.15 2.47 13.94
C THR E 431 -12.06 3.19 14.94
N CYS E 432 -13.33 3.39 14.58
CA CYS E 432 -14.33 4.03 15.43
C CYS E 432 -14.16 5.55 15.60
N GLY E 433 -12.99 6.08 15.23
CA GLY E 433 -12.76 7.50 15.38
C GLY E 433 -11.32 7.94 15.34
N SER E 434 -11.08 9.13 14.78
CA SER E 434 -9.74 9.68 14.68
C SER E 434 -9.37 10.49 15.93
N GLU E 435 -9.47 9.85 17.09
CA GLU E 435 -9.15 10.51 18.36
C GLU E 435 -7.64 10.71 18.51
N GLN E 436 -7.23 11.96 18.73
CA GLN E 436 -5.82 12.32 18.87
C GLN E 436 -5.29 12.35 20.31
N VAL E 437 -4.15 11.68 20.51
CA VAL E 437 -3.50 11.63 21.81
C VAL E 437 -2.72 12.91 22.10
N TYR E 438 -2.22 13.02 23.33
CA TYR E 438 -1.45 14.18 23.76
C TYR E 438 -0.07 13.79 24.27
N TRP E 439 0.91 14.66 24.03
CA TRP E 439 2.27 14.42 24.48
C TRP E 439 2.64 15.51 25.47
N SER E 440 3.60 15.20 26.33
CA SER E 440 4.06 16.15 27.32
C SER E 440 5.39 15.73 27.93
N LEU E 441 6.13 16.73 28.42
CA LEU E 441 7.42 16.53 29.06
C LEU E 441 7.51 17.68 30.06
N PRO E 442 6.91 17.50 31.25
CA PRO E 442 6.88 18.49 32.33
C PRO E 442 8.23 18.97 32.85
N ASP E 443 9.12 18.05 33.17
CA ASP E 443 10.44 18.41 33.71
C ASP E 443 11.46 18.89 32.66
N MET E 444 10.99 19.32 31.50
CA MET E 444 11.90 19.78 30.45
C MET E 444 11.35 20.92 29.59
N MET E 445 10.16 20.73 29.03
CA MET E 445 9.54 21.74 28.17
C MET E 445 8.74 22.76 28.99
N GLN E 446 8.88 24.04 28.64
CA GLN E 446 8.15 25.10 29.33
C GLN E 446 6.64 24.97 29.17
N ASP E 447 5.90 25.57 30.10
CA ASP E 447 4.43 25.54 30.07
C ASP E 447 3.91 26.25 28.82
N PRO E 448 3.21 25.51 27.94
CA PRO E 448 2.66 26.05 26.70
C PRO E 448 1.52 27.05 26.86
N VAL E 449 1.87 28.33 26.82
CA VAL E 449 0.93 29.46 26.93
C VAL E 449 0.02 29.52 28.16
N THR E 450 -1.12 28.84 28.15
CA THR E 450 -2.03 28.88 29.31
C THR E 450 -1.97 27.72 30.30
N PHE E 451 -1.16 26.70 30.00
CA PHE E 451 -1.01 25.54 30.87
C PHE E 451 -0.32 25.90 32.19
N ARG E 452 -0.67 25.19 33.26
CA ARG E 452 -0.07 25.44 34.58
C ARG E 452 0.62 24.21 35.17
N SER E 453 1.57 24.47 36.09
CA SER E 453 2.33 23.41 36.74
C SER E 453 1.56 22.64 37.82
N THR E 454 1.71 21.32 37.79
CA THR E 454 1.04 20.44 38.74
C THR E 454 1.65 19.04 38.66
N ARG E 455 1.22 18.14 39.53
CA ARG E 455 1.72 16.77 39.53
C ARG E 455 0.62 15.71 39.50
N GLN E 456 -0.01 15.54 38.33
CA GLN E 456 -1.07 14.57 38.13
C GLN E 456 -1.10 14.12 36.67
N ILE E 457 -1.26 12.82 36.46
CA ILE E 457 -1.31 12.25 35.12
C ILE E 457 -2.62 12.51 34.36
N SER E 458 -3.37 13.50 34.83
CA SER E 458 -4.65 13.85 34.21
C SER E 458 -4.75 15.34 33.89
N ASN E 459 -3.62 16.05 33.87
CA ASN E 459 -3.59 17.47 33.59
C ASN E 459 -2.18 17.98 33.29
N PHE E 460 -1.34 17.13 32.70
CA PHE E 460 0.03 17.51 32.36
C PHE E 460 0.06 18.48 31.18
N PRO E 461 0.98 19.46 31.22
CA PRO E 461 1.14 20.48 30.16
C PRO E 461 1.49 19.87 28.81
N VAL E 462 0.52 19.87 27.89
CA VAL E 462 0.70 19.31 26.55
C VAL E 462 1.65 20.12 25.66
N VAL E 463 2.66 19.43 25.13
CA VAL E 463 3.64 20.07 24.25
C VAL E 463 3.25 19.94 22.78
N GLY E 464 2.63 18.82 22.42
CA GLY E 464 2.22 18.60 21.04
C GLY E 464 1.34 17.38 20.83
N ALA E 465 0.24 17.56 20.12
CA ALA E 465 -0.71 16.47 19.87
C ALA E 465 -0.51 15.74 18.54
N GLU E 466 -0.66 14.42 18.58
CA GLU E 466 -0.52 13.56 17.40
C GLU E 466 -1.73 12.62 17.29
N LEU E 467 -2.00 12.13 16.09
CA LEU E 467 -3.13 11.22 15.86
C LEU E 467 -2.68 9.79 16.15
N LEU E 468 -3.50 9.06 16.91
CA LEU E 468 -3.22 7.67 17.27
C LEU E 468 -2.83 6.84 16.03
N PRO E 469 -1.69 6.14 16.09
CA PRO E 469 -1.16 5.29 15.01
C PRO E 469 -2.00 4.09 14.59
N VAL E 470 -3.29 4.32 14.38
CA VAL E 470 -4.19 3.26 13.94
C VAL E 470 -4.69 3.65 12.56
N HIS E 471 -4.54 2.75 11.60
CA HIS E 471 -5.01 3.05 10.24
C HIS E 471 -6.09 2.11 9.73
N SER E 472 -6.49 2.36 8.50
CA SER E 472 -7.52 1.58 7.80
C SER E 472 -6.93 0.93 6.54
N LYS E 473 -6.95 -0.39 6.47
CA LYS E 473 -6.40 -1.10 5.33
C LYS E 473 -7.48 -1.64 4.37
N SER E 474 -7.70 -0.92 3.28
CA SER E 474 -8.69 -1.32 2.28
C SER E 474 -8.29 -2.61 1.55
N PHE E 475 -9.18 -3.60 1.57
CA PHE E 475 -8.95 -4.88 0.90
C PHE E 475 -9.92 -5.07 -0.27
N TYR E 476 -10.14 -6.32 -0.66
CA TYR E 476 -11.05 -6.64 -1.76
C TYR E 476 -11.31 -8.15 -1.80
N ASN E 477 -12.48 -8.56 -1.33
CA ASN E 477 -12.84 -9.97 -1.33
C ASN E 477 -14.03 -10.28 -2.23
N ASP E 478 -13.73 -10.63 -3.48
CA ASP E 478 -14.73 -10.97 -4.48
C ASP E 478 -15.37 -12.31 -4.10
N GLN E 479 -14.74 -12.99 -3.13
CA GLN E 479 -15.22 -14.27 -2.63
C GLN E 479 -16.48 -14.06 -1.79
N ALA E 480 -16.62 -12.85 -1.24
CA ALA E 480 -17.76 -12.48 -0.39
C ALA E 480 -19.10 -13.04 -0.85
N VAL E 481 -19.96 -13.37 0.12
CA VAL E 481 -21.28 -13.94 -0.14
C VAL E 481 -21.14 -15.38 -0.66
N TYR E 482 -20.14 -15.61 -1.48
CA TYR E 482 -19.86 -16.93 -2.04
C TYR E 482 -19.01 -17.70 -1.04
N SER E 483 -18.23 -16.97 -0.24
CA SER E 483 -17.39 -17.56 0.79
C SER E 483 -18.28 -17.86 1.98
N GLN E 484 -19.37 -17.12 2.10
CA GLN E 484 -20.35 -17.30 3.16
C GLN E 484 -20.96 -18.69 3.04
N LEU E 485 -21.28 -19.06 1.80
CA LEU E 485 -21.87 -20.35 1.48
C LEU E 485 -20.85 -21.49 1.69
N ILE E 486 -19.58 -21.12 1.84
CA ILE E 486 -18.50 -22.08 2.04
C ILE E 486 -17.97 -22.08 3.47
N ARG E 487 -18.03 -20.92 4.14
CA ARG E 487 -17.55 -20.79 5.51
C ARG E 487 -18.39 -21.61 6.48
N GLN E 488 -19.63 -21.89 6.07
CA GLN E 488 -20.55 -22.69 6.89
C GLN E 488 -20.08 -24.15 6.89
N PHE E 489 -19.11 -24.44 6.04
CA PHE E 489 -18.54 -25.78 5.93
C PHE E 489 -17.12 -25.82 6.46
N THR E 490 -16.42 -24.69 6.39
CA THR E 490 -15.06 -24.60 6.91
C THR E 490 -15.16 -24.72 8.43
N SER E 491 -16.12 -24.01 9.01
CA SER E 491 -16.34 -24.08 10.45
C SER E 491 -17.21 -25.30 10.73
N LEU E 492 -17.08 -25.88 11.91
CA LEU E 492 -17.86 -27.07 12.26
C LEU E 492 -19.24 -26.83 12.84
N THR E 493 -19.51 -25.61 13.29
CA THR E 493 -20.80 -25.27 13.88
C THR E 493 -21.29 -23.89 13.43
N HIS E 494 -22.52 -23.84 12.93
CA HIS E 494 -23.12 -22.58 12.50
C HIS E 494 -23.53 -21.81 13.74
N VAL E 495 -22.59 -21.03 14.28
CA VAL E 495 -22.85 -20.24 15.47
C VAL E 495 -23.64 -18.98 15.10
N PHE E 496 -23.09 -18.19 14.18
CA PHE E 496 -23.71 -16.95 13.74
C PHE E 496 -25.00 -17.22 12.97
N ASN E 497 -24.94 -18.16 12.03
CA ASN E 497 -26.08 -18.54 11.21
C ASN E 497 -26.91 -19.65 11.87
N ARG E 498 -27.54 -19.34 13.00
CA ARG E 498 -28.37 -20.31 13.70
C ARG E 498 -29.75 -20.46 13.05
N PHE E 499 -30.13 -19.46 12.27
CA PHE E 499 -31.42 -19.47 11.58
C PHE E 499 -31.19 -19.29 10.08
N PRO E 500 -30.77 -20.37 9.39
CA PRO E 500 -30.51 -20.32 7.95
C PRO E 500 -31.80 -20.43 7.11
N GLU E 501 -32.94 -20.44 7.80
CA GLU E 501 -34.23 -20.52 7.15
C GLU E 501 -34.87 -19.14 7.00
N ASN E 502 -34.99 -18.43 8.12
CA ASN E 502 -35.58 -17.09 8.16
C ASN E 502 -34.82 -16.08 7.31
N GLN E 503 -35.55 -15.33 6.49
CA GLN E 503 -34.96 -14.33 5.59
C GLN E 503 -34.70 -12.97 6.26
N ILE E 504 -34.78 -12.92 7.59
CA ILE E 504 -34.54 -11.68 8.33
C ILE E 504 -33.59 -11.95 9.51
N LEU E 505 -33.75 -13.09 10.16
CA LEU E 505 -32.91 -13.45 11.29
C LEU E 505 -31.70 -14.27 10.89
N ALA E 506 -31.38 -14.25 9.60
CA ALA E 506 -30.23 -14.99 9.07
C ALA E 506 -28.90 -14.29 9.32
N ARG E 507 -27.87 -14.70 8.60
CA ARG E 507 -26.54 -14.12 8.73
C ARG E 507 -26.38 -12.97 7.73
N PRO E 508 -25.97 -11.78 8.21
CA PRO E 508 -25.78 -10.59 7.37
C PRO E 508 -24.79 -10.84 6.23
N PRO E 509 -25.22 -10.59 4.97
CA PRO E 509 -24.39 -10.78 3.78
C PRO E 509 -23.06 -10.04 3.86
N ALA E 510 -21.97 -10.79 3.68
CA ALA E 510 -20.63 -10.20 3.73
C ALA E 510 -20.45 -9.14 2.65
N PRO E 511 -20.28 -7.87 3.07
CA PRO E 511 -20.09 -6.75 2.15
C PRO E 511 -18.73 -6.78 1.47
N THR E 512 -18.63 -6.19 0.29
CA THR E 512 -17.37 -6.16 -0.45
C THR E 512 -16.40 -5.15 0.14
N ILE E 513 -15.10 -5.40 -0.07
CA ILE E 513 -14.03 -4.55 0.45
C ILE E 513 -14.05 -4.53 1.98
N THR E 514 -13.32 -5.45 2.59
CA THR E 514 -13.24 -5.54 4.04
C THR E 514 -12.13 -4.64 4.60
N THR E 515 -12.49 -3.77 5.53
CA THR E 515 -11.53 -2.87 6.15
C THR E 515 -11.10 -3.45 7.50
N VAL E 516 -9.79 -3.53 7.74
CA VAL E 516 -9.26 -4.06 8.98
C VAL E 516 -8.16 -3.14 9.50
N SER E 517 -8.12 -2.91 10.81
CA SER E 517 -7.14 -2.05 11.43
C SER E 517 -5.71 -2.59 11.30
N GLU E 518 -4.75 -1.67 11.23
CA GLU E 518 -3.33 -2.03 11.12
C GLU E 518 -2.46 -1.00 11.84
N ASN E 519 -1.86 -1.43 12.94
CA ASN E 519 -1.01 -0.55 13.74
C ASN E 519 0.29 -0.23 12.99
N VAL E 520 0.36 0.98 12.45
CA VAL E 520 1.53 1.42 11.71
C VAL E 520 2.38 2.41 12.51
N PRO E 521 3.64 2.06 12.81
CA PRO E 521 4.54 2.93 13.57
C PRO E 521 4.75 4.25 12.84
N ALA E 522 4.16 5.30 13.40
CA ALA E 522 4.23 6.65 12.83
C ALA E 522 5.58 7.33 13.05
N LEU E 523 5.78 8.45 12.34
CA LEU E 523 6.99 9.24 12.41
C LEU E 523 6.59 10.71 12.19
N THR E 524 5.97 11.30 13.21
CA THR E 524 5.50 12.68 13.13
C THR E 524 6.62 13.73 13.13
N ASP E 525 6.22 14.99 12.97
CA ASP E 525 7.13 16.12 12.94
C ASP E 525 6.57 17.23 13.83
N HIS E 526 6.96 17.22 15.10
CA HIS E 526 6.49 18.22 16.07
C HIS E 526 7.29 19.52 15.92
N GLY E 527 6.61 20.65 16.15
CA GLY E 527 7.27 21.94 16.03
C GLY E 527 8.13 22.34 17.22
N THR E 528 8.84 23.45 17.09
CA THR E 528 9.73 23.98 18.12
C THR E 528 9.06 24.25 19.47
N LEU E 529 9.71 23.81 20.53
CA LEU E 529 9.19 23.97 21.90
C LEU E 529 10.26 24.41 22.90
N PRO E 530 10.02 25.51 23.61
CA PRO E 530 10.94 26.07 24.61
C PRO E 530 11.32 25.06 25.68
N LEU E 531 12.51 25.24 26.25
CA LEU E 531 13.02 24.35 27.29
C LEU E 531 13.19 25.07 28.63
N ARG E 532 13.46 24.31 29.68
CA ARG E 532 13.64 24.88 31.01
C ARG E 532 15.02 25.52 31.16
N ASN E 533 15.25 26.11 32.33
CA ASN E 533 16.52 26.76 32.63
C ASN E 533 17.53 25.72 33.11
N SER E 534 17.05 24.53 33.42
CA SER E 534 17.90 23.43 33.89
C SER E 534 17.20 22.08 33.75
N ILE E 535 17.51 21.39 32.65
CA ILE E 535 16.93 20.08 32.37
C ILE E 535 17.25 19.05 33.45
N GLY E 536 16.24 18.32 33.88
CA GLY E 536 16.43 17.31 34.92
C GLY E 536 17.18 16.08 34.45
N GLY E 537 17.62 15.26 35.40
CA GLY E 537 18.35 14.05 35.06
C GLY E 537 17.40 12.94 34.65
N VAL E 538 16.32 12.79 35.41
CA VAL E 538 15.31 11.77 35.14
C VAL E 538 14.01 12.41 34.63
N GLN E 539 13.85 12.38 33.31
CA GLN E 539 12.66 12.93 32.64
C GLN E 539 11.41 12.09 32.86
N ARG E 540 10.27 12.63 32.44
CA ARG E 540 8.99 11.94 32.58
C ARG E 540 8.23 11.99 31.26
N VAL E 541 8.33 10.92 30.48
CA VAL E 541 7.64 10.83 29.19
C VAL E 541 6.22 10.33 29.41
N THR E 542 5.25 11.19 29.13
CA THR E 542 3.84 10.84 29.29
C THR E 542 3.13 10.88 27.93
N ILE E 543 2.11 10.05 27.78
CA ILE E 543 1.33 9.98 26.55
C ILE E 543 -0.14 9.91 26.96
N THR E 544 -0.74 11.09 27.15
CA THR E 544 -2.13 11.19 27.56
C THR E 544 -3.10 10.87 26.41
N ASP E 545 -4.36 10.59 26.75
CA ASP E 545 -5.37 10.28 25.74
C ASP E 545 -6.37 11.44 25.68
N ALA E 546 -7.51 11.22 25.01
CA ALA E 546 -8.54 12.23 24.87
C ALA E 546 -9.29 12.52 26.17
N ARG E 547 -9.59 11.48 26.94
CA ARG E 547 -10.29 11.65 28.21
C ARG E 547 -9.32 11.93 29.36
N ARG E 548 -8.07 12.20 29.02
CA ARG E 548 -7.00 12.49 29.99
C ARG E 548 -6.70 11.27 30.88
N ARG E 549 -6.02 10.28 30.31
CA ARG E 549 -5.65 9.06 31.04
C ARG E 549 -4.64 8.19 30.28
N THR E 550 -4.09 7.21 30.98
CA THR E 550 -3.11 6.29 30.42
C THR E 550 -3.63 5.36 29.32
N CYS E 551 -2.77 5.11 28.32
CA CYS E 551 -3.10 4.23 27.20
C CYS E 551 -2.25 2.97 27.26
N PRO E 552 -2.71 1.94 28.01
CA PRO E 552 -2.05 0.65 28.21
C PRO E 552 -1.76 -0.18 26.95
N TYR E 553 -1.66 0.48 25.80
CA TYR E 553 -1.39 -0.22 24.54
C TYR E 553 -0.21 0.39 23.78
N VAL E 554 0.73 0.96 24.53
CA VAL E 554 1.92 1.56 23.91
C VAL E 554 3.07 0.55 23.92
N TYR E 555 3.56 0.23 22.73
CA TYR E 555 4.66 -0.72 22.58
C TYR E 555 6.02 -0.03 22.43
N LYS E 556 6.02 1.14 21.78
CA LYS E 556 7.25 1.90 21.55
C LYS E 556 6.94 3.40 21.68
N ALA E 557 7.77 4.12 22.43
CA ALA E 557 7.56 5.55 22.64
C ALA E 557 8.85 6.32 22.98
N LEU E 558 9.61 6.69 21.95
CA LEU E 558 10.86 7.43 22.16
C LEU E 558 10.85 8.78 21.48
N GLY E 559 11.71 9.70 21.95
CA GLY E 559 11.77 11.02 21.37
C GLY E 559 13.15 11.62 21.24
N ILE E 560 13.37 12.36 20.15
CA ILE E 560 14.64 13.02 19.88
C ILE E 560 14.44 14.54 19.97
N VAL E 561 15.28 15.21 20.74
CA VAL E 561 15.20 16.65 20.90
C VAL E 561 16.51 17.34 20.52
N SER E 562 16.43 18.31 19.62
CA SER E 562 17.60 19.05 19.17
C SER E 562 17.49 20.55 19.50
N PRO E 563 17.83 20.92 20.75
CA PRO E 563 17.76 22.31 21.23
C PRO E 563 18.62 23.33 20.49
N ARG E 564 18.14 24.55 20.44
CA ARG E 564 18.84 25.66 19.77
C ARG E 564 18.46 27.00 20.38
N VAL E 565 19.33 27.99 20.20
CA VAL E 565 19.10 29.33 20.74
C VAL E 565 18.01 30.09 19.98
N LEU E 566 17.11 30.72 20.71
CA LEU E 566 16.03 31.50 20.12
C LEU E 566 16.30 33.00 20.25
N SER E 567 16.24 33.51 21.49
CA SER E 567 16.49 34.93 21.74
C SER E 567 16.99 35.28 23.13
N SER E 568 17.85 36.31 23.20
CA SER E 568 18.44 36.77 24.45
C SER E 568 17.51 37.60 25.33
N ARG E 569 17.94 37.86 26.57
CA ARG E 569 17.17 38.64 27.53
C ARG E 569 17.70 40.06 27.71
N ASP F 37 41.37 52.59 37.39
CA ASP F 37 41.45 51.18 36.99
C ASP F 37 40.58 50.30 37.90
N PRO F 38 39.24 50.42 37.77
CA PRO F 38 38.28 49.66 38.55
C PRO F 38 38.16 48.19 38.10
N PRO F 39 37.49 47.35 38.89
CA PRO F 39 37.30 45.93 38.56
C PRO F 39 36.30 45.70 37.42
N PHE F 40 36.07 46.74 36.62
CA PHE F 40 35.15 46.71 35.49
C PHE F 40 33.86 45.92 35.66
N VAL F 41 33.44 45.17 34.66
CA VAL F 41 32.20 44.38 34.68
C VAL F 41 30.94 45.24 34.59
N PRO F 42 30.40 45.38 33.36
CA PRO F 42 29.18 46.18 33.14
C PRO F 42 27.95 45.49 33.72
N PRO F 43 27.02 46.27 34.28
CA PRO F 43 25.78 45.76 34.88
C PRO F 43 24.86 45.12 33.85
N ARG F 44 24.22 44.01 34.23
CA ARG F 44 23.30 43.29 33.34
C ARG F 44 21.84 43.48 33.74
N TYR F 45 20.99 43.68 32.74
CA TYR F 45 19.56 43.87 32.97
C TYR F 45 18.74 42.77 32.32
N LEU F 46 17.90 42.12 33.11
CA LEU F 46 17.04 41.04 32.62
C LEU F 46 16.14 41.53 31.51
N ARG F 47 15.74 40.61 30.62
CA ARG F 47 14.87 40.95 29.51
C ARG F 47 13.43 41.15 29.98
N PRO F 48 12.70 42.03 29.30
CA PRO F 48 11.31 42.32 29.66
C PRO F 48 10.43 41.08 29.55
N THR F 49 9.68 40.79 30.61
CA THR F 49 8.80 39.63 30.62
C THR F 49 7.36 40.03 30.31
N GLY F 50 7.12 40.42 29.06
CA GLY F 50 5.79 40.83 28.63
C GLY F 50 5.83 42.00 27.67
N GLY F 51 6.05 41.71 26.39
CA GLY F 51 6.11 42.74 25.38
C GLY F 51 6.65 42.23 24.06
N ARG F 52 7.92 42.53 23.79
CA ARG F 52 8.56 42.10 22.56
C ARG F 52 8.44 40.59 22.36
N ASN F 53 8.80 39.84 23.40
CA ASN F 53 8.74 38.39 23.35
C ASN F 53 8.13 37.87 24.63
N SER F 54 6.81 37.73 24.62
CA SER F 54 6.09 37.26 25.79
C SER F 54 4.64 37.04 25.40
N ILE F 55 4.13 35.83 25.60
CA ILE F 55 2.73 35.57 25.31
C ILE F 55 2.04 35.48 26.66
N ARG F 56 1.17 36.44 26.95
CA ARG F 56 0.47 36.46 28.22
C ARG F 56 -0.69 35.46 28.29
N TYR F 57 -0.85 34.82 29.44
CA TYR F 57 -1.92 33.85 29.65
C TYR F 57 -2.86 34.45 30.69
N SER F 58 -2.74 35.76 30.87
CA SER F 58 -3.54 36.54 31.82
C SER F 58 -3.11 36.27 33.25
N GLU F 59 -2.94 34.99 33.55
CA GLU F 59 -2.52 34.55 34.88
C GLU F 59 -1.23 33.72 34.69
N LEU F 60 -0.96 32.83 35.66
CA LEU F 60 0.25 32.00 35.61
C LEU F 60 1.47 32.89 35.37
N ALA F 61 2.22 32.59 34.30
CA ALA F 61 3.41 33.37 33.92
C ALA F 61 3.68 33.31 32.42
N PRO F 62 3.78 34.48 31.77
CA PRO F 62 4.03 34.59 30.32
C PRO F 62 5.26 33.81 29.88
N LEU F 63 5.17 33.22 28.69
CA LEU F 63 6.26 32.44 28.11
C LEU F 63 6.84 33.20 26.91
N PHE F 64 8.12 32.99 26.65
CA PHE F 64 8.81 33.65 25.53
C PHE F 64 8.43 33.07 24.15
N ASP F 65 9.26 33.33 23.15
CA ASP F 65 9.02 32.85 21.78
C ASP F 65 8.96 31.33 21.62
N THR F 66 8.28 30.90 20.56
CA THR F 66 8.07 29.48 20.22
C THR F 66 7.10 28.80 21.21
N THR F 67 5.82 29.16 21.10
CA THR F 67 4.77 28.58 21.94
C THR F 67 3.78 27.78 21.11
N ARG F 68 2.87 27.04 21.77
CA ARG F 68 1.88 26.23 21.05
C ARG F 68 0.45 26.33 21.56
N VAL F 69 -0.45 26.77 20.68
CA VAL F 69 -1.87 26.91 20.98
C VAL F 69 -2.70 25.87 20.20
N TYR F 70 -3.07 24.79 20.88
CA TYR F 70 -3.83 23.70 20.27
C TYR F 70 -5.34 23.97 20.14
N LEU F 71 -5.91 23.53 19.01
CA LEU F 71 -7.34 23.69 18.75
C LEU F 71 -7.93 22.32 18.41
N VAL F 72 -8.26 21.56 19.44
CA VAL F 72 -8.80 20.21 19.27
C VAL F 72 -10.32 20.13 19.12
N ASP F 73 -10.79 18.97 18.65
CA ASP F 73 -12.20 18.67 18.46
C ASP F 73 -12.78 17.92 19.67
N ASN F 74 -11.91 17.53 20.60
CA ASN F 74 -12.32 16.83 21.82
C ASN F 74 -12.82 17.78 22.89
N LYS F 75 -12.84 19.07 22.57
CA LYS F 75 -13.26 20.11 23.50
C LYS F 75 -14.69 20.59 23.27
N SER F 76 -15.32 20.14 22.19
CA SER F 76 -16.69 20.55 21.89
C SER F 76 -17.72 20.10 22.91
N THR F 77 -17.60 18.85 23.38
CA THR F 77 -18.54 18.31 24.35
C THR F 77 -18.58 19.16 25.63
N ASP F 78 -17.41 19.61 26.06
CA ASP F 78 -17.24 20.43 27.26
C ASP F 78 -17.82 21.85 27.13
N VAL F 79 -17.78 22.40 25.92
CA VAL F 79 -18.30 23.74 25.68
C VAL F 79 -19.82 23.74 25.59
N ALA F 80 -20.42 22.61 25.95
CA ALA F 80 -21.88 22.48 25.91
C ALA F 80 -22.57 23.83 26.09
N SER F 81 -22.91 24.46 24.98
CA SER F 81 -23.57 25.76 25.01
C SER F 81 -23.28 26.57 23.75
N LEU F 82 -22.40 26.03 22.91
CA LEU F 82 -22.03 26.70 21.66
C LEU F 82 -22.25 25.78 20.46
N ASN F 83 -21.78 24.54 20.58
CA ASN F 83 -21.92 23.56 19.52
C ASN F 83 -23.19 22.73 19.65
N TYR F 84 -24.16 23.25 20.40
CA TYR F 84 -25.43 22.56 20.61
C TYR F 84 -26.32 22.67 19.38
N GLN F 85 -25.74 22.51 18.21
CA GLN F 85 -26.49 22.58 16.96
C GLN F 85 -25.62 22.20 15.77
N ASN F 86 -24.32 22.45 15.88
CA ASN F 86 -23.38 22.13 14.81
C ASN F 86 -22.47 20.93 15.11
N ASP F 87 -22.32 20.04 14.11
CA ASP F 87 -21.52 18.81 14.26
C ASP F 87 -20.12 18.75 13.60
N HIS F 88 -19.08 19.11 14.37
CA HIS F 88 -17.67 19.08 13.91
C HIS F 88 -17.27 19.84 12.65
N SER F 89 -18.17 20.65 12.09
CA SER F 89 -17.83 21.39 10.89
C SER F 89 -17.51 22.85 11.21
N ASN F 90 -18.23 23.42 12.17
CA ASN F 90 -18.05 24.81 12.59
C ASN F 90 -18.36 24.97 14.08
N PHE F 91 -17.66 24.18 14.88
CA PHE F 91 -17.80 24.16 16.33
C PHE F 91 -16.82 25.13 17.03
N LEU F 92 -17.12 25.53 18.27
CA LEU F 92 -16.26 26.43 19.03
C LEU F 92 -15.43 25.68 20.07
N THR F 93 -14.18 26.09 20.27
CA THR F 93 -13.28 25.42 21.22
C THR F 93 -12.46 26.36 22.12
N THR F 94 -12.13 25.89 23.32
CA THR F 94 -11.34 26.64 24.28
C THR F 94 -9.85 26.31 24.14
N VAL F 95 -9.08 27.26 23.63
CA VAL F 95 -7.65 27.08 23.44
C VAL F 95 -6.91 27.53 24.69
N ILE F 96 -7.50 27.27 25.85
CA ILE F 96 -6.90 27.63 27.13
C ILE F 96 -6.11 26.43 27.65
N GLN F 97 -6.84 25.46 28.21
CA GLN F 97 -6.26 24.24 28.79
C GLN F 97 -5.39 24.55 30.00
N ASN F 98 -6.04 24.75 31.14
CA ASN F 98 -5.37 25.04 32.45
C ASN F 98 -5.23 23.75 33.22
N ASN F 99 -6.38 23.03 33.32
CA ASN F 99 -6.54 21.69 33.89
C ASN F 99 -7.24 21.56 35.26
N ASP F 100 -7.66 22.68 35.84
CA ASP F 100 -8.35 22.56 37.15
C ASP F 100 -9.67 23.36 37.19
N TYR F 101 -9.98 24.10 36.13
CA TYR F 101 -11.20 24.93 36.10
C TYR F 101 -12.41 24.27 35.46
N SER F 102 -12.54 22.94 35.60
CA SER F 102 -13.69 22.23 35.04
C SER F 102 -13.71 22.29 33.50
N PRO F 103 -14.75 21.70 32.87
CA PRO F 103 -14.86 21.69 31.40
C PRO F 103 -14.76 23.06 30.71
N GLY F 104 -15.88 23.76 30.56
CA GLY F 104 -15.87 25.06 29.90
C GLY F 104 -15.66 26.25 30.81
N GLU F 105 -14.74 27.13 30.43
CA GLU F 105 -14.43 28.33 31.21
C GLU F 105 -13.40 29.18 30.46
N ALA F 106 -13.15 30.38 30.99
CA ALA F 106 -12.21 31.34 30.41
C ALA F 106 -12.71 31.82 29.05
N SER F 107 -13.98 32.19 28.99
CA SER F 107 -14.61 32.68 27.77
C SER F 107 -14.29 34.17 27.60
N THR F 108 -14.12 34.86 28.72
CA THR F 108 -13.82 36.29 28.74
C THR F 108 -12.32 36.54 28.61
N GLN F 109 -11.52 35.63 29.16
CA GLN F 109 -10.06 35.76 29.13
C GLN F 109 -9.48 35.58 27.74
N THR F 110 -8.56 36.47 27.38
CA THR F 110 -7.92 36.42 26.08
C THR F 110 -6.42 36.16 26.14
N ILE F 111 -5.93 35.35 25.22
CA ILE F 111 -4.52 35.02 25.14
C ILE F 111 -3.84 36.20 24.46
N ASN F 112 -3.26 37.09 25.27
CA ASN F 112 -2.58 38.27 24.77
C ASN F 112 -1.35 38.01 23.91
N LEU F 113 -1.02 39.01 23.11
CA LEU F 113 0.13 39.03 22.22
C LEU F 113 0.55 40.51 22.25
N ASP F 114 1.85 40.78 22.29
CA ASP F 114 2.33 42.16 22.37
C ASP F 114 1.92 43.09 21.23
N ASP F 115 1.90 44.38 21.56
CA ASP F 115 1.51 45.46 20.64
C ASP F 115 2.68 45.93 19.77
N ARG F 116 3.90 45.67 20.23
CA ARG F 116 5.11 46.07 19.52
C ARG F 116 5.50 45.20 18.31
N SER F 117 5.16 43.91 18.36
CA SER F 117 5.48 42.99 17.27
C SER F 117 4.35 41.98 16.99
N HIS F 118 4.11 41.70 15.71
CA HIS F 118 3.07 40.75 15.32
C HIS F 118 3.63 39.34 15.16
N TRP F 119 2.84 38.34 15.59
CA TRP F 119 3.24 36.95 15.50
C TRP F 119 2.83 36.34 14.16
N GLY F 120 2.84 35.01 14.10
CA GLY F 120 2.46 34.32 12.87
C GLY F 120 3.12 32.95 12.76
N GLY F 121 2.51 31.94 13.37
CA GLY F 121 3.06 30.59 13.35
C GLY F 121 2.45 29.62 12.35
N ASP F 122 2.92 28.38 12.41
CA ASP F 122 2.45 27.32 11.52
C ASP F 122 1.02 26.86 11.84
N LEU F 123 0.56 25.84 11.13
CA LEU F 123 -0.78 25.29 11.32
C LEU F 123 -0.86 23.87 10.79
N LYS F 124 -0.27 22.93 11.52
CA LYS F 124 -0.28 21.53 11.12
C LYS F 124 -1.51 20.82 11.67
N THR F 125 -2.60 20.86 10.90
CA THR F 125 -3.85 20.22 11.29
C THR F 125 -3.88 18.71 11.06
N ILE F 126 -4.94 18.05 11.54
CA ILE F 126 -5.10 16.60 11.39
C ILE F 126 -6.56 16.27 11.07
N LEU F 127 -6.90 16.34 9.79
CA LEU F 127 -8.26 16.06 9.33
C LEU F 127 -8.51 14.56 9.14
N HIS F 128 -9.78 14.18 9.15
CA HIS F 128 -10.20 12.79 8.96
C HIS F 128 -11.71 12.72 8.79
N THR F 129 -12.13 12.45 7.56
CA THR F 129 -13.56 12.36 7.24
C THR F 129 -14.01 10.90 7.08
N ASN F 130 -15.28 10.71 6.76
CA ASN F 130 -15.86 9.38 6.54
C ASN F 130 -17.01 9.43 5.53
N MET F 131 -16.88 10.36 4.58
CA MET F 131 -17.86 10.58 3.53
C MET F 131 -18.05 9.37 2.60
N PRO F 132 -19.29 8.86 2.49
CA PRO F 132 -19.64 7.71 1.66
C PRO F 132 -19.31 7.97 0.19
N ASN F 133 -19.44 6.93 -0.64
CA ASN F 133 -19.17 7.05 -2.06
C ASN F 133 -20.33 7.79 -2.75
N VAL F 134 -21.54 7.56 -2.27
CA VAL F 134 -22.73 8.19 -2.83
C VAL F 134 -23.62 8.78 -1.72
N ASN F 135 -23.97 10.05 -1.86
CA ASN F 135 -24.83 10.74 -0.89
C ASN F 135 -25.48 12.03 -1.43
N GLU F 136 -26.55 12.48 -0.77
CA GLU F 136 -27.28 13.68 -1.17
C GLU F 136 -26.43 14.96 -1.14
N PHE F 137 -25.40 14.96 -0.30
CA PHE F 137 -24.51 16.12 -0.16
C PHE F 137 -23.71 16.43 -1.42
N MET F 138 -22.88 15.48 -1.85
CA MET F 138 -22.03 15.65 -3.03
C MET F 138 -22.75 15.56 -4.38
N PHE F 139 -24.08 15.43 -4.34
CA PHE F 139 -24.89 15.34 -5.56
C PHE F 139 -24.51 14.15 -6.44
N THR F 140 -24.43 12.96 -5.84
CA THR F 140 -24.07 11.76 -6.58
C THR F 140 -25.17 10.70 -6.54
N ASN F 141 -26.23 10.96 -5.79
CA ASN F 141 -27.33 10.02 -5.66
C ASN F 141 -28.35 10.18 -6.80
N LYS F 142 -28.54 11.40 -7.26
CA LYS F 142 -29.50 11.69 -8.32
C LYS F 142 -28.86 11.85 -9.70
N PHE F 143 -29.61 11.48 -10.73
CA PHE F 143 -29.16 11.58 -12.12
C PHE F 143 -30.36 11.42 -13.05
N LYS F 144 -30.61 12.44 -13.86
CA LYS F 144 -31.73 12.42 -14.79
C LYS F 144 -31.44 11.57 -16.03
N ALA F 145 -32.51 11.15 -16.70
CA ALA F 145 -32.40 10.32 -17.91
C ALA F 145 -33.78 10.11 -18.53
N ARG F 146 -33.99 10.70 -19.71
CA ARG F 146 -35.26 10.58 -20.42
C ARG F 146 -35.47 9.15 -20.92
N VAL F 147 -36.46 8.47 -20.35
CA VAL F 147 -36.78 7.10 -20.75
C VAL F 147 -38.19 7.06 -21.30
N MET F 148 -38.53 5.98 -22.00
CA MET F 148 -39.87 5.84 -22.57
C MET F 148 -40.92 5.75 -21.47
N VAL F 149 -42.05 6.42 -21.67
CA VAL F 149 -43.13 6.41 -20.69
C VAL F 149 -44.20 5.39 -21.05
N SER F 150 -44.73 5.49 -22.27
CA SER F 150 -45.76 4.57 -22.74
C SER F 150 -45.59 4.28 -24.23
N ARG F 151 -46.44 3.39 -24.75
CA ARG F 151 -46.40 3.03 -26.16
C ARG F 151 -47.55 2.10 -26.52
N LEU F 152 -48.70 2.68 -26.81
CA LEU F 152 -49.88 1.90 -27.17
C LEU F 152 -50.28 2.15 -28.63
N PRO F 153 -51.53 1.83 -28.95
CA PRO F 153 -52.05 2.02 -30.31
C PRO F 153 -53.22 2.98 -30.35
N THR F 154 -53.03 4.14 -30.97
CA THR F 154 -54.07 5.14 -31.08
C THR F 154 -54.04 5.85 -32.42
N LYS F 155 -55.21 6.27 -32.90
CA LYS F 155 -55.31 6.96 -34.19
C LYS F 155 -55.70 6.00 -35.29
N ASP F 156 -55.76 4.71 -34.97
CA ASP F 156 -56.12 3.69 -35.94
C ASP F 156 -54.90 2.88 -36.36
N ASN F 157 -53.99 3.51 -37.09
CA ASN F 157 -52.79 2.85 -37.56
C ASN F 157 -51.52 3.50 -37.01
N GLN F 158 -51.68 4.66 -36.38
CA GLN F 158 -50.55 5.39 -35.82
C GLN F 158 -49.96 4.73 -34.58
N VAL F 159 -48.73 5.14 -34.25
CA VAL F 159 -48.03 4.62 -33.08
C VAL F 159 -47.30 5.76 -32.37
N GLU F 160 -48.00 6.42 -31.45
CA GLU F 160 -47.42 7.53 -30.69
C GLU F 160 -46.50 7.04 -29.59
N LEU F 161 -45.29 7.62 -29.53
CA LEU F 161 -44.30 7.25 -28.53
C LEU F 161 -43.96 8.47 -27.67
N LYS F 162 -44.23 8.35 -26.37
CA LYS F 162 -43.97 9.44 -25.43
C LYS F 162 -42.71 9.23 -24.59
N TYR F 163 -41.97 10.31 -24.35
CA TYR F 163 -40.76 10.27 -23.55
C TYR F 163 -40.76 11.48 -22.61
N GLU F 164 -40.35 11.28 -21.36
CA GLU F 164 -40.31 12.35 -20.37
C GLU F 164 -39.17 12.18 -19.37
N TRP F 165 -38.40 13.25 -19.18
CA TRP F 165 -37.26 13.25 -18.25
C TRP F 165 -37.69 12.91 -16.82
N VAL F 166 -36.98 11.97 -16.20
CA VAL F 166 -37.30 11.54 -14.84
C VAL F 166 -36.06 11.47 -13.94
N GLU F 167 -36.09 12.23 -12.84
CA GLU F 167 -35.00 12.28 -11.88
C GLU F 167 -34.98 11.00 -11.03
N PHE F 168 -33.87 10.26 -11.07
CA PHE F 168 -33.73 9.02 -10.31
C PHE F 168 -32.99 9.25 -8.99
N THR F 169 -33.14 8.31 -8.05
CA THR F 169 -32.48 8.42 -6.75
C THR F 169 -31.82 7.11 -6.31
N LEU F 170 -30.57 7.22 -5.85
CA LEU F 170 -29.81 6.05 -5.38
C LEU F 170 -29.66 6.04 -3.85
N PRO F 171 -29.52 4.84 -3.25
CA PRO F 171 -29.38 4.70 -1.81
C PRO F 171 -28.01 5.13 -1.27
N GLU F 172 -27.98 5.50 0.00
CA GLU F 172 -26.75 5.95 0.67
C GLU F 172 -25.92 4.74 1.12
N GLY F 173 -24.63 4.75 0.81
CA GLY F 173 -23.79 3.65 1.24
C GLY F 173 -22.93 2.94 0.19
N ASN F 174 -23.54 1.97 -0.49
CA ASN F 174 -22.86 1.17 -1.52
C ASN F 174 -21.73 1.88 -2.25
N TYR F 175 -20.60 1.20 -2.35
CA TYR F 175 -19.42 1.73 -3.01
C TYR F 175 -19.09 0.88 -4.23
N SER F 176 -17.86 1.03 -4.73
CA SER F 176 -17.33 0.30 -5.87
C SER F 176 -17.96 0.78 -7.17
N GLU F 177 -17.13 1.07 -8.16
CA GLU F 177 -17.62 1.59 -9.45
C GLU F 177 -18.58 0.67 -10.22
N THR F 178 -18.36 -0.63 -10.16
CA THR F 178 -19.22 -1.60 -10.85
C THR F 178 -20.59 -1.63 -10.19
N MET F 179 -20.59 -1.68 -8.86
CA MET F 179 -21.82 -1.74 -8.08
C MET F 179 -22.71 -0.49 -8.27
N THR F 180 -22.08 0.65 -8.53
CA THR F 180 -22.81 1.89 -8.73
C THR F 180 -23.52 1.88 -10.09
N ILE F 181 -22.86 1.29 -11.09
CA ILE F 181 -23.41 1.19 -12.44
C ILE F 181 -24.68 0.34 -12.42
N ASP F 182 -24.59 -0.80 -11.75
CA ASP F 182 -25.71 -1.73 -11.63
C ASP F 182 -26.89 -1.08 -10.92
N LEU F 183 -26.60 -0.13 -10.03
CA LEU F 183 -27.63 0.59 -9.29
C LEU F 183 -28.26 1.69 -10.14
N MET F 184 -27.49 2.25 -11.06
CA MET F 184 -27.97 3.29 -11.95
C MET F 184 -29.01 2.68 -12.90
N ASN F 185 -28.79 1.41 -13.24
CA ASN F 185 -29.69 0.68 -14.12
C ASN F 185 -30.84 0.08 -13.32
N ASN F 186 -30.60 -0.15 -12.04
CA ASN F 186 -31.59 -0.70 -11.14
C ASN F 186 -32.69 0.35 -10.96
N ALA F 187 -32.28 1.62 -11.01
CA ALA F 187 -33.19 2.74 -10.88
C ALA F 187 -34.03 2.89 -12.16
N ILE F 188 -33.44 2.49 -13.29
CA ILE F 188 -34.13 2.55 -14.58
C ILE F 188 -35.22 1.48 -14.59
N VAL F 189 -34.96 0.36 -13.91
CA VAL F 189 -35.90 -0.75 -13.82
C VAL F 189 -37.04 -0.44 -12.87
N GLU F 190 -36.74 0.12 -11.70
CA GLU F 190 -37.77 0.47 -10.72
C GLU F 190 -38.74 1.51 -11.28
N HIS F 191 -38.26 2.31 -12.23
CA HIS F 191 -39.09 3.32 -12.86
C HIS F 191 -40.08 2.64 -13.80
N TYR F 192 -39.59 1.61 -14.48
CA TYR F 192 -40.39 0.82 -15.42
C TYR F 192 -41.42 -0.02 -14.67
N LEU F 193 -41.06 -0.48 -13.47
CA LEU F 193 -41.94 -1.30 -12.65
C LEU F 193 -42.96 -0.47 -11.87
N LYS F 194 -43.17 0.77 -12.31
CA LYS F 194 -44.12 1.66 -11.65
C LYS F 194 -44.83 2.58 -12.64
N VAL F 195 -44.28 2.68 -13.85
CA VAL F 195 -44.85 3.52 -14.89
C VAL F 195 -44.87 2.78 -16.24
N GLY F 196 -43.76 2.12 -16.54
CA GLY F 196 -43.62 1.40 -17.80
C GLY F 196 -44.59 0.29 -18.15
N ARG F 197 -44.39 -0.89 -17.56
CA ARG F 197 -45.24 -2.05 -17.84
C ARG F 197 -46.74 -1.89 -17.64
N GLN F 198 -47.16 -0.87 -16.90
CA GLN F 198 -48.58 -0.64 -16.66
C GLN F 198 -49.27 0.21 -17.74
N ASN F 199 -48.50 1.04 -18.44
CA ASN F 199 -49.04 1.89 -19.48
C ASN F 199 -48.96 1.28 -20.88
N GLY F 200 -47.76 0.90 -21.31
CA GLY F 200 -47.63 0.32 -22.64
C GLY F 200 -46.29 -0.26 -23.06
N VAL F 201 -45.20 0.48 -22.84
CA VAL F 201 -43.85 0.03 -23.21
C VAL F 201 -43.48 -1.37 -22.72
N LEU F 202 -42.86 -2.14 -23.60
CA LEU F 202 -42.43 -3.51 -23.31
C LEU F 202 -41.11 -3.59 -22.55
N GLU F 203 -40.65 -4.81 -22.30
CA GLU F 203 -39.39 -5.04 -21.59
C GLU F 203 -38.24 -4.98 -22.59
N SER F 204 -38.58 -4.95 -23.87
CA SER F 204 -37.63 -4.90 -24.97
C SER F 204 -37.07 -3.50 -25.24
N ASP F 205 -37.97 -2.57 -25.53
CA ASP F 205 -37.58 -1.19 -25.83
C ASP F 205 -37.38 -0.29 -24.61
N ILE F 206 -36.56 -0.74 -23.67
CA ILE F 206 -36.26 0.03 -22.46
C ILE F 206 -35.12 1.02 -22.72
N GLY F 207 -35.44 2.31 -22.71
CA GLY F 207 -34.45 3.33 -22.96
C GLY F 207 -33.45 3.50 -21.83
N VAL F 208 -32.22 3.89 -22.20
CA VAL F 208 -31.13 4.12 -21.26
C VAL F 208 -30.64 2.83 -20.59
N LYS F 209 -29.35 2.55 -20.75
CA LYS F 209 -28.72 1.36 -20.18
C LYS F 209 -27.20 1.54 -20.14
N PHE F 210 -26.62 1.51 -18.94
CA PHE F 210 -25.18 1.69 -18.76
C PHE F 210 -24.42 0.36 -18.91
N ASP F 211 -23.39 0.36 -19.75
CA ASP F 211 -22.59 -0.85 -19.98
C ASP F 211 -21.10 -0.62 -19.72
N THR F 212 -20.27 -1.59 -20.12
CA THR F 212 -18.83 -1.51 -19.93
C THR F 212 -18.00 -2.17 -21.05
N ARG F 213 -18.62 -3.08 -21.80
CA ARG F 213 -17.92 -3.79 -22.87
C ARG F 213 -17.95 -3.15 -24.25
N ASN F 214 -17.03 -3.59 -25.10
CA ASN F 214 -16.91 -3.11 -26.48
C ASN F 214 -17.78 -3.98 -27.38
N PHE F 215 -18.78 -3.35 -28.01
CA PHE F 215 -19.69 -4.05 -28.91
C PHE F 215 -19.23 -4.03 -30.38
N ARG F 216 -17.95 -4.29 -30.62
CA ARG F 216 -17.42 -4.28 -31.99
C ARG F 216 -16.10 -5.07 -32.18
N LEU F 217 -15.77 -5.92 -31.21
CA LEU F 217 -14.53 -6.72 -31.31
C LEU F 217 -14.65 -7.96 -32.19
N GLY F 218 -15.86 -8.52 -32.29
CA GLY F 218 -16.06 -9.69 -33.11
C GLY F 218 -16.61 -9.35 -34.49
N PHE F 219 -16.81 -8.04 -34.72
CA PHE F 219 -17.33 -7.50 -35.96
C PHE F 219 -16.40 -7.71 -37.17
N ASP F 220 -16.93 -8.31 -38.23
CA ASP F 220 -16.15 -8.54 -39.44
C ASP F 220 -16.52 -7.46 -40.45
N PRO F 221 -15.52 -6.89 -41.14
CA PRO F 221 -15.74 -5.84 -42.14
C PRO F 221 -16.41 -6.29 -43.44
N VAL F 222 -16.69 -7.58 -43.55
CA VAL F 222 -17.34 -8.13 -44.74
C VAL F 222 -18.83 -8.38 -44.53
N THR F 223 -19.14 -9.33 -43.65
CA THR F 223 -20.51 -9.69 -43.33
C THR F 223 -21.25 -8.55 -42.62
N GLY F 224 -20.55 -7.88 -41.72
CA GLY F 224 -21.14 -6.77 -40.99
C GLY F 224 -21.82 -7.15 -39.68
N LEU F 225 -21.69 -8.42 -39.30
CA LEU F 225 -22.29 -8.92 -38.07
C LEU F 225 -21.25 -9.52 -37.14
N VAL F 226 -21.56 -9.53 -35.84
CA VAL F 226 -20.66 -10.10 -34.84
C VAL F 226 -20.62 -11.61 -35.05
N MET F 227 -19.57 -12.07 -35.71
CA MET F 227 -19.38 -13.49 -36.03
C MET F 227 -19.46 -14.48 -34.87
N PRO F 228 -18.92 -14.13 -33.69
CA PRO F 228 -18.98 -15.05 -32.54
C PRO F 228 -20.41 -15.43 -32.16
N GLY F 229 -21.39 -14.67 -32.65
CA GLY F 229 -22.79 -14.93 -32.34
C GLY F 229 -23.15 -14.44 -30.96
N VAL F 230 -22.14 -13.98 -30.22
CA VAL F 230 -22.29 -13.47 -28.87
C VAL F 230 -21.25 -12.38 -28.68
N TYR F 231 -21.67 -11.23 -28.14
CA TYR F 231 -20.75 -10.12 -27.91
C TYR F 231 -19.65 -10.59 -26.96
N THR F 232 -18.41 -10.20 -27.25
CA THR F 232 -17.28 -10.60 -26.43
C THR F 232 -17.49 -10.20 -24.96
N ASN F 233 -17.40 -11.19 -24.08
CA ASN F 233 -17.59 -11.00 -22.65
C ASN F 233 -16.29 -10.55 -21.97
N GLU F 234 -16.01 -9.25 -22.04
CA GLU F 234 -14.80 -8.68 -21.45
C GLU F 234 -14.92 -7.16 -21.42
N ALA F 235 -15.13 -6.61 -20.22
CA ALA F 235 -15.27 -5.16 -20.04
C ALA F 235 -14.02 -4.36 -20.39
N PHE F 236 -14.23 -3.14 -20.88
CA PHE F 236 -13.15 -2.24 -21.26
C PHE F 236 -13.27 -0.89 -20.57
N HIS F 237 -14.44 -0.25 -20.70
CA HIS F 237 -14.69 1.05 -20.10
C HIS F 237 -16.17 1.44 -20.17
N PRO F 238 -16.75 1.88 -19.04
CA PRO F 238 -18.15 2.29 -18.89
C PRO F 238 -18.61 3.38 -19.85
N ASP F 239 -19.88 3.33 -20.23
CA ASP F 239 -20.47 4.30 -21.15
C ASP F 239 -21.98 4.44 -20.94
N ILE F 240 -22.69 4.84 -22.00
CA ILE F 240 -24.13 5.04 -21.95
C ILE F 240 -24.84 4.66 -23.24
N ILE F 241 -25.50 3.51 -23.25
CA ILE F 241 -26.24 3.05 -24.42
C ILE F 241 -27.60 3.75 -24.43
N LEU F 242 -28.05 4.19 -25.59
CA LEU F 242 -29.33 4.89 -25.71
C LEU F 242 -30.18 4.40 -26.88
N LEU F 243 -31.49 4.52 -26.72
CA LEU F 243 -32.45 4.13 -27.76
C LEU F 243 -33.05 5.38 -28.39
N PRO F 244 -33.79 5.23 -29.51
CA PRO F 244 -34.40 6.37 -30.20
C PRO F 244 -35.17 7.33 -29.30
N GLY F 245 -34.77 8.59 -29.31
CA GLY F 245 -35.43 9.62 -28.52
C GLY F 245 -35.30 9.48 -27.01
N CYS F 246 -34.07 9.36 -26.52
CA CYS F 246 -33.83 9.24 -25.08
C CYS F 246 -32.36 9.47 -24.74
N GLY F 247 -32.11 10.20 -23.67
CA GLY F 247 -30.74 10.48 -23.27
C GLY F 247 -30.53 10.52 -21.77
N VAL F 248 -29.44 11.13 -21.34
CA VAL F 248 -29.11 11.24 -19.93
C VAL F 248 -28.58 12.62 -19.56
N ASP F 249 -29.18 13.20 -18.52
CA ASP F 249 -28.79 14.53 -18.03
C ASP F 249 -27.75 14.38 -16.92
N PHE F 250 -26.74 15.25 -16.94
CA PHE F 250 -25.67 15.23 -15.94
C PHE F 250 -25.23 16.64 -15.52
N THR F 251 -26.13 17.61 -15.62
CA THR F 251 -25.83 18.98 -15.24
C THR F 251 -25.74 19.08 -13.72
N HIS F 252 -26.54 18.27 -13.03
CA HIS F 252 -26.56 18.26 -11.58
C HIS F 252 -26.20 16.87 -11.06
N SER F 253 -25.17 16.28 -11.65
CA SER F 253 -24.72 14.95 -11.27
C SER F 253 -23.22 14.79 -11.50
N ARG F 254 -22.52 14.26 -10.50
CA ARG F 254 -21.08 14.04 -10.59
C ARG F 254 -20.80 12.60 -11.00
N LEU F 255 -21.87 11.85 -11.28
CA LEU F 255 -21.75 10.46 -11.69
C LEU F 255 -21.28 10.33 -13.13
N SER F 256 -21.14 11.46 -13.82
CA SER F 256 -20.68 11.48 -15.20
C SER F 256 -19.17 11.20 -15.20
N ASN F 257 -18.47 11.81 -14.25
CA ASN F 257 -17.03 11.63 -14.12
C ASN F 257 -16.66 10.20 -13.75
N LEU F 258 -17.52 9.56 -12.95
CA LEU F 258 -17.32 8.18 -12.51
C LEU F 258 -17.28 7.21 -13.70
N LEU F 259 -18.15 7.44 -14.67
CA LEU F 259 -18.21 6.60 -15.86
C LEU F 259 -17.00 6.85 -16.75
N GLY F 260 -16.34 7.98 -16.56
CA GLY F 260 -15.17 8.34 -17.34
C GLY F 260 -15.57 9.09 -18.60
N ILE F 261 -16.51 10.01 -18.46
CA ILE F 261 -17.00 10.81 -19.57
C ILE F 261 -17.02 12.30 -19.22
N ARG F 262 -15.94 13.01 -19.52
CA ARG F 262 -15.84 14.44 -19.24
C ARG F 262 -15.91 15.24 -20.54
N LYS F 263 -16.29 16.51 -20.43
CA LYS F 263 -16.36 17.38 -21.59
C LYS F 263 -15.02 18.08 -21.75
N ARG F 264 -14.59 18.31 -22.99
CA ARG F 264 -13.32 19.00 -23.24
C ARG F 264 -13.35 20.44 -22.75
N GLN F 265 -14.55 20.97 -22.54
CA GLN F 265 -14.76 22.33 -22.04
C GLN F 265 -15.77 22.26 -20.90
N PRO F 266 -15.32 21.82 -19.70
CA PRO F 266 -16.15 21.68 -18.50
C PRO F 266 -16.70 22.99 -17.94
N PHE F 267 -16.19 24.12 -18.42
CA PHE F 267 -16.65 25.42 -17.94
C PHE F 267 -18.04 25.82 -18.44
N GLN F 268 -18.58 25.06 -19.38
CA GLN F 268 -19.91 25.34 -19.92
C GLN F 268 -20.96 24.44 -19.25
N GLU F 269 -21.89 25.07 -18.55
CA GLU F 269 -22.94 24.34 -17.85
C GLU F 269 -23.96 23.67 -18.79
N GLY F 270 -24.21 22.39 -18.55
CA GLY F 270 -25.15 21.64 -19.36
C GLY F 270 -24.51 20.41 -20.00
N PHE F 271 -24.51 19.29 -19.29
CA PHE F 271 -23.93 18.06 -19.79
C PHE F 271 -25.01 17.16 -20.43
N ARG F 272 -25.78 17.73 -21.35
CA ARG F 272 -26.82 16.97 -22.04
C ARG F 272 -26.21 16.15 -23.17
N ILE F 273 -26.61 14.89 -23.25
CA ILE F 273 -26.13 13.99 -24.30
C ILE F 273 -27.26 13.06 -24.74
N THR F 274 -28.03 13.54 -25.71
CA THR F 274 -29.17 12.79 -26.23
C THR F 274 -28.72 11.73 -27.26
N TYR F 275 -29.69 11.04 -27.82
CA TYR F 275 -29.49 9.99 -28.82
C TYR F 275 -29.13 10.58 -30.18
N ASP F 276 -29.63 11.78 -30.46
CA ASP F 276 -29.38 12.48 -31.72
C ASP F 276 -27.90 12.88 -31.90
N ASP F 277 -27.18 12.98 -30.78
CA ASP F 277 -25.77 13.37 -30.81
C ASP F 277 -24.80 12.20 -30.99
N LEU F 278 -25.30 10.97 -30.84
CA LEU F 278 -24.45 9.79 -30.99
C LEU F 278 -24.46 9.18 -32.40
N GLU F 279 -24.46 10.03 -33.43
CA GLU F 279 -24.45 9.57 -34.81
C GLU F 279 -23.15 8.85 -35.14
N GLY F 280 -23.26 7.75 -35.89
CA GLY F 280 -22.08 6.98 -36.28
C GLY F 280 -21.52 6.03 -35.24
N GLY F 281 -22.39 5.31 -34.55
CA GLY F 281 -21.97 4.37 -33.54
C GLY F 281 -22.98 3.27 -33.29
N ASN F 282 -23.62 2.80 -34.36
CA ASN F 282 -24.63 1.74 -34.28
C ASN F 282 -24.01 0.42 -33.83
N ILE F 283 -24.62 -0.22 -32.85
CA ILE F 283 -24.14 -1.50 -32.35
C ILE F 283 -24.42 -2.60 -33.37
N PRO F 284 -23.35 -3.23 -33.90
CA PRO F 284 -23.49 -4.30 -34.89
C PRO F 284 -24.26 -5.49 -34.31
N ALA F 285 -25.30 -5.92 -35.02
CA ALA F 285 -26.13 -7.04 -34.60
C ALA F 285 -25.36 -8.36 -34.62
N LEU F 286 -25.86 -9.34 -33.86
CA LEU F 286 -25.25 -10.65 -33.78
C LEU F 286 -25.53 -11.49 -35.01
N LEU F 287 -24.79 -12.60 -35.14
CA LEU F 287 -24.93 -13.52 -36.27
C LEU F 287 -25.74 -14.76 -35.85
N ASP F 288 -26.63 -15.19 -36.74
CA ASP F 288 -27.46 -16.38 -36.48
C ASP F 288 -26.53 -17.59 -36.50
N VAL F 289 -26.09 -18.03 -35.33
CA VAL F 289 -25.18 -19.15 -35.19
C VAL F 289 -25.81 -20.53 -35.41
N ASP F 290 -26.99 -20.75 -34.85
CA ASP F 290 -27.70 -22.02 -34.99
C ASP F 290 -28.17 -22.28 -36.43
N ALA F 291 -28.03 -21.28 -37.30
CA ALA F 291 -28.43 -21.39 -38.68
C ALA F 291 -27.24 -21.50 -39.62
N TYR F 292 -26.11 -20.92 -39.20
CA TYR F 292 -24.88 -20.95 -39.98
C TYR F 292 -24.26 -22.33 -40.08
N GLN F 293 -24.11 -22.99 -38.93
CA GLN F 293 -23.53 -24.33 -38.88
C GLN F 293 -24.52 -25.41 -39.30
N ALA F 294 -25.81 -25.13 -39.11
CA ALA F 294 -26.87 -26.08 -39.46
C ALA F 294 -26.99 -26.27 -40.97
N SER F 295 -27.01 -25.15 -41.69
CA SER F 295 -27.13 -25.18 -43.15
C SER F 295 -25.92 -25.91 -43.75
N LEU F 296 -24.73 -25.53 -43.30
CA LEU F 296 -23.49 -26.12 -43.77
C LEU F 296 -23.43 -27.61 -43.43
N LYS F 375 -24.36 -21.39 -51.19
CA LYS F 375 -24.95 -20.34 -50.37
C LYS F 375 -24.74 -20.56 -48.88
N LYS F 376 -24.81 -19.47 -48.11
CA LYS F 376 -24.65 -19.51 -46.66
C LYS F 376 -25.56 -18.44 -46.05
N PRO F 377 -26.07 -18.69 -44.84
CA PRO F 377 -26.96 -17.75 -44.14
C PRO F 377 -26.30 -16.39 -43.94
N VAL F 378 -25.14 -16.40 -43.28
CA VAL F 378 -24.34 -15.21 -42.97
C VAL F 378 -25.05 -13.85 -42.86
N ILE F 379 -25.47 -13.29 -43.99
CA ILE F 379 -26.15 -12.01 -44.04
C ILE F 379 -27.31 -11.86 -43.04
N LYS F 380 -28.07 -12.94 -42.85
CA LYS F 380 -29.20 -12.92 -41.91
C LYS F 380 -28.79 -12.71 -40.45
N PRO F 381 -29.16 -11.56 -39.87
CA PRO F 381 -28.85 -11.23 -38.48
C PRO F 381 -29.81 -11.89 -37.51
N LEU F 382 -29.46 -11.88 -36.23
CA LEU F 382 -30.29 -12.46 -35.18
C LEU F 382 -31.36 -11.45 -34.76
N THR F 383 -32.61 -11.80 -35.01
CA THR F 383 -33.73 -10.93 -34.66
C THR F 383 -34.21 -11.23 -33.24
N GLU F 384 -34.79 -12.41 -33.06
CA GLU F 384 -35.29 -12.86 -31.76
C GLU F 384 -34.30 -13.79 -31.06
N ASP F 385 -34.69 -14.31 -29.90
CA ASP F 385 -33.86 -15.22 -29.10
C ASP F 385 -34.74 -15.98 -28.11
N SER F 386 -34.18 -16.36 -26.96
CA SER F 386 -34.95 -17.07 -25.95
C SER F 386 -35.95 -16.11 -25.29
N LYS F 387 -37.19 -16.60 -25.13
CA LYS F 387 -38.30 -15.83 -24.56
C LYS F 387 -38.86 -14.84 -25.59
N LYS F 388 -38.11 -14.65 -26.67
CA LYS F 388 -38.45 -13.75 -27.77
C LYS F 388 -38.46 -12.25 -27.41
N ARG F 389 -37.38 -11.58 -27.77
CA ARG F 389 -37.21 -10.15 -27.51
C ARG F 389 -36.43 -9.53 -28.68
N SER F 390 -37.13 -8.84 -29.57
CA SER F 390 -36.47 -8.23 -30.73
C SER F 390 -35.42 -7.17 -30.42
N TYR F 391 -34.27 -7.28 -31.06
CA TYR F 391 -33.15 -6.36 -30.88
C TYR F 391 -33.40 -4.96 -31.45
N ASN F 392 -34.57 -4.74 -32.03
CA ASN F 392 -34.95 -3.45 -32.60
C ASN F 392 -34.10 -3.03 -33.81
N LEU F 393 -34.17 -3.83 -34.88
CA LEU F 393 -33.42 -3.53 -36.09
C LEU F 393 -34.06 -2.36 -36.84
N ILE F 394 -33.22 -1.49 -37.39
CA ILE F 394 -33.70 -0.31 -38.13
C ILE F 394 -34.57 -0.68 -39.32
N SER F 395 -34.26 -1.82 -39.94
CA SER F 395 -35.01 -2.31 -41.10
C SER F 395 -34.77 -3.80 -41.35
N ASN F 396 -35.42 -4.33 -42.39
CA ASN F 396 -35.28 -5.74 -42.73
C ASN F 396 -34.07 -6.06 -43.61
N ASP F 397 -33.40 -5.02 -44.10
CA ASP F 397 -32.22 -5.20 -44.95
C ASP F 397 -30.87 -4.92 -44.29
N SER F 398 -30.78 -3.80 -43.57
CA SER F 398 -29.53 -3.42 -42.91
C SER F 398 -29.07 -4.34 -41.79
N THR F 399 -27.82 -4.16 -41.35
CA THR F 399 -27.23 -4.97 -40.30
C THR F 399 -27.21 -4.34 -38.91
N PHE F 400 -27.21 -3.02 -38.84
CA PHE F 400 -27.18 -2.31 -37.56
C PHE F 400 -28.53 -2.25 -36.84
N THR F 401 -28.47 -1.99 -35.53
CA THR F 401 -29.68 -1.89 -34.71
C THR F 401 -29.95 -0.43 -34.33
N GLN F 402 -30.97 -0.20 -33.50
CA GLN F 402 -31.32 1.14 -33.06
C GLN F 402 -30.67 1.47 -31.70
N TYR F 403 -29.60 0.75 -31.38
CA TYR F 403 -28.88 0.94 -30.12
C TYR F 403 -27.59 1.74 -30.29
N ARG F 404 -27.66 3.04 -30.08
CA ARG F 404 -26.47 3.89 -30.19
C ARG F 404 -25.57 3.74 -28.97
N SER F 405 -24.30 3.46 -29.22
CA SER F 405 -23.31 3.29 -28.16
C SER F 405 -22.39 4.50 -28.07
N TRP F 406 -21.93 4.81 -26.86
CA TRP F 406 -21.04 5.94 -26.63
C TRP F 406 -19.58 5.57 -26.90
N TYR F 407 -19.18 4.38 -26.48
CA TYR F 407 -17.81 3.90 -26.66
C TYR F 407 -17.48 3.75 -28.15
N LEU F 408 -18.48 3.34 -28.92
CA LEU F 408 -18.31 3.16 -30.36
C LEU F 408 -18.32 4.48 -31.12
N ALA F 409 -18.96 5.50 -30.53
CA ALA F 409 -19.04 6.82 -31.14
C ALA F 409 -17.77 7.63 -30.89
N TYR F 410 -16.94 7.16 -29.97
CA TYR F 410 -15.70 7.85 -29.63
C TYR F 410 -14.56 7.59 -30.62
N ASN F 411 -13.86 6.46 -30.47
CA ASN F 411 -12.75 6.16 -31.37
C ASN F 411 -13.09 5.35 -32.62
N TYR F 412 -14.38 5.15 -32.88
CA TYR F 412 -14.82 4.40 -34.07
C TYR F 412 -15.60 5.25 -35.06
N GLY F 413 -16.14 6.37 -34.61
CA GLY F 413 -16.90 7.25 -35.49
C GLY F 413 -16.01 8.23 -36.24
N ASP F 414 -16.57 9.35 -36.66
CA ASP F 414 -15.80 10.37 -37.37
C ASP F 414 -15.31 11.39 -36.34
N PRO F 415 -13.98 11.44 -36.12
CA PRO F 415 -13.30 12.33 -35.18
C PRO F 415 -13.34 13.83 -35.51
N GLN F 416 -14.10 14.22 -36.52
CA GLN F 416 -14.18 15.64 -36.89
C GLN F 416 -15.52 16.31 -36.58
N THR F 417 -16.59 15.52 -36.47
CA THR F 417 -17.91 16.05 -36.17
C THR F 417 -18.74 15.12 -35.28
N GLY F 418 -18.09 14.11 -34.73
CA GLY F 418 -18.76 13.16 -33.86
C GLY F 418 -18.74 13.59 -32.40
N ILE F 419 -18.84 12.61 -31.50
CA ILE F 419 -18.84 12.87 -30.06
C ILE F 419 -17.43 13.19 -29.55
N ARG F 420 -16.42 12.66 -30.25
CA ARG F 420 -15.02 12.86 -29.89
C ARG F 420 -14.58 14.32 -30.05
N SER F 421 -15.54 15.19 -30.36
CA SER F 421 -15.27 16.62 -30.54
C SER F 421 -15.42 17.39 -29.24
N TRP F 422 -16.36 16.98 -28.39
CA TRP F 422 -16.58 17.66 -27.12
C TRP F 422 -16.47 16.81 -25.86
N THR F 423 -16.20 15.51 -26.02
CA THR F 423 -16.05 14.63 -24.86
C THR F 423 -14.61 14.16 -24.70
N LEU F 424 -14.37 13.24 -23.78
CA LEU F 424 -13.02 12.74 -23.53
C LEU F 424 -13.03 11.42 -22.74
N LEU F 425 -12.25 10.46 -23.22
CA LEU F 425 -12.15 9.14 -22.59
C LEU F 425 -11.14 9.19 -21.43
N CYS F 426 -11.62 9.50 -20.23
CA CYS F 426 -10.77 9.59 -19.05
C CYS F 426 -10.87 8.36 -18.16
N THR F 427 -10.02 8.33 -17.13
CA THR F 427 -10.02 7.23 -16.17
C THR F 427 -11.26 7.38 -15.29
N PRO F 428 -11.94 6.26 -14.98
CA PRO F 428 -13.15 6.28 -14.15
C PRO F 428 -13.10 7.17 -12.91
N ASP F 429 -12.20 6.84 -11.98
CA ASP F 429 -12.05 7.58 -10.72
C ASP F 429 -13.38 7.55 -9.94
N VAL F 430 -13.41 6.79 -8.86
CA VAL F 430 -14.61 6.65 -8.05
C VAL F 430 -14.98 7.87 -7.20
N THR F 431 -13.97 8.55 -6.69
CA THR F 431 -14.18 9.73 -5.86
C THR F 431 -14.98 10.87 -6.51
N CYS F 432 -15.18 10.76 -7.82
CA CYS F 432 -15.93 11.74 -8.61
C CYS F 432 -15.23 13.08 -8.83
N GLY F 433 -14.17 13.35 -8.08
CA GLY F 433 -13.46 14.60 -8.24
C GLY F 433 -12.55 14.98 -7.09
N SER F 434 -11.43 15.64 -7.41
CA SER F 434 -10.47 16.09 -6.42
C SER F 434 -10.83 17.48 -5.89
N GLU F 435 -12.04 17.63 -5.38
CA GLU F 435 -12.51 18.91 -4.84
C GLU F 435 -11.83 19.22 -3.50
N GLN F 436 -11.21 20.36 -3.42
CA GLN F 436 -10.50 20.79 -2.22
C GLN F 436 -11.30 21.67 -1.25
N VAL F 437 -11.23 21.30 0.02
CA VAL F 437 -11.93 22.04 1.08
C VAL F 437 -11.14 23.28 1.51
N TYR F 438 -11.78 24.10 2.34
CA TYR F 438 -11.16 25.33 2.84
C TYR F 438 -11.10 25.34 4.37
N TRP F 439 -10.05 25.95 4.90
CA TRP F 439 -9.88 26.07 6.33
C TRP F 439 -9.89 27.54 6.70
N SER F 440 -10.26 27.83 7.94
CA SER F 440 -10.30 29.20 8.43
C SER F 440 -10.35 29.25 9.95
N LEU F 441 -9.87 30.37 10.49
CA LEU F 441 -9.87 30.63 11.92
C LEU F 441 -9.99 32.15 12.01
N PRO F 442 -11.23 32.67 11.95
CA PRO F 442 -11.54 34.10 12.01
C PRO F 442 -11.06 34.85 13.26
N ASP F 443 -11.36 34.31 14.43
CA ASP F 443 -10.98 34.97 15.68
C ASP F 443 -9.51 34.79 16.09
N MET F 444 -8.65 34.45 15.14
CA MET F 444 -7.23 34.26 15.45
C MET F 444 -6.27 34.67 14.33
N MET F 445 -6.50 34.14 13.13
CA MET F 445 -5.64 34.45 11.99
C MET F 445 -6.09 35.71 11.26
N GLN F 446 -5.13 36.57 10.90
CA GLN F 446 -5.43 37.80 10.18
C GLN F 446 -6.06 37.55 8.81
N ASP F 447 -6.78 38.55 8.30
CA ASP F 447 -7.45 38.45 7.00
C ASP F 447 -6.40 38.29 5.89
N PRO F 448 -6.43 37.14 5.18
CA PRO F 448 -5.51 36.84 4.09
C PRO F 448 -5.64 37.71 2.84
N VAL F 449 -4.81 38.75 2.77
CA VAL F 449 -4.75 39.69 1.64
C VAL F 449 -6.04 40.43 1.26
N THR F 450 -6.88 39.82 0.44
CA THR F 450 -8.13 40.49 0.01
C THR F 450 -9.42 40.11 0.76
N PHE F 451 -9.33 39.14 1.66
CA PHE F 451 -10.50 38.70 2.44
C PHE F 451 -10.98 39.79 3.41
N ARG F 452 -12.28 39.82 3.68
CA ARG F 452 -12.86 40.80 4.60
C ARG F 452 -13.60 40.18 5.78
N SER F 453 -13.72 40.95 6.86
CA SER F 453 -14.37 40.49 8.08
C SER F 453 -15.90 40.45 7.99
N THR F 454 -16.48 39.37 8.50
CA THR F 454 -17.93 39.18 8.49
C THR F 454 -18.29 38.00 9.41
N ARG F 455 -19.58 37.77 9.60
CA ARG F 455 -20.05 36.67 10.44
C ARG F 455 -21.06 35.74 9.75
N GLN F 456 -20.56 34.91 8.84
CA GLN F 456 -21.39 33.96 8.10
C GLN F 456 -20.54 32.75 7.71
N ILE F 457 -21.11 31.56 7.84
CA ILE F 457 -20.43 30.31 7.50
C ILE F 457 -20.34 30.05 6.00
N SER F 458 -20.53 31.10 5.20
CA SER F 458 -20.47 30.97 3.76
C SER F 458 -19.52 31.99 3.11
N ASN F 459 -18.65 32.60 3.91
CA ASN F 459 -17.72 33.60 3.42
C ASN F 459 -16.60 33.90 4.43
N PHE F 460 -16.22 32.90 5.22
CA PHE F 460 -15.15 33.07 6.21
C PHE F 460 -13.78 33.17 5.54
N PRO F 461 -12.90 34.03 6.09
CA PRO F 461 -11.53 34.25 5.57
C PRO F 461 -10.68 32.98 5.57
N VAL F 462 -10.45 32.42 4.39
CA VAL F 462 -9.67 31.19 4.25
C VAL F 462 -8.19 31.37 4.55
N VAL F 463 -7.67 30.56 5.46
CA VAL F 463 -6.27 30.60 5.85
C VAL F 463 -5.42 29.63 5.02
N GLY F 464 -6.00 28.48 4.66
CA GLY F 464 -5.27 27.49 3.87
C GLY F 464 -6.13 26.35 3.38
N ALA F 465 -6.01 26.03 2.08
CA ALA F 465 -6.80 24.97 1.47
C ALA F 465 -6.10 23.60 1.41
N GLU F 466 -6.87 22.54 1.66
CA GLU F 466 -6.36 21.17 1.63
C GLU F 466 -7.30 20.31 0.78
N LEU F 467 -6.79 19.19 0.26
CA LEU F 467 -7.58 18.29 -0.55
C LEU F 467 -8.32 17.29 0.35
N LEU F 468 -9.61 17.10 0.10
CA LEU F 468 -10.44 16.19 0.88
C LEU F 468 -9.77 14.81 1.03
N PRO F 469 -9.65 14.32 2.28
CA PRO F 469 -9.04 13.03 2.62
C PRO F 469 -9.71 11.77 2.06
N VAL F 470 -10.03 11.78 0.78
CA VAL F 470 -10.65 10.63 0.13
C VAL F 470 -9.66 10.13 -0.91
N HIS F 471 -9.33 8.86 -0.86
CA HIS F 471 -8.39 8.29 -1.83
C HIS F 471 -8.98 7.19 -2.70
N SER F 472 -8.12 6.66 -3.57
CA SER F 472 -8.47 5.58 -4.51
C SER F 472 -7.60 4.36 -4.23
N LYS F 473 -8.22 3.24 -3.89
CA LYS F 473 -7.48 2.02 -3.59
C LYS F 473 -7.53 0.99 -4.72
N SER F 474 -6.47 0.93 -5.52
CA SER F 474 -6.39 -0.01 -6.65
C SER F 474 -6.32 -1.47 -6.17
N PHE F 475 -7.23 -2.30 -6.66
CA PHE F 475 -7.27 -3.72 -6.32
C PHE F 475 -6.93 -4.59 -7.54
N TYR F 476 -7.38 -5.84 -7.52
CA TYR F 476 -7.15 -6.78 -8.61
C TYR F 476 -7.99 -8.03 -8.42
N ASN F 477 -9.08 -8.14 -9.18
CA ASN F 477 -9.94 -9.31 -9.09
C ASN F 477 -9.98 -10.12 -10.38
N ASP F 478 -9.09 -11.12 -10.44
CA ASP F 478 -8.98 -12.01 -11.60
C ASP F 478 -10.22 -12.91 -11.63
N GLN F 479 -10.99 -12.88 -10.54
CA GLN F 479 -12.22 -13.65 -10.42
C GLN F 479 -13.31 -13.04 -11.30
N ALA F 480 -13.17 -11.74 -11.60
CA ALA F 480 -14.13 -10.98 -12.41
C ALA F 480 -14.67 -11.76 -13.61
N VAL F 481 -15.94 -11.51 -13.93
CA VAL F 481 -16.64 -12.17 -15.04
C VAL F 481 -16.92 -13.63 -14.69
N TYR F 482 -15.97 -14.26 -14.01
CA TYR F 482 -16.10 -15.64 -13.57
C TYR F 482 -16.84 -15.66 -12.24
N SER F 483 -16.71 -14.58 -11.49
CA SER F 483 -17.37 -14.43 -10.21
C SER F 483 -18.81 -14.02 -10.49
N GLN F 484 -19.01 -13.40 -11.65
CA GLN F 484 -20.33 -12.95 -12.09
C GLN F 484 -21.21 -14.19 -12.27
N LEU F 485 -20.64 -15.22 -12.87
CA LEU F 485 -21.31 -16.48 -13.14
C LEU F 485 -21.57 -17.25 -11.84
N ILE F 486 -20.93 -16.81 -10.75
CA ILE F 486 -21.06 -17.43 -9.45
C ILE F 486 -21.88 -16.58 -8.48
N ARG F 487 -21.82 -15.27 -8.63
CA ARG F 487 -22.55 -14.34 -7.76
C ARG F 487 -24.05 -14.49 -7.93
N GLN F 488 -24.46 -14.99 -9.10
CA GLN F 488 -25.88 -15.21 -9.40
C GLN F 488 -26.40 -16.37 -8.55
N PHE F 489 -25.47 -17.07 -7.90
CA PHE F 489 -25.82 -18.20 -7.05
C PHE F 489 -25.58 -17.89 -5.59
N THR F 490 -24.64 -16.98 -5.31
CA THR F 490 -24.35 -16.55 -3.95
C THR F 490 -25.59 -15.78 -3.47
N SER F 491 -26.10 -14.89 -4.32
CA SER F 491 -27.29 -14.12 -4.00
C SER F 491 -28.50 -15.00 -4.32
N LEU F 492 -29.61 -14.77 -3.62
CA LEU F 492 -30.81 -15.57 -3.84
C LEU F 492 -31.75 -15.09 -4.95
N THR F 493 -31.58 -13.84 -5.38
CA THR F 493 -32.43 -13.28 -6.43
C THR F 493 -31.63 -12.44 -7.42
N HIS F 494 -31.80 -12.73 -8.72
CA HIS F 494 -31.11 -11.98 -9.75
C HIS F 494 -31.82 -10.64 -9.91
N VAL F 495 -31.41 -9.66 -9.11
CA VAL F 495 -32.00 -8.33 -9.15
C VAL F 495 -31.46 -7.56 -10.35
N PHE F 496 -30.14 -7.42 -10.40
CA PHE F 496 -29.47 -6.69 -11.47
C PHE F 496 -29.63 -7.41 -12.82
N ASN F 497 -29.38 -8.71 -12.81
CA ASN F 497 -29.48 -9.53 -14.02
C ASN F 497 -30.90 -10.10 -14.19
N ARG F 498 -31.86 -9.21 -14.46
CA ARG F 498 -33.24 -9.63 -14.66
C ARG F 498 -33.46 -10.17 -16.07
N PHE F 499 -32.56 -9.82 -16.98
CA PHE F 499 -32.64 -10.28 -18.37
C PHE F 499 -31.34 -11.00 -18.75
N PRO F 500 -31.18 -12.26 -18.30
CA PRO F 500 -29.98 -13.05 -18.59
C PRO F 500 -30.00 -13.65 -19.99
N GLU F 501 -31.03 -13.32 -20.75
CA GLU F 501 -31.19 -13.81 -22.12
C GLU F 501 -30.67 -12.80 -23.14
N ASN F 502 -31.19 -11.57 -23.06
CA ASN F 502 -30.81 -10.48 -23.96
C ASN F 502 -29.33 -10.13 -23.87
N GLN F 503 -28.68 -10.01 -25.03
CA GLN F 503 -27.25 -9.69 -25.11
C GLN F 503 -26.95 -8.18 -25.04
N ILE F 504 -27.94 -7.38 -24.66
CA ILE F 504 -27.75 -5.93 -24.53
C ILE F 504 -28.32 -5.42 -23.21
N LEU F 505 -29.45 -5.99 -22.79
CA LEU F 505 -30.08 -5.59 -21.54
C LEU F 505 -29.64 -6.45 -20.36
N ALA F 506 -28.54 -7.18 -20.53
CA ALA F 506 -28.01 -8.04 -19.49
C ALA F 506 -27.25 -7.27 -18.41
N ARG F 507 -26.44 -7.99 -17.63
CA ARG F 507 -25.64 -7.39 -16.57
C ARG F 507 -24.26 -7.02 -17.11
N PRO F 508 -23.83 -5.76 -16.92
CA PRO F 508 -22.52 -5.27 -17.38
C PRO F 508 -21.36 -6.09 -16.83
N PRO F 509 -20.51 -6.63 -17.72
CA PRO F 509 -19.35 -7.44 -17.36
C PRO F 509 -18.43 -6.75 -16.36
N ALA F 510 -18.17 -7.42 -15.24
CA ALA F 510 -17.32 -6.87 -14.18
C ALA F 510 -15.90 -6.60 -14.71
N PRO F 511 -15.51 -5.33 -14.79
CA PRO F 511 -14.17 -4.94 -15.27
C PRO F 511 -13.08 -5.31 -14.27
N THR F 512 -11.87 -5.52 -14.78
CA THR F 512 -10.74 -5.86 -13.92
C THR F 512 -10.22 -4.66 -13.14
N ILE F 513 -9.61 -4.93 -11.99
CA ILE F 513 -9.07 -3.90 -11.09
C ILE F 513 -10.20 -3.00 -10.58
N THR F 514 -10.78 -3.37 -9.45
CA THR F 514 -11.85 -2.59 -8.86
C THR F 514 -11.32 -1.51 -7.93
N THR F 515 -11.73 -0.27 -8.18
CA THR F 515 -11.30 0.86 -7.35
C THR F 515 -12.40 1.18 -6.34
N VAL F 516 -12.01 1.31 -5.06
CA VAL F 516 -12.95 1.61 -3.99
C VAL F 516 -12.37 2.71 -3.11
N SER F 517 -13.22 3.65 -2.69
CA SER F 517 -12.79 4.75 -1.84
C SER F 517 -12.32 4.30 -0.46
N GLU F 518 -11.37 5.03 0.11
CA GLU F 518 -10.82 4.72 1.43
C GLU F 518 -10.45 6.01 2.17
N ASN F 519 -11.20 6.33 3.21
CA ASN F 519 -10.96 7.53 4.00
C ASN F 519 -9.66 7.41 4.79
N VAL F 520 -8.63 8.09 4.32
CA VAL F 520 -7.33 8.07 4.98
C VAL F 520 -7.04 9.37 5.72
N PRO F 521 -6.86 9.30 7.05
CA PRO F 521 -6.58 10.48 7.87
C PRO F 521 -5.28 11.16 7.43
N ALA F 522 -5.43 12.32 6.78
CA ALA F 522 -4.32 13.08 6.26
C ALA F 522 -3.52 13.81 7.34
N LEU F 523 -2.35 14.31 6.94
CA LEU F 523 -1.45 15.06 7.82
C LEU F 523 -0.74 16.10 6.96
N THR F 524 -1.46 17.15 6.59
CA THR F 524 -0.93 18.22 5.75
C THR F 524 0.11 19.11 6.44
N ASP F 525 0.67 20.03 5.66
CA ASP F 525 1.68 20.97 6.14
C ASP F 525 1.33 22.36 5.62
N HIS F 526 0.55 23.11 6.42
CA HIS F 526 0.14 24.46 6.05
C HIS F 526 1.26 25.47 6.34
N GLY F 527 1.36 26.49 5.49
CA GLY F 527 2.39 27.51 5.65
C GLY F 527 2.09 28.55 6.72
N THR F 528 3.08 29.41 6.99
CA THR F 528 2.99 30.47 7.99
C THR F 528 1.82 31.44 7.78
N LEU F 529 1.10 31.73 8.87
CA LEU F 529 -0.05 32.62 8.83
C LEU F 529 -0.08 33.59 10.00
N PRO F 530 -0.16 34.90 9.71
CA PRO F 530 -0.20 35.96 10.73
C PRO F 530 -1.33 35.78 11.74
N LEU F 531 -1.12 36.29 12.95
CA LEU F 531 -2.10 36.19 14.02
C LEU F 531 -2.64 37.55 14.43
N ARG F 532 -3.69 37.56 15.25
CA ARG F 532 -4.30 38.79 15.72
C ARG F 532 -3.45 39.47 16.82
N ASN F 533 -3.93 40.63 17.27
CA ASN F 533 -3.25 41.38 18.31
C ASN F 533 -3.66 40.85 19.68
N SER F 534 -4.70 40.04 19.71
CA SER F 534 -5.21 39.45 20.95
C SER F 534 -6.10 38.24 20.66
N ILE F 535 -5.50 37.06 20.76
CA ILE F 535 -6.21 35.79 20.52
C ILE F 535 -7.38 35.60 21.48
N GLY F 536 -8.53 35.21 20.94
CA GLY F 536 -9.71 34.99 21.77
C GLY F 536 -9.63 33.75 22.63
N GLY F 537 -10.55 33.66 23.59
CA GLY F 537 -10.59 32.50 24.47
C GLY F 537 -11.27 31.31 23.80
N VAL F 538 -12.39 31.59 23.15
CA VAL F 538 -13.15 30.56 22.45
C VAL F 538 -13.05 30.74 20.93
N GLN F 539 -12.17 29.95 20.32
CA GLN F 539 -11.94 29.98 18.88
C GLN F 539 -13.08 29.36 18.09
N ARG F 540 -13.02 29.52 16.76
CA ARG F 540 -14.05 28.98 15.88
C ARG F 540 -13.39 28.23 14.72
N VAL F 541 -13.32 26.92 14.85
CA VAL F 541 -12.72 26.07 13.82
C VAL F 541 -13.77 25.73 12.77
N THR F 542 -13.58 26.24 11.56
CA THR F 542 -14.52 25.99 10.46
C THR F 542 -13.82 25.21 9.34
N ILE F 543 -14.58 24.41 8.62
CA ILE F 543 -14.06 23.62 7.52
C ILE F 543 -15.06 23.75 6.36
N THR F 544 -14.88 24.79 5.57
CA THR F 544 -15.76 25.05 4.42
C THR F 544 -15.51 24.10 3.26
N ASP F 545 -16.48 24.00 2.34
CA ASP F 545 -16.35 23.14 1.18
C ASP F 545 -16.18 24.01 -0.07
N ALA F 546 -16.31 23.39 -1.26
CA ALA F 546 -16.17 24.10 -2.52
C ALA F 546 -17.32 25.06 -2.82
N ARG F 547 -18.54 24.64 -2.51
CA ARG F 547 -19.70 25.50 -2.74
C ARG F 547 -19.97 26.42 -1.56
N ARG F 548 -19.02 26.50 -0.63
CA ARG F 548 -19.11 27.32 0.57
C ARG F 548 -20.23 26.87 1.50
N ARG F 549 -20.01 25.75 2.19
CA ARG F 549 -20.99 25.20 3.13
C ARG F 549 -20.42 24.08 4.02
N THR F 550 -21.18 23.71 5.03
CA THR F 550 -20.77 22.67 5.99
C THR F 550 -20.65 21.26 5.41
N CYS F 551 -19.67 20.52 5.90
CA CYS F 551 -19.44 19.14 5.46
C CYS F 551 -19.72 18.17 6.61
N PRO F 552 -21.00 17.76 6.75
CA PRO F 552 -21.51 16.84 7.78
C PRO F 552 -20.85 15.44 7.84
N TYR F 553 -19.63 15.32 7.33
CA TYR F 553 -18.94 14.04 7.34
C TYR F 553 -17.54 14.14 7.94
N VAL F 554 -17.36 15.06 8.88
CA VAL F 554 -16.08 15.24 9.56
C VAL F 554 -16.07 14.47 10.88
N TYR F 555 -15.12 13.55 10.99
CA TYR F 555 -14.99 12.73 12.19
C TYR F 555 -13.92 13.25 13.15
N LYS F 556 -12.86 13.83 12.59
CA LYS F 556 -11.75 14.36 13.37
C LYS F 556 -11.23 15.65 12.72
N ALA F 557 -11.05 16.70 13.51
CA ALA F 557 -10.57 17.98 12.98
C ALA F 557 -9.86 18.85 14.02
N LEU F 558 -8.57 18.59 14.23
CA LEU F 558 -7.79 19.36 15.19
C LEU F 558 -6.61 20.07 14.56
N GLY F 559 -6.11 21.11 15.24
CA GLY F 559 -4.99 21.86 14.69
C GLY F 559 -3.97 22.32 15.71
N ILE F 560 -2.70 22.32 15.30
CA ILE F 560 -1.59 22.74 16.15
C ILE F 560 -0.98 24.01 15.57
N VAL F 561 -0.84 25.04 16.40
CA VAL F 561 -0.26 26.31 15.96
C VAL F 561 0.95 26.70 16.80
N SER F 562 2.07 26.97 16.13
CA SER F 562 3.30 27.35 16.80
C SER F 562 3.75 28.76 16.38
N PRO F 563 3.18 29.80 17.01
CA PRO F 563 3.48 31.21 16.73
C PRO F 563 4.93 31.63 16.93
N ARG F 564 5.37 32.59 16.12
CA ARG F 564 6.73 33.13 16.20
C ARG F 564 6.79 34.57 15.68
N VAL F 565 7.81 35.31 16.11
CA VAL F 565 7.98 36.71 15.70
C VAL F 565 8.43 36.83 14.25
N LEU F 566 7.80 37.74 13.52
CA LEU F 566 8.13 38.00 12.12
C LEU F 566 8.91 39.31 11.97
N SER F 567 8.24 40.43 12.20
CA SER F 567 8.88 41.74 12.09
C SER F 567 8.24 42.86 12.94
N SER F 568 9.10 43.75 13.43
CA SER F 568 8.69 44.88 14.25
C SER F 568 8.03 46.03 13.49
N ARG F 569 7.43 46.97 14.23
CA ARG F 569 6.77 48.13 13.65
C ARG F 569 7.60 49.42 13.79
N SER G 7 -21.32 -25.83 -51.23
CA SER G 7 -20.97 -24.87 -50.20
C SER G 7 -20.05 -23.78 -50.73
N GLU G 8 -20.50 -22.54 -50.67
CA GLU G 8 -19.72 -21.41 -51.15
C GLU G 8 -18.36 -21.87 -51.69
N ASP G 9 -17.33 -21.77 -50.84
CA ASP G 9 -15.98 -22.18 -51.23
C ASP G 9 -15.04 -20.98 -51.22
N THR G 10 -14.61 -20.58 -50.03
CA THR G 10 -13.68 -19.46 -49.88
C THR G 10 -14.25 -18.41 -48.94
N PHE G 11 -14.03 -18.62 -47.64
CA PHE G 11 -14.51 -17.69 -46.62
C PHE G 11 -14.49 -18.32 -45.24
N ASN G 12 -13.36 -18.17 -44.55
CA ASN G 12 -13.19 -18.73 -43.22
C ASN G 12 -13.23 -17.64 -42.14
N PRO G 13 -14.41 -17.42 -41.58
CA PRO G 13 -14.58 -16.42 -40.53
C PRO G 13 -13.34 -16.28 -39.65
N VAL G 14 -12.55 -17.35 -39.57
CA VAL G 14 -11.34 -17.35 -38.77
C VAL G 14 -11.65 -17.16 -37.29
N TYR G 15 -12.62 -17.93 -36.79
CA TYR G 15 -13.03 -17.84 -35.40
C TYR G 15 -13.75 -19.10 -34.96
N PRO G 16 -13.00 -20.02 -34.35
CA PRO G 16 -13.58 -21.29 -33.88
C PRO G 16 -14.96 -21.10 -33.27
N TYR G 17 -15.99 -21.14 -34.10
CA TYR G 17 -17.36 -20.97 -33.64
C TYR G 17 -17.89 -22.24 -32.99
N ASP G 18 -17.37 -23.38 -33.42
CA ASP G 18 -17.78 -24.67 -32.89
C ASP G 18 -17.15 -24.94 -31.53
N THR G 19 -17.77 -25.83 -30.77
CA THR G 19 -18.97 -26.53 -31.21
C THR G 19 -20.21 -25.99 -30.49
N ASP H 37 17.51 66.11 34.63
CA ASP H 37 17.13 64.74 34.96
C ASP H 37 15.62 64.52 34.76
N PRO H 38 15.17 64.49 33.49
CA PRO H 38 13.78 64.28 33.13
C PRO H 38 13.33 62.83 33.29
N PRO H 39 12.02 62.57 33.21
CA PRO H 39 11.47 61.21 33.34
C PRO H 39 11.73 60.33 32.13
N PHE H 40 12.74 60.70 31.33
CA PHE H 40 13.15 59.99 30.12
C PHE H 40 12.04 59.41 29.26
N VAL H 41 12.20 58.19 28.75
CA VAL H 41 11.24 57.51 27.89
C VAL H 41 11.16 58.12 26.49
N PRO H 42 11.89 57.51 25.52
CA PRO H 42 11.91 57.98 24.14
C PRO H 42 10.57 57.71 23.44
N PRO H 43 10.13 58.63 22.58
CA PRO H 43 8.86 58.51 21.84
C PRO H 43 8.89 57.36 20.84
N ARG H 44 7.76 56.65 20.73
CA ARG H 44 7.65 55.52 19.82
C ARG H 44 6.78 55.85 18.59
N TYR H 45 7.22 55.39 17.43
CA TYR H 45 6.51 55.63 16.18
C TYR H 45 6.06 54.33 15.54
N LEU H 46 4.77 54.22 15.26
CA LEU H 46 4.21 53.02 14.64
C LEU H 46 4.86 52.74 13.29
N ARG H 47 4.88 51.47 12.90
CA ARG H 47 5.46 51.07 11.63
C ARG H 47 4.57 51.44 10.47
N PRO H 48 5.18 51.75 9.33
CA PRO H 48 4.43 52.14 8.12
C PRO H 48 3.49 51.03 7.67
N THR H 49 2.22 51.38 7.45
CA THR H 49 1.24 50.40 7.00
C THR H 49 1.01 50.49 5.49
N GLY H 50 2.02 50.08 4.74
CA GLY H 50 1.94 50.12 3.29
C GLY H 50 3.25 50.52 2.64
N GLY H 51 4.15 49.55 2.48
CA GLY H 51 5.44 49.80 1.87
C GLY H 51 6.40 48.65 2.04
N ARG H 52 7.32 48.79 2.99
CA ARG H 52 8.31 47.75 3.25
C ARG H 52 7.64 46.40 3.52
N ASN H 53 6.66 46.39 4.42
CA ASN H 53 5.95 45.19 4.76
C ASN H 53 4.46 45.49 4.82
N SER H 54 3.80 45.31 3.69
CA SER H 54 2.37 45.58 3.59
C SER H 54 1.89 45.12 2.22
N ILE H 55 0.91 44.23 2.19
CA ILE H 55 0.36 43.79 0.92
C ILE H 55 -1.00 44.47 0.80
N ARG H 56 -1.12 45.39 -0.15
CA ARG H 56 -2.37 46.11 -0.34
C ARG H 56 -3.44 45.30 -1.05
N TYR H 57 -4.67 45.43 -0.61
CA TYR H 57 -5.80 44.73 -1.20
C TYR H 57 -6.70 45.78 -1.85
N SER H 58 -6.12 46.96 -2.06
CA SER H 58 -6.78 48.11 -2.67
C SER H 58 -7.79 48.74 -1.71
N GLU H 59 -8.56 47.88 -1.07
CA GLU H 59 -9.58 48.29 -0.12
C GLU H 59 -9.28 47.56 1.21
N LEU H 60 -10.31 47.41 2.04
CA LEU H 60 -10.15 46.74 3.34
C LEU H 60 -8.96 47.37 4.09
N ALA H 61 -7.99 46.55 4.47
CA ALA H 61 -6.78 47.01 5.18
C ALA H 61 -5.59 46.10 4.91
N PRO H 62 -4.47 46.67 4.43
CA PRO H 62 -3.24 45.94 4.12
C PRO H 62 -2.75 45.09 5.29
N LEU H 63 -2.20 43.93 4.96
CA LEU H 63 -1.67 43.00 5.95
C LEU H 63 -0.15 42.95 5.83
N PHE H 64 0.53 42.67 6.94
CA PHE H 64 1.99 42.59 6.96
C PHE H 64 2.54 41.30 6.32
N ASP H 65 3.79 40.97 6.63
CA ASP H 65 4.45 39.78 6.07
C ASP H 65 3.78 38.44 6.40
N THR H 66 4.04 37.45 5.55
CA THR H 66 3.48 36.09 5.66
C THR H 66 1.97 36.07 5.34
N THR H 67 1.64 36.25 4.05
CA THR H 67 0.25 36.23 3.58
C THR H 67 0.01 35.05 2.64
N ARG H 68 -1.24 34.81 2.27
CA ARG H 68 -1.57 33.69 1.38
C ARG H 68 -2.55 34.01 0.24
N VAL H 69 -2.09 33.82 -0.98
CA VAL H 69 -2.88 34.06 -2.19
C VAL H 69 -3.20 32.73 -2.90
N TYR H 70 -4.41 32.23 -2.67
CA TYR H 70 -4.85 30.96 -3.25
C TYR H 70 -5.31 31.04 -4.71
N LEU H 71 -4.95 30.02 -5.49
CA LEU H 71 -5.33 29.93 -6.91
C LEU H 71 -6.03 28.60 -7.15
N VAL H 72 -7.33 28.55 -6.87
CA VAL H 72 -8.12 27.33 -7.01
C VAL H 72 -8.74 27.13 -8.39
N ASP H 73 -9.18 25.89 -8.64
CA ASP H 73 -9.83 25.49 -9.88
C ASP H 73 -11.37 25.56 -9.75
N ASN H 74 -11.85 25.82 -8.54
CA ASN H 74 -13.29 25.92 -8.27
C ASN H 74 -13.82 27.31 -8.63
N LYS H 75 -12.94 28.17 -9.11
CA LYS H 75 -13.31 29.54 -9.47
C LYS H 75 -13.55 29.75 -10.97
N SER H 76 -13.26 28.73 -11.78
CA SER H 76 -13.45 28.84 -13.22
C SER H 76 -14.91 29.02 -13.65
N THR H 77 -15.82 28.27 -13.02
CA THR H 77 -17.23 28.37 -13.35
C THR H 77 -17.76 29.80 -13.20
N ASP H 78 -17.33 30.45 -12.12
CA ASP H 78 -17.73 31.82 -11.80
C ASP H 78 -17.18 32.88 -12.77
N VAL H 79 -15.99 32.64 -13.31
CA VAL H 79 -15.38 33.58 -14.25
C VAL H 79 -16.00 33.45 -15.63
N ALA H 80 -17.10 32.73 -15.72
CA ALA H 80 -17.81 32.54 -16.99
C ALA H 80 -17.57 33.72 -17.92
N SER H 81 -16.59 33.58 -18.81
CA SER H 81 -16.27 34.64 -19.76
C SER H 81 -14.79 34.57 -20.17
N LEU H 82 -14.04 33.68 -19.54
CA LEU H 82 -12.63 33.51 -19.84
C LEU H 82 -12.29 32.06 -20.19
N ASN H 83 -12.80 31.14 -19.37
CA ASN H 83 -12.56 29.71 -19.59
C ASN H 83 -13.66 29.07 -20.43
N TYR H 84 -14.39 29.89 -21.18
CA TYR H 84 -15.46 29.40 -22.03
C TYR H 84 -14.92 28.75 -23.29
N GLN H 85 -13.86 27.95 -23.13
CA GLN H 85 -13.24 27.27 -24.26
C GLN H 85 -12.16 26.30 -23.79
N ASN H 86 -11.53 26.62 -22.67
CA ASN H 86 -10.47 25.78 -22.12
C ASN H 86 -10.89 25.00 -20.85
N ASP H 87 -10.53 23.72 -20.81
CA ASP H 87 -10.89 22.82 -19.69
C ASP H 87 -9.80 22.45 -18.66
N HIS H 88 -9.72 23.21 -17.57
CA HIS H 88 -8.76 22.97 -16.46
C HIS H 88 -7.26 22.90 -16.77
N SER H 89 -6.86 23.19 -17.99
CA SER H 89 -5.45 23.12 -18.33
C SER H 89 -4.80 24.50 -18.35
N ASN H 90 -5.55 25.50 -18.83
CA ASN H 90 -5.08 26.88 -18.93
C ASN H 90 -6.24 27.86 -18.72
N PHE H 91 -6.91 27.70 -17.59
CA PHE H 91 -8.05 28.53 -17.20
C PHE H 91 -7.64 29.76 -16.38
N LEU H 92 -8.49 30.78 -16.32
CA LEU H 92 -8.19 32.00 -15.54
C LEU H 92 -8.97 32.01 -14.22
N THR H 93 -8.35 32.52 -13.15
CA THR H 93 -8.97 32.56 -11.83
C THR H 93 -8.79 33.87 -11.05
N THR H 94 -9.76 34.18 -10.20
CA THR H 94 -9.73 35.39 -9.38
C THR H 94 -9.13 35.09 -8.02
N VAL H 95 -7.92 35.61 -7.78
CA VAL H 95 -7.23 35.40 -6.52
C VAL H 95 -7.59 36.52 -5.55
N ILE H 96 -8.85 36.95 -5.59
CA ILE H 96 -9.33 38.00 -4.72
C ILE H 96 -9.96 37.36 -3.49
N GLN H 97 -11.19 36.87 -3.66
CA GLN H 97 -11.96 36.22 -2.59
C GLN H 97 -12.30 37.22 -1.47
N ASN H 98 -13.34 38.02 -1.72
CA ASN H 98 -13.85 39.04 -0.75
C ASN H 98 -15.01 38.43 0.03
N ASN H 99 -15.96 37.86 -0.75
CA ASN H 99 -17.13 37.08 -0.31
C ASN H 99 -18.51 37.75 -0.41
N ASP H 100 -18.57 38.99 -0.90
CA ASP H 100 -19.90 39.62 -1.03
C ASP H 100 -20.13 40.24 -2.43
N TYR H 101 -19.13 40.21 -3.28
CA TYR H 101 -19.25 40.84 -4.62
C TYR H 101 -19.65 39.87 -5.73
N SER H 102 -20.48 38.88 -5.42
CA SER H 102 -20.94 37.93 -6.43
C SER H 102 -19.79 37.08 -7.01
N PRO H 103 -20.09 36.19 -7.97
CA PRO H 103 -19.07 35.34 -8.60
C PRO H 103 -17.81 36.06 -9.14
N GLY H 104 -17.87 36.50 -10.40
CA GLY H 104 -16.72 37.18 -10.99
C GLY H 104 -16.70 38.68 -10.83
N GLU H 105 -15.56 39.22 -10.40
CA GLU H 105 -15.40 40.65 -10.20
C GLU H 105 -13.95 40.95 -9.79
N ALA H 106 -13.62 42.25 -9.74
CA ALA H 106 -12.29 42.73 -9.38
C ALA H 106 -11.27 42.31 -10.43
N SER H 107 -11.63 42.54 -11.69
CA SER H 107 -10.76 42.21 -12.82
C SER H 107 -9.75 43.33 -13.04
N THR H 108 -10.15 44.55 -12.69
CA THR H 108 -9.31 45.73 -12.83
C THR H 108 -8.41 45.92 -11.61
N GLN H 109 -8.91 45.54 -10.44
CA GLN H 109 -8.17 45.67 -9.19
C GLN H 109 -6.95 44.74 -9.11
N THR H 110 -5.83 45.29 -8.68
CA THR H 110 -4.60 44.51 -8.55
C THR H 110 -4.11 44.41 -7.12
N ILE H 111 -3.61 43.22 -6.77
CA ILE H 111 -3.08 42.98 -5.44
C ILE H 111 -1.67 43.57 -5.42
N ASN H 112 -1.57 44.78 -4.87
CA ASN H 112 -0.29 45.48 -4.80
C ASN H 112 0.76 44.82 -3.92
N LEU H 113 2.01 45.19 -4.19
CA LEU H 113 3.19 44.73 -3.48
C LEU H 113 4.10 45.97 -3.53
N ASP H 114 4.79 46.26 -2.44
CA ASP H 114 5.65 47.44 -2.38
C ASP H 114 6.78 47.54 -3.42
N ASP H 115 7.17 48.78 -3.70
CA ASP H 115 8.21 49.11 -4.67
C ASP H 115 9.62 49.03 -4.07
N ARG H 116 9.70 49.13 -2.75
CA ARG H 116 10.98 49.09 -2.04
C ARG H 116 11.60 47.70 -1.87
N SER H 117 10.77 46.67 -1.77
CA SER H 117 11.25 45.29 -1.61
C SER H 117 10.44 44.27 -2.42
N HIS H 118 11.14 43.30 -2.99
CA HIS H 118 10.47 42.25 -3.78
C HIS H 118 10.13 41.03 -2.93
N TRP H 119 8.96 40.45 -3.20
CA TRP H 119 8.51 39.27 -2.46
C TRP H 119 9.01 37.98 -3.12
N GLY H 120 8.39 36.86 -2.76
CA GLY H 120 8.77 35.57 -3.31
C GLY H 120 8.48 34.42 -2.37
N GLY H 121 7.24 33.93 -2.42
CA GLY H 121 6.82 32.83 -1.55
C GLY H 121 6.79 31.45 -2.15
N ASP H 122 6.34 30.48 -1.35
CA ASP H 122 6.25 29.08 -1.76
C ASP H 122 5.15 28.84 -2.80
N LEU H 123 4.95 27.58 -3.15
CA LEU H 123 3.93 27.19 -4.13
C LEU H 123 3.56 25.72 -3.98
N LYS H 124 2.82 25.40 -2.92
CA LYS H 124 2.41 24.03 -2.66
C LYS H 124 1.08 23.73 -3.36
N THR H 125 1.18 23.26 -4.60
CA THR H 125 0.00 22.94 -5.40
C THR H 125 -0.59 21.56 -5.08
N ILE H 126 -1.75 21.26 -5.65
CA ILE H 126 -2.44 19.99 -5.43
C ILE H 126 -3.04 19.48 -6.75
N LEU H 127 -2.21 18.78 -7.53
CA LEU H 127 -2.63 18.24 -8.81
C LEU H 127 -3.36 16.89 -8.66
N HIS H 128 -4.14 16.54 -9.68
CA HIS H 128 -4.88 15.28 -9.72
C HIS H 128 -5.48 15.07 -11.10
N THR H 129 -4.89 14.13 -11.84
CA THR H 129 -5.35 13.81 -13.18
C THR H 129 -6.17 12.51 -13.22
N ASN H 130 -6.60 12.12 -14.42
CA ASN H 130 -7.37 10.90 -14.62
C ASN H 130 -7.12 10.30 -16.01
N MET H 131 -5.90 10.52 -16.50
CA MET H 131 -5.46 10.04 -17.80
C MET H 131 -5.47 8.52 -17.94
N PRO H 132 -6.20 8.00 -18.93
CA PRO H 132 -6.32 6.56 -19.21
C PRO H 132 -4.97 5.93 -19.51
N ASN H 133 -4.94 4.61 -19.62
CA ASN H 133 -3.70 3.89 -19.91
C ASN H 133 -3.34 4.06 -21.38
N VAL H 134 -4.37 4.09 -22.23
CA VAL H 134 -4.19 4.24 -23.68
C VAL H 134 -5.10 5.33 -24.25
N ASN H 135 -4.52 6.27 -24.98
CA ASN H 135 -5.28 7.37 -25.61
C ASN H 135 -4.53 8.07 -26.74
N GLU H 136 -5.27 8.78 -27.60
CA GLU H 136 -4.71 9.50 -28.74
C GLU H 136 -3.71 10.59 -28.34
N PHE H 137 -3.86 11.12 -27.13
CA PHE H 137 -2.98 12.17 -26.62
C PHE H 137 -1.53 11.73 -26.44
N MET H 138 -1.31 10.74 -25.58
CA MET H 138 0.03 10.23 -25.29
C MET H 138 0.65 9.35 -26.38
N PHE H 139 -0.05 9.21 -27.51
CA PHE H 139 0.44 8.41 -28.62
C PHE H 139 0.66 6.94 -28.24
N THR H 140 -0.34 6.32 -27.63
CA THR H 140 -0.22 4.92 -27.21
C THR H 140 -1.29 4.05 -27.88
N ASN H 141 -2.19 4.66 -28.63
CA ASN H 141 -3.25 3.92 -29.30
C ASN H 141 -2.81 3.35 -30.64
N LYS H 142 -1.93 4.08 -31.34
CA LYS H 142 -1.44 3.67 -32.64
C LYS H 142 -0.07 3.01 -32.60
N PHE H 143 0.17 2.09 -33.52
CA PHE H 143 1.46 1.39 -33.64
C PHE H 143 1.52 0.68 -34.98
N LYS H 144 2.51 1.03 -35.79
CA LYS H 144 2.68 0.43 -37.12
C LYS H 144 3.29 -0.97 -37.04
N ALA H 145 3.10 -1.74 -38.10
CA ALA H 145 3.62 -3.10 -38.19
C ALA H 145 3.35 -3.71 -39.57
N ARG H 146 4.41 -3.90 -40.35
CA ARG H 146 4.30 -4.46 -41.68
C ARG H 146 3.86 -5.92 -41.64
N VAL H 147 2.65 -6.18 -42.11
CA VAL H 147 2.11 -7.54 -42.15
C VAL H 147 1.85 -7.94 -43.59
N MET H 148 1.68 -9.24 -43.83
CA MET H 148 1.42 -9.74 -45.18
C MET H 148 0.08 -9.21 -45.69
N VAL H 149 0.06 -8.83 -46.97
CA VAL H 149 -1.16 -8.31 -47.58
C VAL H 149 -1.89 -9.40 -48.37
N SER H 150 -1.18 -10.04 -49.29
CA SER H 150 -1.75 -11.09 -50.12
C SER H 150 -0.74 -12.19 -50.40
N ARG H 151 -1.18 -13.24 -51.08
CA ARG H 151 -0.31 -14.36 -51.42
C ARG H 151 -1.03 -15.37 -52.31
N LEU H 152 -1.05 -15.10 -53.61
CA LEU H 152 -1.70 -16.00 -54.56
C LEU H 152 -0.69 -16.64 -55.49
N PRO H 153 -1.17 -17.14 -56.63
CA PRO H 153 -0.31 -17.79 -57.61
C PRO H 153 -0.33 -17.08 -58.96
N THR H 154 0.80 -16.48 -59.34
CA THR H 154 0.90 -15.77 -60.60
C THR H 154 2.26 -15.97 -61.24
N LYS H 155 2.30 -15.94 -62.58
CA LYS H 155 3.54 -16.12 -63.32
C LYS H 155 3.70 -17.57 -63.78
N ASP H 156 2.79 -18.43 -63.34
CA ASP H 156 2.83 -19.84 -63.70
C ASP H 156 3.28 -20.70 -62.54
N ASN H 157 4.54 -20.57 -62.16
CA ASN H 157 5.10 -21.34 -61.06
C ASN H 157 5.61 -20.44 -59.93
N GLN H 158 5.66 -19.13 -60.19
CA GLN H 158 6.12 -18.17 -59.20
C GLN H 158 5.14 -17.97 -58.04
N VAL H 159 5.65 -17.39 -56.96
CA VAL H 159 4.86 -17.12 -55.77
C VAL H 159 5.24 -15.75 -55.19
N GLU H 160 4.57 -14.71 -55.68
CA GLU H 160 4.83 -13.34 -55.24
C GLU H 160 4.19 -13.08 -53.89
N LEU H 161 4.98 -12.52 -52.96
CA LEU H 161 4.51 -12.20 -51.61
C LEU H 161 4.64 -10.70 -51.37
N LYS H 162 3.51 -10.05 -51.11
CA LYS H 162 3.48 -8.62 -50.87
C LYS H 162 3.32 -8.25 -49.40
N TYR H 163 4.02 -7.21 -48.97
CA TYR H 163 3.97 -6.72 -47.59
C TYR H 163 3.88 -5.20 -47.61
N GLU H 164 3.04 -4.63 -46.75
CA GLU H 164 2.86 -3.19 -46.68
C GLU H 164 2.55 -2.70 -45.26
N TRP H 165 3.30 -1.69 -44.81
CA TRP H 165 3.13 -1.10 -43.48
C TRP H 165 1.71 -0.57 -43.27
N VAL H 166 1.11 -0.95 -42.14
CA VAL H 166 -0.25 -0.52 -41.83
C VAL H 166 -0.39 -0.01 -40.38
N GLU H 167 -0.83 1.23 -40.25
CA GLU H 167 -1.01 1.87 -38.95
C GLU H 167 -2.28 1.33 -38.28
N PHE H 168 -2.11 0.74 -37.10
CA PHE H 168 -3.23 0.17 -36.33
C PHE H 168 -3.76 1.16 -35.29
N THR H 169 -4.97 0.92 -34.81
CA THR H 169 -5.59 1.78 -33.79
C THR H 169 -6.28 1.00 -32.68
N LEU H 170 -6.00 1.40 -31.43
CA LEU H 170 -6.58 0.76 -30.24
C LEU H 170 -7.64 1.64 -29.58
N PRO H 171 -8.62 1.01 -28.91
CA PRO H 171 -9.69 1.73 -28.22
C PRO H 171 -9.24 2.44 -26.94
N GLU H 172 -9.99 3.49 -26.57
CA GLU H 172 -9.71 4.28 -25.38
C GLU H 172 -10.26 3.59 -24.14
N GLY H 173 -9.45 3.47 -23.09
CA GLY H 173 -9.94 2.84 -21.88
C GLY H 173 -9.13 1.70 -21.27
N ASN H 174 -9.39 0.49 -21.76
CA ASN H 174 -8.72 -0.73 -21.30
C ASN H 174 -7.32 -0.53 -20.76
N TYR H 175 -7.08 -1.11 -19.59
CA TYR H 175 -5.78 -1.01 -18.91
C TYR H 175 -5.16 -2.39 -18.81
N SER H 176 -4.17 -2.50 -17.93
CA SER H 176 -3.46 -3.75 -17.64
C SER H 176 -2.54 -4.14 -18.80
N GLU H 177 -1.28 -4.42 -18.49
CA GLU H 177 -0.30 -4.78 -19.53
C GLU H 177 -0.62 -6.00 -20.38
N THR H 178 -1.22 -7.02 -19.79
CA THR H 178 -1.58 -8.24 -20.52
C THR H 178 -2.71 -7.93 -21.50
N MET H 179 -3.72 -7.22 -21.01
CA MET H 179 -4.88 -6.85 -21.83
C MET H 179 -4.52 -5.98 -23.04
N THR H 180 -3.47 -5.18 -22.90
CA THR H 180 -3.02 -4.32 -23.99
C THR H 180 -2.36 -5.13 -25.09
N ILE H 181 -1.61 -6.16 -24.68
CA ILE H 181 -0.91 -7.04 -25.61
C ILE H 181 -1.93 -7.77 -26.49
N ASP H 182 -2.96 -8.32 -25.84
CA ASP H 182 -4.03 -9.05 -26.54
C ASP H 182 -4.76 -8.15 -27.53
N LEU H 183 -4.80 -6.85 -27.23
CA LEU H 183 -5.46 -5.87 -28.10
C LEU H 183 -4.56 -5.50 -29.28
N MET H 184 -3.25 -5.54 -29.06
CA MET H 184 -2.29 -5.23 -30.12
C MET H 184 -2.37 -6.30 -31.18
N ASN H 185 -2.65 -7.53 -30.76
CA ASN H 185 -2.78 -8.67 -31.65
C ASN H 185 -4.19 -8.75 -32.22
N ASN H 186 -5.14 -8.18 -31.48
CA ASN H 186 -6.54 -8.15 -31.91
C ASN H 186 -6.63 -7.22 -33.11
N ALA H 187 -5.77 -6.20 -33.14
CA ALA H 187 -5.71 -5.25 -34.23
C ALA H 187 -5.08 -5.90 -35.46
N ILE H 188 -4.19 -6.86 -35.23
CA ILE H 188 -3.52 -7.59 -36.31
C ILE H 188 -4.53 -8.50 -36.97
N VAL H 189 -5.48 -9.01 -36.18
CA VAL H 189 -6.53 -9.90 -36.66
C VAL H 189 -7.60 -9.14 -37.44
N GLU H 190 -8.04 -7.99 -36.92
CA GLU H 190 -9.05 -7.19 -37.59
C GLU H 190 -8.55 -6.70 -38.95
N HIS H 191 -7.23 -6.58 -39.09
CA HIS H 191 -6.64 -6.15 -40.34
C HIS H 191 -6.73 -7.28 -41.35
N TYR H 192 -6.54 -8.50 -40.86
CA TYR H 192 -6.60 -9.71 -41.67
C TYR H 192 -8.04 -10.01 -42.08
N LEU H 193 -8.99 -9.68 -41.21
CA LEU H 193 -10.41 -9.91 -41.47
C LEU H 193 -11.03 -8.81 -42.34
N LYS H 194 -10.19 -8.07 -43.04
CA LYS H 194 -10.65 -6.98 -43.91
C LYS H 194 -9.78 -6.85 -45.16
N VAL H 195 -8.59 -7.44 -45.12
CA VAL H 195 -7.66 -7.38 -46.24
C VAL H 195 -7.04 -8.76 -46.51
N GLY H 196 -6.65 -9.44 -45.45
CA GLY H 196 -6.02 -10.74 -45.55
C GLY H 196 -6.76 -11.89 -46.22
N ARG H 197 -7.70 -12.50 -45.50
CA ARG H 197 -8.45 -13.64 -46.01
C ARG H 197 -9.20 -13.45 -47.33
N GLN H 198 -9.42 -12.20 -47.74
CA GLN H 198 -10.13 -11.94 -48.98
C GLN H 198 -9.23 -11.89 -50.22
N ASN H 199 -7.95 -11.59 -50.02
CA ASN H 199 -6.99 -11.52 -51.12
C ASN H 199 -6.23 -12.82 -51.35
N GLY H 200 -5.56 -13.34 -50.33
CA GLY H 200 -4.81 -14.57 -50.51
C GLY H 200 -4.20 -15.24 -49.29
N VAL H 201 -3.50 -14.47 -48.46
CA VAL H 201 -2.83 -14.99 -47.26
C VAL H 201 -3.73 -15.84 -46.35
N LEU H 202 -3.18 -16.95 -45.88
CA LEU H 202 -3.89 -17.88 -45.01
C LEU H 202 -3.89 -17.45 -43.53
N GLU H 203 -4.48 -18.29 -42.68
CA GLU H 203 -4.54 -18.03 -41.25
C GLU H 203 -3.25 -18.51 -40.58
N SER H 204 -2.45 -19.23 -41.36
CA SER H 204 -1.19 -19.79 -40.89
C SER H 204 -0.04 -18.79 -40.91
N ASP H 205 0.24 -18.22 -42.08
CA ASP H 205 1.33 -17.26 -42.24
C ASP H 205 0.97 -15.81 -41.89
N ILE H 206 0.43 -15.60 -40.69
CA ILE H 206 0.06 -14.27 -40.23
C ILE H 206 1.27 -13.58 -39.60
N GLY H 207 1.76 -12.53 -40.26
CA GLY H 207 2.91 -11.80 -39.75
C GLY H 207 2.60 -10.97 -38.51
N VAL H 208 3.63 -10.81 -37.67
CA VAL H 208 3.55 -10.06 -36.42
C VAL H 208 2.64 -10.70 -35.38
N LYS H 209 3.20 -10.97 -34.20
CA LYS H 209 2.46 -11.59 -33.10
C LYS H 209 3.22 -11.36 -31.79
N PHE H 210 2.59 -10.66 -30.85
CA PHE H 210 3.18 -10.37 -29.55
C PHE H 210 2.97 -11.50 -28.54
N ASP H 211 4.06 -11.95 -27.92
CA ASP H 211 3.99 -13.04 -26.94
C ASP H 211 4.59 -12.65 -25.59
N THR H 212 4.77 -13.63 -24.71
CA THR H 212 5.33 -13.41 -23.38
C THR H 212 6.19 -14.55 -22.84
N ARG H 213 6.01 -15.75 -23.39
CA ARG H 213 6.76 -16.92 -22.94
C ARG H 213 8.09 -17.20 -23.64
N ASN H 214 8.91 -18.03 -22.99
CA ASN H 214 10.21 -18.42 -23.50
C ASN H 214 10.06 -19.69 -24.35
N PHE H 215 10.38 -19.58 -25.63
CA PHE H 215 10.28 -20.71 -26.55
C PHE H 215 11.58 -21.51 -26.67
N ARG H 216 12.21 -21.82 -25.53
CA ARG H 216 13.46 -22.58 -25.53
C ARG H 216 13.80 -23.28 -24.21
N LEU H 217 12.82 -23.41 -23.32
CA LEU H 217 13.05 -24.06 -22.02
C LEU H 217 13.02 -25.59 -22.08
N GLY H 218 12.27 -26.14 -23.03
CA GLY H 218 12.19 -27.59 -23.16
C GLY H 218 13.13 -28.12 -24.23
N PHE H 219 13.86 -27.20 -24.86
CA PHE H 219 14.82 -27.50 -25.92
C PHE H 219 16.01 -28.33 -25.45
N ASP H 220 16.26 -29.45 -26.13
CA ASP H 220 17.39 -30.31 -25.79
C ASP H 220 18.51 -30.03 -26.79
N PRO H 221 19.76 -29.92 -26.30
CA PRO H 221 20.93 -29.65 -27.15
C PRO H 221 21.35 -30.79 -28.07
N VAL H 222 20.65 -31.92 -27.99
CA VAL H 222 20.97 -33.09 -28.83
C VAL H 222 20.00 -33.23 -30.00
N THR H 223 18.74 -33.50 -29.69
CA THR H 223 17.71 -33.67 -30.71
C THR H 223 17.42 -32.35 -31.45
N GLY H 224 17.41 -31.25 -30.69
CA GLY H 224 17.15 -29.95 -31.30
C GLY H 224 15.69 -29.55 -31.32
N LEU H 225 14.83 -30.35 -30.71
CA LEU H 225 13.40 -30.06 -30.67
C LEU H 225 12.89 -29.97 -29.24
N VAL H 226 11.78 -29.24 -29.06
CA VAL H 226 11.18 -29.09 -27.73
C VAL H 226 10.59 -30.45 -27.34
N MET H 227 11.33 -31.17 -26.50
CA MET H 227 10.94 -32.50 -26.03
C MET H 227 9.54 -32.64 -25.41
N PRO H 228 9.09 -31.64 -24.62
CA PRO H 228 7.76 -31.74 -24.00
C PRO H 228 6.63 -31.87 -25.03
N GLY H 229 6.94 -31.59 -26.29
CA GLY H 229 5.95 -31.67 -27.36
C GLY H 229 5.01 -30.49 -27.34
N VAL H 230 5.15 -29.65 -26.31
CA VAL H 230 4.34 -28.45 -26.12
C VAL H 230 5.22 -27.41 -25.44
N TYR H 231 5.22 -26.18 -25.97
CA TYR H 231 6.01 -25.11 -25.39
C TYR H 231 5.58 -24.90 -23.94
N THR H 232 6.54 -24.70 -23.05
CA THR H 232 6.26 -24.51 -21.63
C THR H 232 5.28 -23.34 -21.42
N ASN H 233 4.18 -23.64 -20.75
CA ASN H 233 3.13 -22.66 -20.47
C ASN H 233 3.44 -21.86 -19.21
N GLU H 234 4.28 -20.83 -19.37
CA GLU H 234 4.68 -19.98 -18.25
C GLU H 234 5.36 -18.72 -18.78
N ALA H 235 4.67 -17.59 -18.70
CA ALA H 235 5.19 -16.31 -19.19
C ALA H 235 6.41 -15.80 -18.43
N PHE H 236 7.29 -15.11 -19.14
CA PHE H 236 8.52 -14.56 -18.58
C PHE H 236 8.63 -13.05 -18.83
N HIS H 237 8.52 -12.66 -20.09
CA HIS H 237 8.62 -11.26 -20.50
C HIS H 237 8.19 -11.03 -21.95
N PRO H 238 7.31 -10.05 -22.18
CA PRO H 238 6.77 -9.68 -23.50
C PRO H 238 7.83 -9.37 -24.57
N ASP H 239 7.49 -9.67 -25.83
CA ASP H 239 8.39 -9.44 -26.95
C ASP H 239 7.64 -9.25 -28.26
N ILE H 240 8.29 -9.57 -29.38
CA ILE H 240 7.70 -9.43 -30.71
C ILE H 240 8.14 -10.52 -31.68
N ILE H 241 7.26 -11.49 -31.95
CA ILE H 241 7.55 -12.56 -32.88
C ILE H 241 7.30 -12.04 -34.29
N LEU H 242 8.18 -12.38 -35.23
CA LEU H 242 8.04 -11.93 -36.61
C LEU H 242 8.27 -13.04 -37.64
N LEU H 243 7.61 -12.90 -38.78
CA LEU H 243 7.74 -13.85 -39.88
C LEU H 243 8.58 -13.22 -41.00
N PRO H 244 8.98 -14.02 -42.00
CA PRO H 244 9.79 -13.51 -43.12
C PRO H 244 9.25 -12.23 -43.79
N GLY H 245 10.09 -11.20 -43.79
CA GLY H 245 9.72 -9.93 -44.39
C GLY H 245 8.59 -9.17 -43.72
N CYS H 246 8.72 -8.93 -42.42
CA CYS H 246 7.71 -8.19 -41.67
C CYS H 246 8.25 -7.76 -40.30
N GLY H 247 7.93 -6.53 -39.91
CA GLY H 247 8.40 -6.01 -38.63
C GLY H 247 7.41 -5.11 -37.93
N VAL H 248 7.90 -4.32 -36.99
CA VAL H 248 7.06 -3.40 -36.23
C VAL H 248 7.72 -2.04 -36.03
N ASP H 249 6.98 -0.99 -36.37
CA ASP H 249 7.45 0.39 -36.24
C ASP H 249 7.03 0.95 -34.87
N PHE H 250 7.94 1.69 -34.24
CA PHE H 250 7.68 2.28 -32.93
C PHE H 250 8.27 3.69 -32.79
N THR H 251 8.43 4.39 -33.92
CA THR H 251 8.97 5.74 -33.91
C THR H 251 7.94 6.71 -33.33
N HIS H 252 6.67 6.41 -33.57
CA HIS H 252 5.58 7.25 -33.07
C HIS H 252 4.67 6.42 -32.16
N SER H 253 5.27 5.64 -31.29
CA SER H 253 4.53 4.79 -30.36
C SER H 253 5.30 4.59 -29.06
N ARG H 254 4.61 4.76 -27.94
CA ARG H 254 5.22 4.59 -26.62
C ARG H 254 4.93 3.18 -26.09
N LEU H 255 4.28 2.37 -26.93
CA LEU H 255 3.93 1.00 -26.58
C LEU H 255 5.15 0.08 -26.62
N SER H 256 6.29 0.63 -27.00
CA SER H 256 7.53 -0.13 -27.06
C SER H 256 8.10 -0.35 -25.66
N ASN H 257 8.05 0.70 -24.84
CA ASN H 257 8.54 0.63 -23.47
C ASN H 257 7.66 -0.27 -22.61
N LEU H 258 6.37 -0.33 -22.94
CA LEU H 258 5.43 -1.17 -22.23
C LEU H 258 5.83 -2.63 -22.33
N LEU H 259 6.25 -3.04 -23.53
CA LEU H 259 6.68 -4.41 -23.76
C LEU H 259 8.01 -4.69 -23.05
N GLY H 260 8.73 -3.62 -22.73
CA GLY H 260 10.02 -3.74 -22.08
C GLY H 260 11.14 -3.87 -23.07
N ILE H 261 11.06 -3.07 -24.14
CA ILE H 261 12.07 -3.08 -25.20
C ILE H 261 12.54 -1.67 -25.53
N ARG H 262 13.61 -1.23 -24.86
CA ARG H 262 14.17 0.11 -25.10
C ARG H 262 15.49 0.01 -25.85
N LYS H 263 15.88 1.09 -26.52
CA LYS H 263 17.14 1.12 -27.24
C LYS H 263 18.22 1.66 -26.30
N ARG H 264 19.45 1.15 -26.43
CA ARG H 264 20.55 1.60 -25.58
C ARG H 264 20.90 3.07 -25.85
N GLN H 265 20.46 3.56 -27.01
CA GLN H 265 20.69 4.96 -27.41
C GLN H 265 19.35 5.53 -27.89
N PRO H 266 18.45 5.87 -26.94
CA PRO H 266 17.12 6.43 -27.22
C PRO H 266 17.11 7.80 -27.89
N PHE H 267 18.27 8.46 -27.93
CA PHE H 267 18.35 9.78 -28.55
C PHE H 267 18.29 9.76 -30.09
N GLN H 268 18.36 8.58 -30.67
CA GLN H 268 18.30 8.44 -32.13
C GLN H 268 16.88 8.06 -32.56
N GLU H 269 16.25 8.95 -33.33
CA GLU H 269 14.90 8.70 -33.81
C GLU H 269 14.79 7.59 -34.85
N GLY H 270 13.86 6.67 -34.62
CA GLY H 270 13.65 5.55 -35.51
C GLY H 270 13.80 4.21 -34.82
N PHE H 271 12.71 3.71 -34.25
CA PHE H 271 12.73 2.43 -33.55
C PHE H 271 12.27 1.29 -34.47
N ARG H 272 12.87 1.20 -35.65
CA ARG H 272 12.53 0.14 -36.59
C ARG H 272 13.23 -1.17 -36.22
N ILE H 273 12.47 -2.25 -36.22
CA ILE H 273 13.01 -3.57 -35.90
C ILE H 273 12.35 -4.62 -36.80
N THR H 274 12.95 -4.82 -37.96
CA THR H 274 12.46 -5.79 -38.95
C THR H 274 12.88 -7.22 -38.59
N TYR H 275 12.51 -8.15 -39.46
CA TYR H 275 12.81 -9.57 -39.33
C TYR H 275 14.28 -9.86 -39.64
N ASP H 276 14.86 -9.07 -40.55
CA ASP H 276 16.25 -9.22 -40.96
C ASP H 276 17.24 -8.94 -39.82
N ASP H 277 16.81 -8.18 -38.82
CA ASP H 277 17.66 -7.83 -37.69
C ASP H 277 17.64 -8.85 -36.55
N LEU H 278 16.70 -9.79 -36.58
CA LEU H 278 16.60 -10.80 -35.54
C LEU H 278 17.33 -12.12 -35.86
N GLU H 279 18.50 -12.01 -36.46
CA GLU H 279 19.30 -13.18 -36.82
C GLU H 279 19.79 -13.92 -35.56
N GLY H 280 19.72 -15.25 -35.60
CA GLY H 280 20.16 -16.05 -34.47
C GLY H 280 19.17 -16.21 -33.32
N GLY H 281 17.90 -16.43 -33.66
CA GLY H 281 16.88 -16.59 -32.65
C GLY H 281 15.68 -17.39 -33.14
N ASN H 282 15.95 -18.41 -33.95
CA ASN H 282 14.90 -19.27 -34.51
C ASN H 282 14.19 -20.07 -33.42
N ILE H 283 12.86 -20.04 -33.44
CA ILE H 283 12.08 -20.78 -32.46
C ILE H 283 12.14 -22.27 -32.75
N PRO H 284 12.71 -23.06 -31.81
CA PRO H 284 12.83 -24.50 -31.96
C PRO H 284 11.47 -25.17 -32.09
N ALA H 285 11.30 -25.97 -33.15
CA ALA H 285 10.06 -26.66 -33.41
C ALA H 285 9.75 -27.72 -32.36
N LEU H 286 8.47 -28.09 -32.25
CA LEU H 286 8.04 -29.11 -31.30
C LEU H 286 8.40 -30.52 -31.73
N LEU H 287 8.26 -31.46 -30.80
CA LEU H 287 8.57 -32.87 -31.05
C LEU H 287 7.28 -33.66 -31.27
N ASP H 288 7.31 -34.57 -32.24
CA ASP H 288 6.16 -35.42 -32.55
C ASP H 288 5.98 -36.39 -31.38
N VAL H 289 5.10 -36.04 -30.45
CA VAL H 289 4.85 -36.86 -29.26
C VAL H 289 4.03 -38.13 -29.50
N ASP H 290 2.97 -38.02 -30.30
CA ASP H 290 2.12 -39.17 -30.60
C ASP H 290 2.83 -40.23 -31.45
N ALA H 291 4.03 -39.90 -31.92
CA ALA H 291 4.82 -40.82 -32.74
C ALA H 291 5.99 -41.40 -31.96
N TYR H 292 6.49 -40.64 -30.99
CA TYR H 292 7.62 -41.07 -30.16
C TYR H 292 7.26 -42.23 -29.23
N GLN H 293 6.16 -42.09 -28.50
CA GLN H 293 5.72 -43.14 -27.59
C GLN H 293 5.03 -44.30 -28.30
N ALA H 294 4.44 -44.02 -29.46
CA ALA H 294 3.76 -45.03 -30.25
C ALA H 294 4.71 -46.05 -30.84
N SER H 295 5.79 -45.57 -31.44
CA SER H 295 6.79 -46.44 -32.04
C SER H 295 7.42 -47.33 -30.97
N LEU H 296 7.82 -46.72 -29.86
CA LEU H 296 8.44 -47.41 -28.73
C LEU H 296 7.47 -48.44 -28.14
N LYS H 375 15.88 -47.89 -33.49
CA LYS H 375 15.54 -46.58 -34.04
C LYS H 375 14.42 -45.89 -33.25
N LYS H 376 14.37 -44.57 -33.37
CA LYS H 376 13.36 -43.75 -32.71
C LYS H 376 13.04 -42.56 -33.60
N PRO H 377 11.78 -42.08 -33.57
CA PRO H 377 11.34 -40.94 -34.38
C PRO H 377 12.17 -39.70 -34.13
N VAL H 378 12.20 -39.27 -32.85
CA VAL H 378 12.94 -38.09 -32.38
C VAL H 378 13.21 -36.95 -33.36
N ILE H 379 14.13 -37.17 -34.30
CA ILE H 379 14.51 -36.18 -35.30
C ILE H 379 13.32 -35.53 -36.02
N LYS H 380 12.29 -36.32 -36.32
CA LYS H 380 11.10 -35.82 -37.00
C LYS H 380 10.32 -34.79 -36.19
N PRO H 381 10.29 -33.52 -36.66
CA PRO H 381 9.58 -32.43 -35.98
C PRO H 381 8.09 -32.44 -36.31
N LEU H 382 7.31 -31.67 -35.54
CA LEU H 382 5.88 -31.58 -35.75
C LEU H 382 5.59 -30.56 -36.85
N THR H 383 5.03 -31.03 -37.96
CA THR H 383 4.70 -30.16 -39.08
C THR H 383 3.28 -29.60 -38.91
N GLU H 384 2.29 -30.49 -39.02
CA GLU H 384 0.88 -30.12 -38.89
C GLU H 384 0.35 -30.43 -37.49
N ASP H 385 -0.95 -30.20 -37.28
CA ASP H 385 -1.60 -30.45 -36.00
C ASP H 385 -3.12 -30.53 -36.22
N SER H 386 -3.89 -30.15 -35.21
CA SER H 386 -5.35 -30.18 -35.33
C SER H 386 -5.81 -29.06 -36.27
N LYS H 387 -6.73 -29.41 -37.17
CA LYS H 387 -7.27 -28.49 -38.18
C LYS H 387 -6.27 -28.29 -39.32
N LYS H 388 -5.03 -28.74 -39.10
CA LYS H 388 -3.92 -28.65 -40.05
C LYS H 388 -3.46 -27.23 -40.36
N ARG H 389 -2.36 -26.84 -39.73
CA ARG H 389 -1.75 -25.52 -39.90
C ARG H 389 -0.23 -25.67 -39.79
N SER H 390 0.46 -25.64 -40.93
CA SER H 390 1.91 -25.80 -40.93
C SER H 390 2.69 -24.71 -40.19
N TYR H 391 3.64 -25.13 -39.35
CA TYR H 391 4.47 -24.23 -38.56
C TYR H 391 5.48 -23.42 -39.39
N ASN H 392 5.48 -23.63 -40.70
CA ASN H 392 6.38 -22.93 -41.61
C ASN H 392 7.86 -23.25 -41.40
N LEU H 393 8.22 -24.52 -41.60
CA LEU H 393 9.61 -24.95 -41.45
C LEU H 393 10.46 -24.45 -42.62
N ILE H 394 11.68 -24.02 -42.32
CA ILE H 394 12.59 -23.51 -43.34
C ILE H 394 12.90 -24.54 -44.43
N SER H 395 12.93 -25.81 -44.04
CA SER H 395 13.19 -26.90 -44.97
C SER H 395 12.74 -28.26 -44.42
N ASN H 396 12.94 -29.32 -45.20
CA ASN H 396 12.54 -30.67 -44.80
C ASN H 396 13.58 -31.38 -43.93
N ASP H 397 14.77 -30.79 -43.80
CA ASP H 397 15.84 -31.39 -43.00
C ASP H 397 16.10 -30.72 -41.65
N SER H 398 16.19 -29.39 -41.63
CA SER H 398 16.45 -28.65 -40.40
C SER H 398 15.36 -28.73 -39.34
N THR H 399 15.70 -28.29 -38.13
CA THR H 399 14.80 -28.32 -36.99
C THR H 399 14.09 -27.00 -36.66
N PHE H 400 14.70 -25.89 -37.03
CA PHE H 400 14.13 -24.57 -36.76
C PHE H 400 13.02 -24.15 -37.72
N THR H 401 12.21 -23.18 -37.30
CA THR H 401 11.11 -22.67 -38.10
C THR H 401 11.44 -21.27 -38.63
N GLN H 402 10.48 -20.65 -39.32
CA GLN H 402 10.67 -19.31 -39.87
C GLN H 402 10.13 -18.23 -38.91
N TYR H 403 10.01 -18.59 -37.64
CA TYR H 403 9.50 -17.68 -36.60
C TYR H 403 10.62 -17.09 -35.75
N ARG H 404 11.09 -15.89 -36.11
CA ARG H 404 12.14 -15.24 -35.35
C ARG H 404 11.57 -14.61 -34.07
N SER H 405 12.19 -14.93 -32.95
CA SER H 405 11.77 -14.42 -31.64
C SER H 405 12.73 -13.34 -31.14
N TRP H 406 12.19 -12.38 -30.40
CA TRP H 406 13.00 -11.28 -29.86
C TRP H 406 13.67 -11.69 -28.54
N TYR H 407 12.94 -12.41 -27.69
CA TYR H 407 13.46 -12.84 -26.40
C TYR H 407 14.63 -13.82 -26.58
N LEU H 408 14.55 -14.64 -27.62
CA LEU H 408 15.59 -15.61 -27.93
C LEU H 408 16.80 -14.96 -28.59
N ALA H 409 16.59 -13.83 -29.25
CA ALA H 409 17.66 -13.12 -29.91
C ALA H 409 18.46 -12.25 -28.93
N TYR H 410 17.93 -12.07 -27.72
CA TYR H 410 18.59 -11.27 -26.70
C TYR H 410 19.70 -12.00 -25.96
N ASN H 411 19.35 -12.81 -24.96
CA ASN H 411 20.36 -13.54 -24.20
C ASN H 411 20.73 -14.94 -24.70
N TYR H 412 20.22 -15.29 -25.88
CA TYR H 412 20.53 -16.60 -26.47
C TYR H 412 21.33 -16.53 -27.77
N GLY H 413 21.31 -15.37 -28.42
CA GLY H 413 22.06 -15.19 -29.65
C GLY H 413 23.49 -14.79 -29.40
N ASP H 414 24.12 -14.13 -30.38
CA ASP H 414 25.50 -13.68 -30.23
C ASP H 414 25.49 -12.25 -29.73
N PRO H 415 25.95 -12.03 -28.49
CA PRO H 415 26.02 -10.72 -27.81
C PRO H 415 26.99 -9.69 -28.40
N GLN H 416 27.59 -9.99 -29.55
CA GLN H 416 28.53 -9.05 -30.16
C GLN H 416 28.04 -8.38 -31.44
N THR H 417 27.08 -9.00 -32.11
CA THR H 417 26.51 -8.44 -33.34
C THR H 417 25.02 -8.71 -33.50
N GLY H 418 24.40 -9.20 -32.43
CA GLY H 418 22.98 -9.49 -32.45
C GLY H 418 22.13 -8.30 -32.05
N ILE H 419 20.93 -8.58 -31.54
CA ILE H 419 20.00 -7.54 -31.10
C ILE H 419 20.43 -6.93 -29.77
N ARG H 420 21.13 -7.72 -28.96
CA ARG H 420 21.60 -7.31 -27.64
C ARG H 420 22.65 -6.19 -27.74
N SER H 421 22.87 -5.69 -28.95
CA SER H 421 23.85 -4.63 -29.18
C SER H 421 23.21 -3.25 -29.09
N TRP H 422 21.95 -3.12 -29.50
CA TRP H 422 21.26 -1.85 -29.46
C TRP H 422 19.95 -1.81 -28.67
N THR H 423 19.54 -2.95 -28.11
CA THR H 423 18.32 -3.00 -27.31
C THR H 423 18.62 -3.22 -25.83
N LEU H 424 17.58 -3.44 -25.03
CA LEU H 424 17.76 -3.66 -23.60
C LEU H 424 16.52 -4.27 -22.95
N LEU H 425 16.74 -5.31 -22.14
CA LEU H 425 15.65 -6.00 -21.45
C LEU H 425 15.29 -5.26 -20.16
N CYS H 426 14.34 -4.33 -20.26
CA CYS H 426 13.90 -3.55 -19.11
C CYS H 426 12.58 -4.04 -18.54
N THR H 427 12.19 -3.42 -17.42
CA THR H 427 10.93 -3.77 -16.75
C THR H 427 9.80 -3.18 -17.59
N PRO H 428 8.70 -3.94 -17.76
CA PRO H 428 7.55 -3.50 -18.55
C PRO H 428 7.10 -2.06 -18.33
N ASP H 429 6.65 -1.74 -17.11
CA ASP H 429 6.16 -0.41 -16.76
C ASP H 429 4.99 -0.04 -17.65
N VAL H 430 3.78 -0.04 -17.07
CA VAL H 430 2.57 0.27 -17.83
C VAL H 430 2.39 1.74 -18.21
N THR H 431 2.83 2.64 -17.33
CA THR H 431 2.70 4.07 -17.57
C THR H 431 3.39 4.58 -18.84
N CYS H 432 4.22 3.75 -19.44
CA CYS H 432 4.94 4.12 -20.65
C CYS H 432 6.24 4.84 -20.33
N GLY H 433 6.19 5.74 -19.37
CA GLY H 433 7.36 6.51 -18.96
C GLY H 433 7.06 7.50 -17.85
N SER H 434 8.10 8.13 -17.33
CA SER H 434 7.94 9.10 -16.26
C SER H 434 8.08 10.53 -16.79
N GLU H 435 7.28 10.87 -17.78
CA GLU H 435 7.32 12.21 -18.37
C GLU H 435 6.79 13.26 -17.40
N GLN H 436 7.61 14.27 -17.14
CA GLN H 436 7.26 15.35 -16.21
C GLN H 436 6.63 16.59 -16.83
N VAL H 437 5.52 17.02 -16.24
CA VAL H 437 4.79 18.20 -16.70
C VAL H 437 5.45 19.48 -16.21
N TYR H 438 4.96 20.61 -16.73
CA TYR H 438 5.48 21.91 -16.34
C TYR H 438 4.39 22.82 -15.78
N TRP H 439 4.79 23.66 -14.82
CA TRP H 439 3.86 24.60 -14.21
C TRP H 439 4.32 26.02 -14.52
N SER H 440 3.39 26.95 -14.48
CA SER H 440 3.69 28.35 -14.76
C SER H 440 2.58 29.26 -14.28
N LEU H 441 2.96 30.51 -13.99
CA LEU H 441 2.04 31.55 -13.56
C LEU H 441 2.68 32.84 -14.08
N PRO H 442 2.42 33.17 -15.35
CA PRO H 442 2.95 34.37 -16.02
C PRO H 442 2.63 35.72 -15.38
N ASP H 443 1.35 35.95 -15.08
CA ASP H 443 0.94 37.21 -14.49
C ASP H 443 1.22 37.36 -12.99
N MET H 444 2.13 36.57 -12.45
CA MET H 444 2.45 36.65 -11.02
C MET H 444 3.91 36.36 -10.68
N MET H 445 4.44 35.23 -11.16
CA MET H 445 5.81 34.86 -10.88
C MET H 445 6.79 35.46 -11.90
N GLN H 446 7.92 35.98 -11.42
CA GLN H 446 8.93 36.57 -12.30
C GLN H 446 9.53 35.54 -13.26
N ASP H 447 10.07 36.02 -14.38
CA ASP H 447 10.68 35.16 -15.40
C ASP H 447 11.88 34.43 -14.81
N PRO H 448 11.83 33.09 -14.76
CA PRO H 448 12.90 32.26 -14.22
C PRO H 448 14.20 32.23 -15.04
N VAL H 449 15.15 33.06 -14.61
CA VAL H 449 16.47 33.18 -15.22
C VAL H 449 16.55 33.51 -16.73
N THR H 450 16.47 32.51 -17.60
CA THR H 450 16.55 32.76 -19.04
C THR H 450 15.23 32.84 -19.82
N PHE H 451 14.11 32.57 -19.15
CA PHE H 451 12.79 32.62 -19.79
C PHE H 451 12.41 34.05 -20.19
N ARG H 452 11.62 34.18 -21.27
CA ARG H 452 11.18 35.49 -21.75
C ARG H 452 9.66 35.64 -21.80
N SER H 453 9.20 36.89 -21.76
CA SER H 453 7.77 37.19 -21.78
C SER H 453 7.13 37.05 -23.16
N THR H 454 5.95 36.44 -23.19
CA THR H 454 5.20 36.23 -24.42
C THR H 454 3.77 35.79 -24.08
N ARG H 455 2.93 35.65 -25.10
CA ARG H 455 1.55 35.22 -24.89
C ARG H 455 1.13 34.03 -25.77
N GLN H 456 1.62 32.85 -25.39
CA GLN H 456 1.30 31.61 -26.11
C GLN H 456 1.37 30.43 -25.16
N ILE H 457 0.41 29.53 -25.28
CA ILE H 457 0.35 28.33 -24.43
C ILE H 457 1.36 27.25 -24.78
N SER H 458 2.39 27.64 -25.54
CA SER H 458 3.42 26.70 -25.96
C SER H 458 4.84 27.20 -25.65
N ASN H 459 4.94 28.19 -24.76
CA ASN H 459 6.24 28.76 -24.39
C ASN H 459 6.15 29.63 -23.13
N PHE H 460 5.24 29.28 -22.22
CA PHE H 460 5.07 30.03 -20.99
C PHE H 460 6.24 29.78 -20.02
N PRO H 461 6.67 30.83 -19.29
CA PRO H 461 7.78 30.77 -18.33
C PRO H 461 7.53 29.77 -17.19
N VAL H 462 8.22 28.63 -17.24
CA VAL H 462 8.06 27.58 -16.24
C VAL H 462 8.60 27.96 -14.86
N VAL H 463 7.76 27.83 -13.85
CA VAL H 463 8.13 28.14 -12.48
C VAL H 463 8.63 26.91 -11.73
N GLY H 464 8.06 25.74 -12.03
CA GLY H 464 8.47 24.51 -11.38
C GLY H 464 7.88 23.26 -11.99
N ALA H 465 8.73 22.26 -12.24
CA ALA H 465 8.28 21.01 -12.84
C ALA H 465 7.97 19.89 -11.85
N GLU H 466 6.90 19.13 -12.14
CA GLU H 466 6.47 18.02 -11.31
C GLU H 466 6.23 16.78 -12.19
N LEU H 467 6.30 15.61 -11.59
CA LEU H 467 6.07 14.36 -12.32
C LEU H 467 4.58 14.05 -12.36
N LEU H 468 4.08 13.70 -13.55
CA LEU H 468 2.67 13.37 -13.75
C LEU H 468 2.17 12.37 -12.70
N PRO H 469 1.06 12.69 -12.01
CA PRO H 469 0.44 11.85 -10.96
C PRO H 469 -0.08 10.49 -11.40
N VAL H 470 0.72 9.74 -12.14
CA VAL H 470 0.34 8.41 -12.59
C VAL H 470 1.31 7.43 -11.93
N HIS H 471 0.78 6.43 -11.25
CA HIS H 471 1.63 5.44 -10.58
C HIS H 471 1.46 4.03 -11.08
N SER H 472 2.22 3.12 -10.49
CA SER H 472 2.22 1.69 -10.80
C SER H 472 1.80 0.88 -9.57
N LYS H 473 0.70 0.15 -9.69
CA LYS H 473 0.19 -0.65 -8.57
C LYS H 473 0.49 -2.14 -8.71
N SER H 474 1.53 -2.62 -8.03
CA SER H 474 1.93 -4.02 -8.07
C SER H 474 0.88 -4.94 -7.43
N PHE H 475 0.41 -5.94 -8.17
CA PHE H 475 -0.57 -6.90 -7.68
C PHE H 475 0.04 -8.29 -7.56
N TYR H 476 -0.81 -9.31 -7.58
CA TYR H 476 -0.36 -10.70 -7.48
C TYR H 476 -1.51 -11.65 -7.80
N ASN H 477 -1.50 -12.23 -9.00
CA ASN H 477 -2.55 -13.15 -9.40
C ASN H 477 -2.02 -14.57 -9.65
N ASP H 478 -2.07 -15.38 -8.59
CA ASP H 478 -1.62 -16.77 -8.65
C ASP H 478 -2.61 -17.57 -9.50
N GLN H 479 -3.74 -16.94 -9.82
CA GLN H 479 -4.77 -17.54 -10.64
C GLN H 479 -4.31 -17.60 -12.09
N ALA H 480 -3.39 -16.71 -12.45
CA ALA H 480 -2.84 -16.60 -13.81
C ALA H 480 -2.59 -17.94 -14.49
N VAL H 481 -2.80 -17.97 -15.80
CA VAL H 481 -2.63 -19.18 -16.62
C VAL H 481 -3.75 -20.18 -16.32
N TYR H 482 -4.14 -20.26 -15.06
CA TYR H 482 -5.20 -21.14 -14.61
C TYR H 482 -6.53 -20.42 -14.80
N SER H 483 -6.49 -19.09 -14.74
CA SER H 483 -7.66 -18.26 -14.91
C SER H 483 -7.90 -18.14 -16.42
N GLN H 484 -6.83 -18.30 -17.19
CA GLN H 484 -6.87 -18.26 -18.65
C GLN H 484 -7.76 -19.40 -19.14
N LEU H 485 -7.57 -20.57 -18.54
CA LEU H 485 -8.32 -21.77 -18.87
C LEU H 485 -9.77 -21.66 -18.42
N ILE H 486 -10.06 -20.64 -17.59
CA ILE H 486 -11.39 -20.41 -17.07
C ILE H 486 -12.06 -19.18 -17.70
N ARG H 487 -11.26 -18.19 -18.10
CA ARG H 487 -11.76 -16.97 -18.70
C ARG H 487 -12.39 -17.24 -20.07
N GLN H 488 -11.97 -18.34 -20.69
CA GLN H 488 -12.50 -18.75 -21.99
C GLN H 488 -13.94 -19.22 -21.83
N PHE H 489 -14.36 -19.38 -20.57
CA PHE H 489 -15.71 -19.83 -20.24
C PHE H 489 -16.52 -18.71 -19.61
N THR H 490 -15.83 -17.78 -18.95
CA THR H 490 -16.50 -16.63 -18.34
C THR H 490 -17.02 -15.76 -19.48
N SER H 491 -16.18 -15.56 -20.50
CA SER H 491 -16.58 -14.78 -21.67
C SER H 491 -17.32 -15.73 -22.61
N LEU H 492 -18.23 -15.20 -23.42
CA LEU H 492 -19.02 -16.02 -24.33
C LEU H 492 -18.39 -16.30 -25.70
N THR H 493 -17.37 -15.53 -26.06
CA THR H 493 -16.70 -15.71 -27.34
C THR H 493 -15.18 -15.56 -27.22
N HIS H 494 -14.44 -16.55 -27.75
CA HIS H 494 -12.98 -16.52 -27.72
C HIS H 494 -12.53 -15.54 -28.79
N VAL H 495 -12.43 -14.27 -28.43
CA VAL H 495 -12.01 -13.23 -29.36
C VAL H 495 -10.49 -13.26 -29.52
N PHE H 496 -9.79 -13.13 -28.40
CA PHE H 496 -8.33 -13.14 -28.39
C PHE H 496 -7.76 -14.50 -28.79
N ASN H 497 -8.31 -15.56 -28.19
CA ASN H 497 -7.89 -16.92 -28.46
C ASN H 497 -8.67 -17.54 -29.63
N ARG H 498 -8.48 -17.01 -30.82
CA ARG H 498 -9.16 -17.52 -32.01
C ARG H 498 -8.50 -18.79 -32.54
N PHE H 499 -7.23 -19.00 -32.16
CA PHE H 499 -6.48 -20.17 -32.58
C PHE H 499 -5.98 -20.93 -31.35
N PRO H 500 -6.87 -21.70 -30.69
CA PRO H 500 -6.50 -22.46 -29.49
C PRO H 500 -5.78 -23.77 -29.82
N GLU H 501 -5.51 -23.97 -31.11
CA GLU H 501 -4.82 -25.17 -31.58
C GLU H 501 -3.33 -24.91 -31.77
N ASN H 502 -3.01 -23.89 -32.55
CA ASN H 502 -1.63 -23.50 -32.85
C ASN H 502 -0.85 -23.10 -31.60
N GLN H 503 0.35 -23.65 -31.47
CA GLN H 503 1.23 -23.38 -30.32
C GLN H 503 2.06 -22.11 -30.45
N ILE H 504 1.74 -21.26 -31.44
CA ILE H 504 2.46 -20.01 -31.65
C ILE H 504 1.48 -18.85 -31.84
N LEU H 505 0.38 -19.11 -32.54
CA LEU H 505 -0.64 -18.10 -32.78
C LEU H 505 -1.74 -18.10 -31.72
N ALA H 506 -1.47 -18.74 -30.59
CA ALA H 506 -2.44 -18.82 -29.50
C ALA H 506 -2.49 -17.53 -28.67
N ARG H 507 -3.07 -17.64 -27.47
CA ARG H 507 -3.18 -16.51 -26.56
C ARG H 507 -1.98 -16.47 -25.63
N PRO H 508 -1.30 -15.32 -25.54
CA PRO H 508 -0.11 -15.14 -24.69
C PRO H 508 -0.40 -15.44 -23.21
N PRO H 509 0.38 -16.37 -22.62
CA PRO H 509 0.22 -16.77 -21.21
C PRO H 509 0.24 -15.59 -20.25
N ALA H 510 -0.80 -15.48 -19.44
CA ALA H 510 -0.91 -14.39 -18.47
C ALA H 510 0.25 -14.42 -17.46
N PRO H 511 1.13 -13.40 -17.51
CA PRO H 511 2.28 -13.32 -16.61
C PRO H 511 1.86 -13.01 -15.16
N THR H 512 2.68 -13.43 -14.20
CA THR H 512 2.38 -13.17 -12.80
C THR H 512 2.65 -11.72 -12.42
N ILE H 513 1.94 -11.24 -11.39
CA ILE H 513 2.04 -9.88 -10.90
C ILE H 513 1.61 -8.89 -11.98
N THR H 514 0.32 -8.55 -11.99
CA THR H 514 -0.22 -7.61 -12.97
C THR H 514 -0.11 -6.17 -12.48
N THR H 515 0.50 -5.32 -13.29
CA THR H 515 0.66 -3.92 -12.95
C THR H 515 -0.42 -3.11 -13.67
N VAL H 516 -1.12 -2.26 -12.91
CA VAL H 516 -2.19 -1.42 -13.47
C VAL H 516 -2.03 0.01 -12.95
N SER H 517 -2.25 0.98 -13.83
CA SER H 517 -2.13 2.40 -13.47
C SER H 517 -3.16 2.84 -12.44
N GLU H 518 -2.78 3.79 -11.61
CA GLU H 518 -3.66 4.33 -10.57
C GLU H 518 -3.38 5.82 -10.36
N ASN H 519 -4.34 6.65 -10.75
CA ASN H 519 -4.21 8.10 -10.61
C ASN H 519 -4.25 8.51 -9.14
N VAL H 520 -3.10 8.84 -8.58
CA VAL H 520 -3.01 9.25 -7.19
C VAL H 520 -2.78 10.74 -7.05
N PRO H 521 -3.71 11.46 -6.40
CA PRO H 521 -3.59 12.91 -6.20
C PRO H 521 -2.33 13.24 -5.40
N ALA H 522 -1.35 13.81 -6.10
CA ALA H 522 -0.08 14.18 -5.50
C ALA H 522 -0.15 15.43 -4.63
N LEU H 523 0.93 15.66 -3.88
CA LEU H 523 1.07 16.81 -2.98
C LEU H 523 2.55 17.19 -2.95
N THR H 524 3.01 17.80 -4.03
CA THR H 524 4.41 18.20 -4.17
C THR H 524 4.82 19.36 -3.25
N ASP H 525 6.12 19.69 -3.29
CA ASP H 525 6.68 20.77 -2.50
C ASP H 525 7.60 21.60 -3.40
N HIS H 526 7.04 22.63 -4.03
CA HIS H 526 7.80 23.51 -4.92
C HIS H 526 8.61 24.54 -4.12
N GLY H 527 9.79 24.88 -4.62
CA GLY H 527 10.65 25.85 -3.94
C GLY H 527 10.25 27.30 -4.13
N THR H 528 10.94 28.19 -3.41
CA THR H 528 10.68 29.64 -3.45
C THR H 528 10.79 30.26 -4.84
N LEU H 529 9.80 31.09 -5.18
CA LEU H 529 9.77 31.76 -6.48
C LEU H 529 9.38 33.23 -6.38
N PRO H 530 10.21 34.13 -6.92
CA PRO H 530 9.97 35.58 -6.92
C PRO H 530 8.62 35.97 -7.51
N LEU H 531 8.09 37.10 -7.06
CA LEU H 531 6.80 37.59 -7.53
C LEU H 531 6.94 38.92 -8.26
N ARG H 532 5.86 39.36 -8.90
CA ARG H 532 5.86 40.61 -9.64
C ARG H 532 5.77 41.82 -8.70
N ASN H 533 5.81 43.02 -9.30
CA ASN H 533 5.73 44.26 -8.54
C ASN H 533 4.26 44.60 -8.27
N SER H 534 3.36 43.91 -8.96
CA SER H 534 1.92 44.13 -8.81
C SER H 534 1.12 42.94 -9.35
N ILE H 535 0.73 42.06 -8.44
CA ILE H 535 -0.04 40.87 -8.79
C ILE H 535 -1.39 41.22 -9.44
N GLY H 536 -1.71 40.56 -10.54
CA GLY H 536 -2.96 40.80 -11.24
C GLY H 536 -4.18 40.30 -10.51
N GLY H 537 -5.36 40.73 -10.96
CA GLY H 537 -6.60 40.30 -10.34
C GLY H 537 -7.00 38.93 -10.84
N VAL H 538 -6.90 38.73 -12.15
CA VAL H 538 -7.24 37.46 -12.78
C VAL H 538 -6.00 36.72 -13.27
N GLN H 539 -5.55 35.77 -12.47
CA GLN H 539 -4.36 34.96 -12.77
C GLN H 539 -4.61 33.95 -13.90
N ARG H 540 -3.53 33.32 -14.35
CA ARG H 540 -3.59 32.34 -15.42
C ARG H 540 -2.83 31.08 -15.03
N VAL H 541 -3.54 30.08 -14.52
CA VAL H 541 -2.94 28.82 -14.12
C VAL H 541 -2.81 27.90 -15.32
N THR H 542 -1.58 27.62 -15.72
CA THR H 542 -1.32 26.75 -16.86
C THR H 542 -0.57 25.49 -16.41
N ILE H 543 -0.78 24.39 -17.11
CA ILE H 543 -0.13 23.13 -16.81
C ILE H 543 0.32 22.53 -18.13
N THR H 544 1.52 22.92 -18.56
CA THR H 544 2.09 22.45 -19.82
C THR H 544 2.59 20.99 -19.72
N ASP H 545 2.78 20.36 -20.87
CA ASP H 545 3.26 18.98 -20.93
C ASP H 545 4.70 18.97 -21.47
N ALA H 546 5.20 17.78 -21.81
CA ALA H 546 6.55 17.63 -22.33
C ALA H 546 6.73 18.21 -23.75
N ARG H 547 5.74 18.00 -24.61
CA ARG H 547 5.81 18.52 -25.97
C ARG H 547 5.28 19.94 -26.07
N ARG H 548 5.07 20.57 -24.91
CA ARG H 548 4.56 21.94 -24.81
C ARG H 548 3.13 22.07 -25.35
N ARG H 549 2.17 21.57 -24.58
CA ARG H 549 0.75 21.61 -24.96
C ARG H 549 -0.20 21.24 -23.82
N THR H 550 -1.49 21.49 -24.04
CA THR H 550 -2.52 21.22 -23.04
C THR H 550 -2.77 19.74 -22.73
N CYS H 551 -3.04 19.45 -21.47
CA CYS H 551 -3.30 18.08 -21.01
C CYS H 551 -4.76 17.94 -20.59
N PRO H 552 -5.66 17.64 -21.55
CA PRO H 552 -7.11 17.47 -21.37
C PRO H 552 -7.55 16.40 -20.36
N TYR H 553 -6.68 16.05 -19.42
CA TYR H 553 -7.02 15.03 -18.42
C TYR H 553 -6.78 15.52 -16.99
N VAL H 554 -6.93 16.82 -16.78
CA VAL H 554 -6.75 17.41 -15.45
C VAL H 554 -8.10 17.54 -14.76
N TYR H 555 -8.24 16.89 -13.61
CA TYR H 555 -9.47 16.92 -12.84
C TYR H 555 -9.42 17.94 -11.70
N LYS H 556 -8.23 18.12 -11.12
CA LYS H 556 -8.04 19.06 -10.01
C LYS H 556 -6.68 19.74 -10.15
N ALA H 557 -6.66 21.06 -10.01
CA ALA H 557 -5.41 21.82 -10.15
C ALA H 557 -5.41 23.16 -9.40
N LEU H 558 -5.12 23.12 -8.10
CA LEU H 558 -5.10 24.33 -7.29
C LEU H 558 -3.72 24.60 -6.66
N GLY H 559 -3.47 25.85 -6.30
CA GLY H 559 -2.19 26.19 -5.70
C GLY H 559 -2.24 27.20 -4.56
N ILE H 560 -1.37 27.00 -3.58
CA ILE H 560 -1.29 27.88 -2.42
C ILE H 560 0.06 28.60 -2.45
N VAL H 561 0.03 29.93 -2.33
CA VAL H 561 1.25 30.73 -2.35
C VAL H 561 1.38 31.58 -1.08
N SER H 562 2.52 31.45 -0.40
CA SER H 562 2.77 32.20 0.83
C SER H 562 3.98 33.12 0.67
N PRO H 563 3.79 34.31 0.08
CA PRO H 563 4.84 35.30 -0.15
C PRO H 563 5.56 35.83 1.08
N ARG H 564 6.84 36.15 0.91
CA ARG H 564 7.66 36.69 2.00
C ARG H 564 8.80 37.57 1.44
N VAL H 565 9.31 38.46 2.29
CA VAL H 565 10.39 39.36 1.90
C VAL H 565 11.73 38.64 1.76
N LEU H 566 12.44 38.94 0.67
CA LEU H 566 13.74 38.35 0.41
C LEU H 566 14.86 39.36 0.67
N SER H 567 14.95 40.39 -0.19
CA SER H 567 15.97 41.42 -0.03
C SER H 567 15.63 42.78 -0.62
N SER H 568 16.11 43.83 0.05
CA SER H 568 15.87 45.22 -0.36
C SER H 568 16.72 45.70 -1.54
N ARG H 569 16.37 46.86 -2.07
CA ARG H 569 17.07 47.45 -3.21
C ARG H 569 18.00 48.61 -2.80
#